data_8TO7
#
_entry.id   8TO7
#
_cell.length_a   1.00
_cell.length_b   1.00
_cell.length_c   1.00
_cell.angle_alpha   90.00
_cell.angle_beta   90.00
_cell.angle_gamma   90.00
#
_symmetry.space_group_name_H-M   'P 1'
#
loop_
_entity.id
_entity.type
_entity.pdbx_description
1 polymer 'Surface protein gp120'
2 polymer 'Transmembrane protein gp41'
3 polymer 'HERH-b*01 heavy chain'
4 polymer 'HERH-b*01 light chain'
5 branched beta-D-mannopyranose-(1-4)-2-acetamido-2-deoxy-beta-D-glucopyranose-(1-4)-2-acetamido-2-deoxy-beta-D-glucopyranose
6 branched 2-acetamido-2-deoxy-beta-D-glucopyranose-(1-4)-2-acetamido-2-deoxy-beta-D-glucopyranose
7 branched alpha-D-mannopyranose-(1-3)-[alpha-D-mannopyranose-(1-6)]beta-D-mannopyranose-(1-4)-2-acetamido-2-deoxy-beta-D-glucopyranose-(1-4)-2-acetamido-2-deoxy-beta-D-glucopyranose
8 non-polymer 2-acetamido-2-deoxy-beta-D-glucopyranose
#
loop_
_entity_poly.entity_id
_entity_poly.type
_entity_poly.pdbx_seq_one_letter_code
_entity_poly.pdbx_strand_id
1 'polypeptide(L)'
;AENLWVTVYYGVPVWKDAETTLFCASDAKAYETEKHNVWATHACVPTDPNPQEIHLENVTEEFNMWKNNMVEQMHTDIIS
LWDQSLKPCVKLTPLCVTLQCTNVTNNITDDMRGELKNCSFNMTTELRDKKQKVYSLFYRLDVVQINENQGNRSNNSNKE
YRLINCNTSACTQACPKVSFEPIPIHYCAPAGFAILKCKDKKFNGTGPCPSVSTVQCTHGIKPVVSTQLLLNGSLAEEEV
MIRSENITNNAKNILVQFNTPVQINCTRPNNNTRKSIRIGPGQAFYATGDIIGDIRQAHCNVSKATWNETLGKVVKQLRK
HFGNNTIIRFANSSGGDLEVTTHSFNCGGEFFYCNTSGLFNSTWISNTSVQGSNSTGSNDSITLPCRIKQIINMWQRIGQ
CMYAPPIQGVIRCVSNITGLILTRDGGSTNSTTETFRPGGGDMRDNWRSELYKYKVVKIEPLGVAPTRCKRRVVGRRRRR
R
;
E,D,F
2 'polypeptide(L)'
;AVGIGAVFLGFLGAAGSTMGAASMTLTVQARNLLSGIVQQQSNLLRAPEAQQHLLKLTVWGIKQLQARVLAVERYLRDQQ
LLGIWGCSGKLICCTNVPWNSSWSNRNLSEIWDNMTWLQWDKEISNYTQIIYGLLEESQNQQEKNEQDLLALD
;
B,A,C
3 'polypeptide(L)'
;QVQLQESGPGLVKPSETLSLTCGVSGDSITRNYYYWHWIRQSPGKGLEGLGYIAYTGGTDYSPSFKSRVTISRDTSKNQF
SLKLTSVTVADTAVYFCARERGDSYIYSYDGVDFWGQGLLVTVSSASTKGPSVFPLAPSSRSTSESTAALGCLVKDYFPE
PVTVSWNSGSLTSGVHTFPAVLQSSGLYSLSSVVTVPSSSLGTQTYVCNVNHKPSNTKVDKRVEIKTCGGLEVLFQGP
;
H,G,I
4 'polypeptide(L)'
;DAVLTQSPLSLPITPGEPASISCRSSQSLLHTNGETYLNWYQQKTGQRPRLLISQVSKREIGVPDRFSASGAGSDFTLKI
SRVEAEDVGLYFCGQGLHWPRTFGQGTRVDIKRTVAAPSVFIFPPSEDQVKSGTVSVVCLLNNFYPREASVKWKVDGALK
TGNSQESVTEQDSKDNTYSLSSTLTLSSTEYQSHKVYACEVTHQGLSSPVTKSFNRGEC
;
L,J,K
#
# COMPACT_ATOMS: atom_id res chain seq x y z
N GLU A 2 24.08 -10.93 44.14
CA GLU A 2 22.91 -10.48 43.40
C GLU A 2 23.27 -10.16 41.95
N ASN A 3 22.38 -10.54 41.04
CA ASN A 3 22.57 -10.31 39.61
C ASN A 3 21.22 -10.05 38.97
N LEU A 4 21.18 -9.08 38.07
CA LEU A 4 19.97 -8.69 37.35
C LEU A 4 20.23 -8.85 35.86
N TRP A 5 19.28 -9.45 35.14
CA TRP A 5 19.41 -9.67 33.71
C TRP A 5 18.29 -8.91 33.01
N VAL A 6 18.60 -8.30 31.88
CA VAL A 6 17.60 -7.52 31.14
C VAL A 6 16.73 -8.46 30.30
N THR A 7 15.47 -8.08 30.12
CA THR A 7 14.49 -8.81 29.33
C THR A 7 13.64 -7.81 28.55
N VAL A 8 13.09 -8.27 27.43
CA VAL A 8 12.28 -7.42 26.55
C VAL A 8 10.83 -7.91 26.59
N TYR A 9 9.91 -6.95 26.76
CA TYR A 9 8.48 -7.21 26.82
C TYR A 9 7.77 -6.55 25.65
N TYR A 10 6.86 -7.28 25.03
CA TYR A 10 6.09 -6.80 23.89
C TYR A 10 4.64 -6.58 24.32
N GLY A 11 4.11 -5.41 24.02
CA GLY A 11 2.74 -5.08 24.39
C GLY A 11 2.57 -4.21 25.62
N VAL A 12 3.52 -3.33 25.90
CA VAL A 12 3.42 -2.46 27.08
C VAL A 12 2.49 -1.30 26.75
N PRO A 13 1.89 -0.61 27.74
CA PRO A 13 0.99 0.52 27.42
C PRO A 13 1.69 1.84 27.17
N VAL A 14 3.00 1.82 26.95
CA VAL A 14 3.78 3.03 26.71
C VAL A 14 3.33 3.69 25.40
N TRP A 15 3.30 5.03 25.38
CA TRP A 15 2.89 5.77 24.19
C TRP A 15 3.68 7.07 24.12
N LYS A 16 3.55 7.75 22.98
CA LYS A 16 4.23 9.03 22.73
C LYS A 16 3.42 9.81 21.71
N ASP A 17 3.65 11.13 21.68
CA ASP A 17 2.98 12.01 20.74
C ASP A 17 3.45 11.76 19.31
N ALA A 18 2.53 11.97 18.36
CA ALA A 18 2.83 11.78 16.94
C ALA A 18 1.79 12.50 16.11
N GLU A 19 2.06 12.59 14.81
CA GLU A 19 1.18 13.23 13.85
C GLU A 19 0.66 12.16 12.90
N THR A 20 -0.65 12.11 12.68
CA THR A 20 -1.22 11.11 11.80
C THR A 20 -2.46 11.70 11.14
N THR A 21 -2.78 11.23 9.94
CA THR A 21 -3.94 11.69 9.17
C THR A 21 -5.12 10.78 9.48
N LEU A 22 -6.05 11.26 10.31
CA LEU A 22 -7.23 10.50 10.68
C LEU A 22 -8.27 10.50 9.56
N PHE A 23 -9.01 9.40 9.46
CA PHE A 23 -10.04 9.23 8.45
C PHE A 23 -11.43 9.48 9.04
N CYS A 24 -12.28 10.14 8.26
CA CYS A 24 -13.63 10.47 8.69
C CYS A 24 -14.54 9.25 8.70
N ALA A 25 -15.55 9.31 9.57
CA ALA A 25 -16.56 8.27 9.72
C ALA A 25 -17.89 8.95 9.99
N SER A 26 -18.98 8.32 9.56
CA SER A 26 -20.31 8.89 9.77
C SER A 26 -21.33 7.76 9.78
N ASP A 27 -22.61 8.14 9.95
CA ASP A 27 -23.71 7.17 10.00
C ASP A 27 -23.94 6.48 8.66
N ALA A 28 -23.44 7.05 7.56
CA ALA A 28 -23.58 6.52 6.19
C ALA A 28 -25.05 6.38 5.80
N LYS A 29 -25.76 7.51 5.86
CA LYS A 29 -27.17 7.56 5.51
C LYS A 29 -27.42 7.24 4.05
N HIS A 36 -28.51 14.95 -2.06
CA HIS A 36 -27.11 15.14 -1.73
C HIS A 36 -26.88 16.43 -0.95
N ASN A 37 -25.70 16.54 -0.37
CA ASN A 37 -25.30 17.70 0.42
C ASN A 37 -23.91 18.15 -0.02
N VAL A 38 -23.54 19.38 0.38
CA VAL A 38 -22.24 19.96 0.02
C VAL A 38 -21.09 19.07 0.52
N TRP A 39 -21.24 18.49 1.71
CA TRP A 39 -20.22 17.60 2.24
C TRP A 39 -20.42 16.24 1.57
N ALA A 40 -19.38 15.76 0.88
CA ALA A 40 -19.41 14.50 0.14
C ALA A 40 -19.97 13.34 0.97
N THR A 41 -19.28 13.00 2.07
CA THR A 41 -19.57 11.95 3.06
C THR A 41 -19.41 10.54 2.44
N HIS A 42 -19.08 10.44 1.16
CA HIS A 42 -18.92 9.13 0.53
C HIS A 42 -17.57 8.51 0.86
N ALA A 43 -16.57 9.31 1.23
CA ALA A 43 -15.27 8.77 1.58
C ALA A 43 -15.19 8.32 3.03
N CYS A 44 -16.20 8.65 3.83
CA CYS A 44 -16.25 8.27 5.24
C CYS A 44 -16.86 6.89 5.38
N VAL A 45 -16.13 5.97 6.01
CA VAL A 45 -16.59 4.60 6.24
C VAL A 45 -17.70 4.68 7.29
N PRO A 46 -18.63 3.71 7.36
CA PRO A 46 -19.69 3.78 8.38
C PRO A 46 -19.14 3.75 9.80
N THR A 47 -19.76 4.55 10.68
CA THR A 47 -19.34 4.63 12.06
C THR A 47 -19.65 3.33 12.81
N ASP A 48 -18.95 3.14 13.92
CA ASP A 48 -19.14 1.96 14.75
C ASP A 48 -20.56 1.97 15.32
N PRO A 49 -21.25 0.83 15.32
CA PRO A 49 -22.62 0.80 15.88
C PRO A 49 -22.71 1.15 17.36
N ASN A 50 -21.64 0.94 18.12
CA ASN A 50 -21.61 1.25 19.54
C ASN A 50 -20.17 1.56 19.93
N PRO A 51 -19.76 2.82 19.82
CA PRO A 51 -18.38 3.19 20.18
C PRO A 51 -18.06 2.90 21.64
N GLN A 52 -16.84 2.46 21.89
CA GLN A 52 -16.39 2.11 23.23
C GLN A 52 -15.50 3.21 23.80
N GLU A 53 -15.76 3.58 25.05
CA GLU A 53 -14.99 4.59 25.75
C GLU A 53 -14.35 3.93 26.97
N ILE A 54 -13.02 3.92 27.00
CA ILE A 54 -12.27 3.30 28.08
C ILE A 54 -11.66 4.41 28.93
N HIS A 55 -12.08 4.50 30.19
CA HIS A 55 -11.57 5.50 31.11
C HIS A 55 -10.37 4.94 31.85
N LEU A 56 -9.29 5.70 31.86
CA LEU A 56 -8.04 5.29 32.51
C LEU A 56 -7.89 5.98 33.86
N GLU A 57 -7.44 5.21 34.85
CA GLU A 57 -7.23 5.73 36.19
C GLU A 57 -5.75 5.91 36.47
N ASN A 58 -5.43 6.93 37.28
CA ASN A 58 -4.08 7.26 37.75
C ASN A 58 -3.14 7.74 36.65
N VAL A 59 -3.65 8.12 35.49
CA VAL A 59 -2.80 8.63 34.42
C VAL A 59 -3.18 10.10 34.14
N THR A 60 -2.16 10.87 33.78
CA THR A 60 -2.31 12.28 33.45
C THR A 60 -1.47 12.57 32.21
N GLU A 61 -2.02 13.40 31.33
CA GLU A 61 -1.35 13.76 30.09
C GLU A 61 -1.35 15.26 29.91
N GLU A 62 -0.28 15.77 29.32
CA GLU A 62 -0.11 17.21 29.10
C GLU A 62 -0.82 17.62 27.81
N PHE A 63 -2.08 18.04 27.95
CA PHE A 63 -2.83 18.51 26.80
C PHE A 63 -2.42 19.94 26.52
N ASN A 64 -2.30 20.29 25.24
CA ASN A 64 -1.88 21.64 24.90
C ASN A 64 -2.45 21.89 23.50
N MET A 65 -3.54 22.67 23.43
CA MET A 65 -4.16 23.02 22.16
C MET A 65 -3.36 24.14 21.49
N TRP A 66 -3.85 24.61 20.34
CA TRP A 66 -3.26 25.64 19.46
C TRP A 66 -2.07 25.09 18.67
N LYS A 67 -1.69 23.82 18.89
CA LYS A 67 -0.57 23.19 18.21
C LYS A 67 -0.91 21.79 17.70
N ASN A 68 -2.06 21.24 18.07
CA ASN A 68 -2.45 19.91 17.63
C ASN A 68 -2.78 19.93 16.13
N ASN A 69 -2.39 18.86 15.44
CA ASN A 69 -2.59 18.72 14.00
C ASN A 69 -4.03 18.36 13.63
N MET A 70 -4.87 18.08 14.64
CA MET A 70 -6.27 17.72 14.38
C MET A 70 -7.01 18.86 13.67
N VAL A 71 -6.81 20.10 14.14
CA VAL A 71 -7.47 21.25 13.53
C VAL A 71 -7.00 21.46 12.09
N GLU A 72 -5.69 21.32 11.84
CA GLU A 72 -5.15 21.49 10.49
C GLU A 72 -5.68 20.42 9.55
N GLN A 73 -5.73 19.17 10.03
CA GLN A 73 -6.25 18.07 9.21
C GLN A 73 -7.72 18.29 8.90
N MET A 74 -8.49 18.75 9.90
CA MET A 74 -9.92 19.01 9.68
C MET A 74 -10.11 20.14 8.67
N HIS A 75 -9.27 21.18 8.77
CA HIS A 75 -9.33 22.31 7.83
C HIS A 75 -9.07 21.83 6.41
N THR A 76 -8.03 21.01 6.24
CA THR A 76 -7.68 20.46 4.93
C THR A 76 -8.82 19.59 4.39
N ASP A 77 -9.43 18.80 5.27
CA ASP A 77 -10.55 17.94 4.87
C ASP A 77 -11.74 18.79 4.39
N ILE A 78 -12.06 19.87 5.12
CA ILE A 78 -13.17 20.73 4.73
C ILE A 78 -12.88 21.37 3.38
N ILE A 79 -11.62 21.78 3.15
CA ILE A 79 -11.23 22.35 1.87
C ILE A 79 -11.38 21.32 0.75
N SER A 80 -10.98 20.07 1.01
CA SER A 80 -11.08 19.02 0.00
C SER A 80 -12.53 18.74 -0.38
N LEU A 81 -13.43 18.59 0.61
CA LEU A 81 -14.84 18.34 0.30
C LEU A 81 -15.47 19.54 -0.40
N TRP A 82 -15.12 20.75 0.04
CA TRP A 82 -15.68 21.95 -0.58
C TRP A 82 -15.26 22.07 -2.03
N ASP A 83 -14.00 21.73 -2.34
CA ASP A 83 -13.56 21.83 -3.72
C ASP A 83 -14.17 20.71 -4.55
N GLN A 84 -14.30 19.51 -3.98
CA GLN A 84 -14.87 18.38 -4.70
C GLN A 84 -16.36 18.57 -4.98
N SER A 85 -17.03 19.44 -4.23
CA SER A 85 -18.46 19.67 -4.44
C SER A 85 -18.76 20.75 -5.47
N LEU A 86 -17.73 21.43 -6.00
CA LEU A 86 -17.93 22.48 -6.99
C LEU A 86 -17.48 22.11 -8.39
N LYS A 87 -16.64 21.08 -8.52
CA LYS A 87 -16.15 20.65 -9.84
C LYS A 87 -17.24 20.22 -10.83
N PRO A 88 -18.22 19.35 -10.50
CA PRO A 88 -19.22 18.99 -11.52
C PRO A 88 -20.18 20.11 -11.90
N CYS A 89 -20.25 21.18 -11.11
CA CYS A 89 -21.14 22.28 -11.42
C CYS A 89 -20.65 23.08 -12.63
N VAL A 90 -21.57 23.87 -13.20
CA VAL A 90 -21.30 24.67 -14.38
C VAL A 90 -20.47 25.90 -14.03
N LYS A 91 -19.63 26.33 -14.97
CA LYS A 91 -18.79 27.51 -14.82
C LYS A 91 -19.52 28.72 -15.36
N LEU A 92 -19.58 29.80 -14.58
CA LEU A 92 -20.26 31.01 -15.03
C LEU A 92 -19.35 31.94 -15.81
N THR A 93 -18.67 31.41 -16.83
CA THR A 93 -17.80 32.28 -17.62
C THR A 93 -18.48 33.26 -18.59
N PRO A 94 -19.62 33.00 -19.24
CA PRO A 94 -20.15 34.04 -20.14
C PRO A 94 -21.03 35.07 -19.46
N LEU A 95 -21.10 35.09 -18.13
CA LEU A 95 -21.93 36.05 -17.42
C LEU A 95 -21.29 37.43 -17.33
N CYS A 96 -19.97 37.54 -17.53
CA CYS A 96 -19.34 38.85 -17.46
C CYS A 96 -19.68 39.66 -18.70
N VAL A 97 -20.75 40.44 -18.62
CA VAL A 97 -21.25 41.28 -19.70
C VAL A 97 -21.59 42.64 -19.11
N THR A 98 -21.88 43.60 -20.00
CA THR A 98 -22.24 44.95 -19.58
C THR A 98 -23.69 44.93 -19.09
N LEU A 99 -23.87 45.05 -17.78
CA LEU A 99 -25.21 45.04 -17.18
C LEU A 99 -25.78 46.43 -17.06
N GLN A 100 -27.02 46.59 -17.53
CA GLN A 100 -27.76 47.84 -17.43
C GLN A 100 -28.76 47.64 -16.29
N CYS A 101 -28.65 48.46 -15.25
CA CYS A 101 -29.50 48.27 -14.09
C CYS A 101 -30.30 49.53 -13.76
N THR A 102 -31.37 49.31 -12.99
CA THR A 102 -32.27 50.35 -12.53
C THR A 102 -32.76 49.96 -11.14
N ASN A 103 -32.91 50.94 -10.25
CA ASN A 103 -33.36 50.68 -8.88
C ASN A 103 -34.79 50.18 -8.86
N VAL A 104 -35.10 49.35 -7.87
CA VAL A 104 -36.44 48.80 -7.69
C VAL A 104 -37.23 49.78 -6.82
N THR A 105 -38.34 50.29 -7.36
CA THR A 105 -39.18 51.25 -6.65
C THR A 105 -40.56 50.71 -6.30
N ASN A 106 -40.78 49.40 -6.43
CA ASN A 106 -42.08 48.81 -6.12
C ASN A 106 -42.15 48.48 -4.63
N ASN A 107 -42.85 49.33 -3.87
CA ASN A 107 -43.05 49.20 -2.42
C ASN A 107 -41.73 49.15 -1.64
N ILE A 108 -40.70 49.80 -2.17
CA ILE A 108 -39.39 49.80 -1.51
C ILE A 108 -39.43 50.65 -0.25
N THR A 109 -38.90 50.11 0.84
CA THR A 109 -38.85 50.81 2.11
C THR A 109 -37.62 51.71 2.19
N ASP A 110 -37.58 52.55 3.22
CA ASP A 110 -36.48 53.48 3.42
C ASP A 110 -35.16 52.75 3.67
N ASP A 111 -35.16 51.72 4.52
CA ASP A 111 -33.93 50.99 4.80
C ASP A 111 -33.48 50.12 3.63
N MET A 112 -34.41 49.55 2.88
CA MET A 112 -34.08 48.69 1.75
C MET A 112 -33.85 49.47 0.47
N ARG A 113 -34.05 50.79 0.50
CA ARG A 113 -33.87 51.66 -0.67
C ARG A 113 -32.48 51.54 -1.28
N GLY A 114 -32.43 51.24 -2.58
CA GLY A 114 -31.20 51.11 -3.30
C GLY A 114 -30.43 49.82 -3.08
N GLU A 115 -30.99 48.87 -2.33
CA GLU A 115 -30.30 47.62 -2.09
C GLU A 115 -30.40 46.68 -3.28
N LEU A 116 -31.59 46.53 -3.85
CA LEU A 116 -31.80 45.67 -5.01
C LEU A 116 -31.82 46.49 -6.28
N LYS A 117 -31.17 45.97 -7.32
CA LYS A 117 -31.08 46.64 -8.60
C LYS A 117 -31.61 45.71 -9.70
N ASN A 118 -32.62 46.19 -10.42
CA ASN A 118 -33.21 45.40 -11.51
C ASN A 118 -32.29 45.54 -12.72
N CYS A 119 -31.59 44.47 -13.06
CA CYS A 119 -30.62 44.49 -14.15
C CYS A 119 -31.08 43.67 -15.35
N SER A 120 -30.71 44.15 -16.54
CA SER A 120 -31.01 43.50 -17.81
C SER A 120 -29.72 43.43 -18.62
N PHE A 121 -29.53 42.34 -19.35
CA PHE A 121 -28.31 42.17 -20.14
C PHE A 121 -28.52 41.13 -21.22
N ASN A 122 -27.61 41.12 -22.19
CA ASN A 122 -27.62 40.14 -23.26
C ASN A 122 -26.90 38.90 -22.77
N MET A 123 -27.49 37.73 -22.99
CA MET A 123 -26.87 36.48 -22.55
C MET A 123 -26.99 35.48 -23.68
N THR A 124 -26.00 34.59 -23.81
CA THR A 124 -26.03 33.60 -24.86
C THR A 124 -27.09 32.53 -24.59
N THR A 125 -27.19 31.56 -25.51
CA THR A 125 -28.17 30.48 -25.39
C THR A 125 -27.52 29.17 -25.81
N GLU A 126 -28.35 28.14 -26.00
CA GLU A 126 -27.89 26.81 -26.39
C GLU A 126 -27.28 26.78 -27.78
N LEU A 127 -27.51 27.79 -28.60
CA LEU A 127 -26.96 27.84 -29.96
C LEU A 127 -25.98 29.01 -30.00
N ARG A 128 -24.76 28.73 -30.49
CA ARG A 128 -23.72 29.75 -30.58
C ARG A 128 -24.00 30.80 -31.65
N ASP A 129 -24.98 30.58 -32.52
CA ASP A 129 -25.31 31.52 -33.58
C ASP A 129 -26.37 32.54 -33.17
N LYS A 130 -26.90 32.46 -31.94
CA LYS A 130 -27.93 33.40 -31.50
C LYS A 130 -27.74 33.74 -30.03
N LYS A 131 -28.33 34.87 -29.64
CA LYS A 131 -28.29 35.39 -28.28
C LYS A 131 -29.72 35.73 -27.85
N GLN A 132 -29.89 35.92 -26.54
CA GLN A 132 -31.20 36.23 -25.97
C GLN A 132 -31.07 37.35 -24.94
N LYS A 133 -32.13 38.15 -24.85
CA LYS A 133 -32.20 39.27 -23.91
C LYS A 133 -33.02 38.83 -22.70
N VAL A 134 -32.40 38.89 -21.52
CA VAL A 134 -33.04 38.48 -20.26
C VAL A 134 -32.74 39.53 -19.20
N TYR A 135 -33.41 39.39 -18.06
CA TYR A 135 -33.25 40.32 -16.95
C TYR A 135 -33.25 39.52 -15.65
N SER A 136 -32.57 40.06 -14.63
CA SER A 136 -32.48 39.41 -13.33
C SER A 136 -32.20 40.45 -12.27
N LEU A 137 -32.46 40.08 -11.02
CA LEU A 137 -32.24 40.97 -9.89
C LEU A 137 -30.90 40.66 -9.24
N PHE A 138 -30.18 41.72 -8.85
CA PHE A 138 -28.88 41.58 -8.21
C PHE A 138 -28.78 42.55 -7.05
N TYR A 139 -28.05 42.14 -6.01
CA TYR A 139 -27.87 42.99 -4.85
C TYR A 139 -26.80 44.05 -5.14
N ARG A 140 -26.89 45.17 -4.43
CA ARG A 140 -25.95 46.28 -4.61
C ARG A 140 -24.51 45.89 -4.24
N LEU A 141 -24.33 44.86 -3.42
CA LEU A 141 -23.00 44.44 -3.01
C LEU A 141 -22.30 43.58 -4.06
N ASP A 142 -23.00 43.17 -5.12
CA ASP A 142 -22.41 42.33 -6.16
C ASP A 142 -22.30 43.05 -7.50
N VAL A 143 -22.42 44.38 -7.51
CA VAL A 143 -22.33 45.16 -8.73
C VAL A 143 -21.57 46.44 -8.47
N VAL A 144 -20.84 46.91 -9.48
CA VAL A 144 -20.05 48.13 -9.43
C VAL A 144 -20.38 48.94 -10.68
N GLN A 145 -20.20 50.25 -10.59
CA GLN A 145 -20.49 51.12 -11.71
C GLN A 145 -19.26 51.23 -12.62
N ILE A 146 -19.52 51.35 -13.93
CA ILE A 146 -18.48 51.49 -14.93
C ILE A 146 -18.52 52.92 -15.46
N ASN A 147 -17.42 53.64 -15.30
CA ASN A 147 -17.33 55.02 -15.75
C ASN A 147 -16.44 55.13 -17.00
N ASN A 158 -30.69 55.06 -16.31
CA ASN A 158 -29.94 53.80 -16.32
C ASN A 158 -28.43 54.01 -16.47
N LYS A 159 -27.66 53.09 -15.90
CA LYS A 159 -26.21 53.14 -15.93
C LYS A 159 -25.67 51.74 -16.16
N GLU A 160 -24.46 51.66 -16.68
CA GLU A 160 -23.82 50.38 -16.93
C GLU A 160 -23.17 49.83 -15.67
N TYR A 161 -23.27 48.52 -15.48
CA TYR A 161 -22.69 47.85 -14.32
C TYR A 161 -22.09 46.52 -14.75
N ARG A 162 -21.41 45.87 -13.80
CA ARG A 162 -20.77 44.58 -14.03
C ARG A 162 -20.65 43.87 -12.70
N LEU A 163 -20.36 42.57 -12.75
CA LEU A 163 -20.20 41.80 -11.54
C LEU A 163 -18.88 42.11 -10.84
N ILE A 164 -18.88 41.99 -9.51
CA ILE A 164 -17.70 42.27 -8.71
C ILE A 164 -16.56 41.30 -8.99
N ASN A 165 -16.87 40.06 -9.35
CA ASN A 165 -15.83 39.07 -9.61
C ASN A 165 -15.32 39.09 -11.06
N CYS A 166 -15.85 39.98 -11.91
CA CYS A 166 -15.39 40.01 -13.30
C CYS A 166 -13.94 40.47 -13.41
N ASN A 167 -13.54 41.47 -12.63
CA ASN A 167 -12.18 41.96 -12.68
C ASN A 167 -11.22 41.19 -11.78
N THR A 168 -11.69 40.15 -11.11
CA THR A 168 -10.85 39.34 -10.22
C THR A 168 -10.62 37.94 -10.74
N SER A 169 -11.69 37.15 -10.96
CA SER A 169 -11.63 35.78 -11.48
C SER A 169 -13.04 35.22 -11.68
N ALA A 170 -13.21 34.34 -12.67
CA ALA A 170 -14.51 33.74 -12.91
C ALA A 170 -14.67 32.51 -12.03
N CYS A 171 -15.88 32.31 -11.51
CA CYS A 171 -16.15 31.20 -10.63
C CYS A 171 -17.47 30.53 -10.94
N THR A 172 -17.61 29.28 -10.48
CA THR A 172 -18.78 28.46 -10.69
C THR A 172 -19.89 28.81 -9.71
N GLN A 173 -21.07 28.25 -9.97
CA GLN A 173 -22.25 28.43 -9.13
C GLN A 173 -22.54 27.12 -8.41
N ALA A 174 -22.99 27.23 -7.16
CA ALA A 174 -23.32 26.05 -6.36
C ALA A 174 -24.47 25.27 -6.99
N CYS A 175 -24.29 23.96 -7.12
CA CYS A 175 -25.32 23.11 -7.70
C CYS A 175 -26.55 23.10 -6.80
N PRO A 176 -27.76 23.09 -7.38
CA PRO A 176 -28.97 23.10 -6.54
C PRO A 176 -29.27 21.78 -5.85
N LYS A 177 -28.60 20.69 -6.22
CA LYS A 177 -28.90 19.42 -5.58
C LYS A 177 -28.15 19.22 -4.27
N VAL A 178 -27.03 19.90 -4.08
CA VAL A 178 -26.24 19.76 -2.86
C VAL A 178 -26.69 20.78 -1.82
N SER A 179 -27.17 20.27 -0.69
CA SER A 179 -27.61 21.13 0.41
C SER A 179 -26.41 21.51 1.27
N PHE A 180 -26.57 22.58 2.04
CA PHE A 180 -25.50 23.06 2.91
C PHE A 180 -25.74 22.67 4.36
N GLU A 181 -26.32 21.50 4.59
CA GLU A 181 -26.59 21.05 5.95
C GLU A 181 -25.32 20.48 6.58
N PRO A 182 -24.90 20.98 7.73
CA PRO A 182 -23.69 20.46 8.39
C PRO A 182 -23.95 19.21 9.23
N ILE A 183 -23.97 18.06 8.55
CA ILE A 183 -24.20 16.77 9.21
C ILE A 183 -22.99 16.46 10.07
N PRO A 184 -23.12 15.69 11.15
CA PRO A 184 -21.95 15.38 11.98
C PRO A 184 -20.96 14.46 11.29
N ILE A 185 -19.71 14.56 11.70
CA ILE A 185 -18.60 13.75 11.20
C ILE A 185 -17.76 13.26 12.38
N HIS A 186 -17.38 11.99 12.33
CA HIS A 186 -16.61 11.35 13.39
C HIS A 186 -15.22 10.98 12.87
N TYR A 187 -14.18 11.50 13.52
CA TYR A 187 -12.81 11.19 13.15
C TYR A 187 -12.32 10.03 14.03
N CYS A 188 -11.76 9.01 13.38
CA CYS A 188 -11.26 7.83 14.09
C CYS A 188 -9.80 7.61 13.73
N ALA A 189 -9.00 7.25 14.73
CA ALA A 189 -7.59 7.01 14.52
C ALA A 189 -7.39 5.68 13.79
N PRO A 190 -6.31 5.54 13.01
CA PRO A 190 -6.06 4.30 12.30
C PRO A 190 -5.45 3.25 13.22
N ALA A 191 -5.15 2.09 12.64
CA ALA A 191 -4.54 0.99 13.39
C ALA A 191 -3.17 1.40 13.93
N GLY A 192 -2.92 1.07 15.19
CA GLY A 192 -1.67 1.41 15.82
C GLY A 192 -1.63 2.77 16.46
N PHE A 193 -2.75 3.49 16.50
CA PHE A 193 -2.82 4.81 17.10
C PHE A 193 -4.12 4.91 17.88
N ALA A 194 -4.16 5.88 18.80
CA ALA A 194 -5.33 6.08 19.63
C ALA A 194 -5.44 7.56 19.98
N ILE A 195 -6.66 7.99 20.28
CA ILE A 195 -6.95 9.37 20.65
C ILE A 195 -7.42 9.41 22.10
N LEU A 196 -6.83 10.29 22.89
CA LEU A 196 -7.16 10.46 24.29
C LEU A 196 -8.19 11.57 24.47
N LYS A 197 -8.96 11.46 25.55
CA LYS A 197 -10.00 12.45 25.86
C LYS A 197 -9.88 12.87 27.31
N CYS A 198 -10.07 14.17 27.56
CA CYS A 198 -10.00 14.74 28.90
C CYS A 198 -11.43 14.83 29.44
N LYS A 199 -11.72 14.06 30.48
CA LYS A 199 -13.05 14.02 31.08
C LYS A 199 -13.25 15.07 32.17
N ASP A 200 -12.24 15.91 32.45
CA ASP A 200 -12.37 16.94 33.48
C ASP A 200 -13.44 17.95 33.08
N LYS A 201 -14.32 18.28 34.03
CA LYS A 201 -15.40 19.21 33.77
C LYS A 201 -14.95 20.67 33.76
N LYS A 202 -13.80 20.97 34.36
CA LYS A 202 -13.25 22.31 34.42
C LYS A 202 -11.88 22.36 33.76
N PHE A 203 -11.76 21.70 32.60
CA PHE A 203 -10.50 21.65 31.89
C PHE A 203 -10.15 23.00 31.28
N ASN A 204 -8.92 23.44 31.54
CA ASN A 204 -8.36 24.68 31.03
C ASN A 204 -7.78 24.38 29.65
N GLY A 205 -7.57 25.44 28.85
CA GLY A 205 -7.02 25.29 27.51
C GLY A 205 -5.67 24.61 27.44
N THR A 206 -4.87 24.65 28.51
CA THR A 206 -3.56 24.03 28.56
C THR A 206 -3.32 23.50 29.96
N GLY A 207 -2.39 22.56 30.07
CA GLY A 207 -2.04 21.97 31.35
C GLY A 207 -2.37 20.49 31.42
N PRO A 208 -1.93 19.84 32.50
CA PRO A 208 -2.20 18.40 32.65
C PRO A 208 -3.66 18.11 32.98
N CYS A 209 -4.22 17.12 32.30
CA CYS A 209 -5.60 16.71 32.53
C CYS A 209 -5.66 15.70 33.66
N PRO A 210 -6.36 15.99 34.76
CA PRO A 210 -6.43 15.02 35.87
C PRO A 210 -7.09 13.69 35.54
N SER A 211 -8.05 13.65 34.62
CA SER A 211 -8.74 12.40 34.26
C SER A 211 -8.73 12.25 32.75
N VAL A 212 -7.90 11.33 32.25
CA VAL A 212 -7.78 11.06 30.82
C VAL A 212 -8.50 9.75 30.51
N SER A 213 -9.13 9.68 29.33
CA SER A 213 -9.87 8.51 28.90
C SER A 213 -9.62 8.27 27.42
N THR A 214 -9.45 7.01 27.04
CA THR A 214 -9.22 6.63 25.66
C THR A 214 -10.56 6.38 24.99
N VAL A 215 -10.64 6.73 23.70
CA VAL A 215 -11.87 6.56 22.92
C VAL A 215 -11.46 6.14 21.51
N GLN A 216 -12.34 5.38 20.86
CA GLN A 216 -12.07 4.90 19.51
C GLN A 216 -12.33 5.99 18.47
N CYS A 217 -13.49 6.63 18.53
CA CYS A 217 -13.86 7.68 17.60
C CYS A 217 -14.39 8.88 18.37
N THR A 218 -14.08 10.07 17.87
CA THR A 218 -14.53 11.30 18.52
C THR A 218 -16.03 11.49 18.30
N HIS A 219 -16.60 12.39 19.10
CA HIS A 219 -18.02 12.69 19.00
C HIS A 219 -18.30 13.49 17.73
N GLY A 220 -19.57 13.55 17.34
CA GLY A 220 -19.99 14.26 16.16
C GLY A 220 -19.71 15.75 16.20
N ILE A 221 -18.85 16.23 15.31
CA ILE A 221 -18.48 17.63 15.24
C ILE A 221 -19.24 18.27 14.10
N LYS A 222 -19.96 19.34 14.40
CA LYS A 222 -20.74 20.05 13.39
C LYS A 222 -19.83 20.97 12.58
N PRO A 223 -19.72 20.78 11.26
CA PRO A 223 -18.87 21.65 10.43
C PRO A 223 -19.59 22.94 10.04
N VAL A 224 -20.02 23.69 11.05
CA VAL A 224 -20.72 24.94 10.84
C VAL A 224 -19.71 26.04 10.48
N VAL A 225 -20.20 27.10 9.86
CA VAL A 225 -19.36 28.21 9.44
C VAL A 225 -19.85 29.48 10.13
N SER A 226 -18.94 30.17 10.82
CA SER A 226 -19.27 31.39 11.51
C SER A 226 -18.03 32.28 11.58
N THR A 227 -18.26 33.57 11.81
CA THR A 227 -17.20 34.55 11.89
C THR A 227 -17.09 35.26 13.22
N GLN A 228 -18.18 35.45 13.94
CA GLN A 228 -18.08 36.16 15.22
C GLN A 228 -18.69 35.40 16.38
N LEU A 229 -19.80 34.70 16.17
CA LEU A 229 -20.48 33.97 17.23
C LEU A 229 -20.55 32.49 16.87
N LEU A 230 -19.98 31.64 17.72
CA LEU A 230 -20.03 30.20 17.51
C LEU A 230 -21.46 29.73 17.69
N LEU A 231 -21.94 28.89 16.78
CA LEU A 231 -23.30 28.41 16.86
C LEU A 231 -23.36 26.93 16.50
N ASN A 232 -24.41 26.26 17.01
CA ASN A 232 -24.68 24.84 16.80
C ASN A 232 -23.53 23.96 17.28
N GLY A 233 -22.84 24.38 18.34
CA GLY A 233 -21.72 23.63 18.89
C GLY A 233 -22.06 22.93 20.19
N SER A 234 -21.00 22.39 20.81
CA SER A 234 -21.12 21.68 22.08
C SER A 234 -20.94 22.67 23.23
N LEU A 235 -21.92 22.72 24.12
CA LEU A 235 -21.88 23.64 25.25
C LEU A 235 -21.00 23.09 26.37
N ALA A 236 -20.66 23.98 27.30
CA ALA A 236 -19.85 23.63 28.46
C ALA A 236 -20.59 22.68 29.38
N GLU A 237 -19.83 21.90 30.14
CA GLU A 237 -20.44 20.92 31.03
C GLU A 237 -21.05 21.56 32.28
N GLU A 238 -20.37 22.51 32.93
CA GLU A 238 -20.95 23.08 34.14
C GLU A 238 -20.82 24.59 34.33
N GLU A 239 -19.95 25.29 33.60
CA GLU A 239 -19.81 26.74 33.79
C GLU A 239 -19.10 27.33 32.59
N VAL A 240 -19.14 28.66 32.50
CA VAL A 240 -18.50 29.38 31.41
C VAL A 240 -16.99 29.26 31.53
N MET A 241 -16.34 28.89 30.42
CA MET A 241 -14.90 28.71 30.35
C MET A 241 -14.29 29.71 29.38
N ILE A 242 -13.16 30.29 29.79
CA ILE A 242 -12.43 31.27 28.98
C ILE A 242 -11.17 30.58 28.46
N ARG A 243 -11.00 30.58 27.14
CA ARG A 243 -9.85 29.96 26.50
C ARG A 243 -9.01 31.02 25.79
N SER A 244 -7.69 30.93 25.94
CA SER A 244 -6.74 31.85 25.33
C SER A 244 -5.32 31.32 25.47
N GLU A 245 -4.54 31.36 24.38
CA GLU A 245 -3.16 30.88 24.42
C GLU A 245 -2.31 31.75 25.35
N ASN A 246 -2.52 33.06 25.31
CA ASN A 246 -1.78 34.00 26.16
C ASN A 246 -2.75 35.14 26.45
N ILE A 247 -3.44 35.05 27.60
CA ILE A 247 -4.41 36.07 28.00
C ILE A 247 -3.76 37.44 28.16
N THR A 248 -2.49 37.49 28.57
CA THR A 248 -1.81 38.77 28.74
C THR A 248 -1.50 39.44 27.41
N ASN A 249 -1.48 38.68 26.32
CA ASN A 249 -1.20 39.22 24.99
C ASN A 249 -2.53 39.65 24.38
N ASN A 250 -2.69 40.95 24.16
CA ASN A 250 -3.94 41.47 23.58
C ASN A 250 -4.12 41.07 22.12
N ALA A 251 -3.04 40.71 21.42
CA ALA A 251 -3.12 40.32 20.02
C ALA A 251 -3.65 38.91 19.82
N LYS A 252 -3.84 38.14 20.89
CA LYS A 252 -4.33 36.78 20.82
C LYS A 252 -5.83 36.75 21.04
N ASN A 253 -6.54 36.01 20.20
CA ASN A 253 -7.99 35.89 20.30
C ASN A 253 -8.40 35.15 21.57
N ILE A 254 -9.55 35.54 22.11
CA ILE A 254 -10.11 34.95 23.32
C ILE A 254 -11.37 34.19 22.95
N LEU A 255 -11.44 32.92 23.36
CA LEU A 255 -12.57 32.04 23.09
C LEU A 255 -13.34 31.82 24.38
N VAL A 256 -14.66 32.01 24.31
CA VAL A 256 -15.55 31.84 25.45
C VAL A 256 -16.65 30.85 25.08
N GLN A 257 -16.90 29.89 25.96
CA GLN A 257 -17.92 28.87 25.74
C GLN A 257 -19.02 29.02 26.78
N PHE A 258 -20.27 29.02 26.34
CA PHE A 258 -21.41 29.17 27.24
C PHE A 258 -21.82 27.84 27.84
N ASN A 259 -22.65 27.93 28.89
CA ASN A 259 -23.20 26.77 29.58
C ASN A 259 -24.66 26.54 29.24
N THR A 260 -25.36 27.59 28.81
CA THR A 260 -26.76 27.56 28.42
C THR A 260 -26.85 28.31 27.09
N PRO A 261 -27.71 27.89 26.17
CA PRO A 261 -27.82 28.58 24.88
C PRO A 261 -28.89 29.66 24.83
N VAL A 262 -28.69 30.58 23.90
CA VAL A 262 -29.63 31.66 23.64
C VAL A 262 -30.15 31.49 22.20
N GLN A 263 -31.46 31.35 22.06
CA GLN A 263 -32.04 31.15 20.74
C GLN A 263 -32.08 32.43 19.94
N ILE A 264 -31.97 32.28 18.62
CA ILE A 264 -32.03 33.39 17.67
C ILE A 264 -32.86 32.96 16.48
N ASN A 265 -33.75 33.85 16.04
CA ASN A 265 -34.63 33.58 14.91
C ASN A 265 -34.26 34.54 13.78
N CYS A 266 -33.86 33.98 12.64
CA CYS A 266 -33.48 34.74 11.47
C CYS A 266 -34.44 34.41 10.34
N THR A 267 -34.70 35.40 9.48
CA THR A 267 -35.63 35.16 8.39
C THR A 267 -35.38 36.13 7.24
N ARG A 268 -35.92 35.74 6.07
CA ARG A 268 -35.84 36.51 4.83
C ARG A 268 -37.29 36.58 4.37
N PRO A 269 -38.02 37.62 4.79
CA PRO A 269 -39.45 37.71 4.43
C PRO A 269 -39.76 37.85 2.94
N ASN A 270 -38.79 38.22 2.10
CA ASN A 270 -39.05 38.37 0.67
C ASN A 270 -39.39 37.03 0.04
N ASN A 271 -40.58 36.95 -0.56
CA ASN A 271 -41.06 35.73 -1.22
C ASN A 271 -40.68 35.77 -2.71
N ASN A 272 -39.37 35.72 -2.95
CA ASN A 272 -38.87 35.77 -4.32
C ASN A 272 -39.09 34.44 -5.03
N THR A 273 -38.90 34.47 -6.35
CA THR A 273 -39.06 33.30 -7.20
C THR A 273 -37.75 32.98 -7.91
N ARG A 274 -37.72 31.83 -8.56
CA ARG A 274 -36.56 31.35 -9.30
C ARG A 274 -36.88 31.29 -10.79
N LYS A 275 -35.86 31.55 -11.61
CA LYS A 275 -36.01 31.53 -13.06
C LYS A 275 -34.81 30.83 -13.66
N SER A 276 -35.06 29.93 -14.62
CA SER A 276 -34.01 29.17 -15.27
C SER A 276 -33.69 29.78 -16.63
N ILE A 277 -32.42 30.10 -16.85
CA ILE A 277 -31.96 30.69 -18.10
C ILE A 277 -31.01 29.70 -18.76
N ARG A 278 -31.41 29.15 -19.90
CA ARG A 278 -30.59 28.18 -20.62
C ARG A 278 -29.44 28.93 -21.29
N ILE A 279 -28.26 28.91 -20.67
CA ILE A 279 -27.11 29.61 -21.23
C ILE A 279 -26.25 28.73 -22.13
N GLY A 280 -26.67 27.50 -22.39
CA GLY A 280 -25.89 26.63 -23.25
C GLY A 280 -26.48 25.23 -23.30
N PRO A 281 -25.85 24.34 -24.07
CA PRO A 281 -26.36 22.96 -24.15
C PRO A 281 -26.17 22.21 -22.85
N GLY A 282 -27.26 21.91 -22.16
CA GLY A 282 -27.19 21.21 -20.90
C GLY A 282 -26.74 22.06 -19.74
N GLN A 283 -26.67 23.38 -19.91
CA GLN A 283 -26.25 24.29 -18.87
C GLN A 283 -27.36 25.31 -18.66
N ALA A 284 -27.70 25.57 -17.41
CA ALA A 284 -28.77 26.52 -17.09
C ALA A 284 -28.33 27.43 -15.95
N PHE A 285 -28.69 28.70 -16.05
CA PHE A 285 -28.36 29.68 -15.03
C PHE A 285 -29.61 29.97 -14.21
N TYR A 286 -29.55 29.67 -12.92
CA TYR A 286 -30.69 29.88 -12.01
C TYR A 286 -30.61 31.31 -11.50
N ALA A 287 -31.32 32.21 -12.17
CA ALA A 287 -31.34 33.61 -11.81
C ALA A 287 -32.51 33.93 -10.88
N THR A 288 -32.47 35.12 -10.31
CA THR A 288 -33.51 35.57 -9.40
C THR A 288 -34.67 36.16 -10.19
N GLY A 289 -35.88 35.66 -9.93
CA GLY A 289 -37.05 36.14 -10.63
C GLY A 289 -37.66 37.36 -9.94
N ASP A 290 -38.80 37.79 -10.48
CA ASP A 290 -39.50 38.94 -9.94
C ASP A 290 -40.03 38.63 -8.55
N ILE A 291 -39.88 39.58 -7.64
CA ILE A 291 -40.33 39.40 -6.26
C ILE A 291 -41.82 39.69 -6.20
N ILE A 292 -42.60 38.74 -5.72
CA ILE A 292 -44.05 38.87 -5.60
C ILE A 292 -44.39 39.19 -4.15
N GLY A 293 -45.28 40.15 -3.95
CA GLY A 293 -45.68 40.54 -2.62
C GLY A 293 -44.84 41.70 -2.12
N ASP A 294 -45.03 42.00 -0.83
CA ASP A 294 -44.29 43.08 -0.20
C ASP A 294 -42.82 42.73 -0.07
N ILE A 295 -42.00 43.78 0.09
CA ILE A 295 -40.56 43.65 0.24
C ILE A 295 -40.15 44.26 1.56
N ARG A 296 -39.31 43.54 2.32
CA ARG A 296 -38.84 44.00 3.63
C ARG A 296 -37.40 43.55 3.81
N GLN A 297 -36.74 44.16 4.79
CA GLN A 297 -35.35 43.85 5.09
C GLN A 297 -35.23 42.60 5.95
N ALA A 298 -34.19 41.80 5.68
CA ALA A 298 -33.94 40.58 6.44
C ALA A 298 -33.30 40.98 7.76
N HIS A 299 -33.66 40.26 8.83
CA HIS A 299 -33.13 40.56 10.15
C HIS A 299 -33.21 39.34 11.04
N CYS A 300 -32.62 39.47 12.22
CA CYS A 300 -32.61 38.42 13.24
C CYS A 300 -33.05 39.02 14.56
N ASN A 301 -33.45 38.14 15.48
CA ASN A 301 -33.91 38.55 16.81
C ASN A 301 -33.22 37.73 17.88
N VAL A 302 -33.17 38.31 19.08
CA VAL A 302 -32.54 37.67 20.24
C VAL A 302 -33.15 38.29 21.49
N SER A 303 -33.44 37.43 22.47
CA SER A 303 -34.02 37.88 23.74
C SER A 303 -33.04 38.77 24.50
N LYS A 304 -33.55 39.88 25.04
CA LYS A 304 -32.69 40.80 25.77
C LYS A 304 -32.36 40.29 27.17
N ALA A 305 -33.33 39.63 27.83
CA ALA A 305 -33.10 39.11 29.17
C ALA A 305 -32.03 38.04 29.21
N THR A 306 -32.15 37.03 28.33
CA THR A 306 -31.17 35.95 28.28
C THR A 306 -29.79 36.46 27.88
N TRP A 307 -29.73 37.39 26.93
CA TRP A 307 -28.46 37.95 26.51
C TRP A 307 -27.81 38.73 27.64
N ASN A 308 -28.61 39.50 28.38
CA ASN A 308 -28.10 40.27 29.51
C ASN A 308 -27.54 39.34 30.59
N GLU A 309 -28.28 38.26 30.90
CA GLU A 309 -27.81 37.30 31.90
C GLU A 309 -26.53 36.60 31.46
N THR A 310 -26.48 36.22 30.18
CA THR A 310 -25.30 35.55 29.63
C THR A 310 -24.09 36.47 29.68
N LEU A 311 -24.29 37.74 29.32
CA LEU A 311 -23.21 38.73 29.36
C LEU A 311 -22.74 38.94 30.79
N GLY A 312 -23.68 38.97 31.75
CA GLY A 312 -23.31 39.13 33.14
C GLY A 312 -22.47 37.98 33.64
N LYS A 313 -22.84 36.75 33.26
CA LYS A 313 -22.07 35.57 33.64
C LYS A 313 -20.67 35.62 33.02
N VAL A 314 -20.58 36.08 31.77
CA VAL A 314 -19.28 36.19 31.10
C VAL A 314 -18.42 37.23 31.81
N VAL A 315 -19.03 38.35 32.24
CA VAL A 315 -18.29 39.39 32.96
C VAL A 315 -17.76 38.85 34.28
N LYS A 316 -18.61 38.08 34.99
CA LYS A 316 -18.22 37.51 36.27
C LYS A 316 -17.05 36.54 36.11
N GLN A 317 -17.09 35.71 35.07
CA GLN A 317 -16.00 34.75 34.86
C GLN A 317 -14.75 35.41 34.30
N LEU A 318 -14.90 36.50 33.56
CA LEU A 318 -13.78 37.22 32.96
C LEU A 318 -13.09 38.18 33.93
N ARG A 319 -13.77 38.58 35.00
CA ARG A 319 -13.15 39.52 35.95
C ARG A 319 -12.08 38.88 36.81
N LYS A 320 -12.20 37.59 37.13
CA LYS A 320 -11.19 36.93 37.96
C LYS A 320 -9.82 36.85 37.28
N HIS A 321 -9.77 37.00 35.95
CA HIS A 321 -8.50 36.96 35.23
C HIS A 321 -7.83 38.33 35.13
N PHE A 322 -8.59 39.42 35.23
CA PHE A 322 -8.04 40.77 35.15
C PHE A 322 -8.18 41.57 36.42
N GLY A 323 -8.76 41.01 37.47
CA GLY A 323 -8.93 41.70 38.73
C GLY A 323 -10.38 42.11 38.97
N ASN A 324 -10.72 42.24 40.26
CA ASN A 324 -12.06 42.62 40.66
C ASN A 324 -12.33 44.12 40.48
N ASN A 325 -11.35 44.96 40.82
CA ASN A 325 -11.50 46.40 40.75
C ASN A 325 -11.73 46.91 39.32
N THR A 326 -11.02 46.35 38.35
CA THR A 326 -11.16 46.80 36.96
C THR A 326 -12.56 46.53 36.41
N ILE A 327 -12.98 47.40 35.49
CA ILE A 327 -14.28 47.32 34.83
C ILE A 327 -14.03 47.04 33.34
N ILE A 328 -14.76 46.09 32.79
CA ILE A 328 -14.59 45.73 31.39
C ILE A 328 -15.68 46.39 30.57
N ARG A 329 -15.41 46.60 29.28
CA ARG A 329 -16.33 47.25 28.37
C ARG A 329 -16.38 46.48 27.05
N PHE A 330 -17.53 46.52 26.39
CA PHE A 330 -17.73 45.86 25.11
C PHE A 330 -18.01 46.91 24.05
N ALA A 331 -17.35 46.78 22.91
CA ALA A 331 -17.50 47.71 21.79
C ALA A 331 -17.67 46.89 20.51
N ASN A 332 -18.29 47.50 19.50
CA ASN A 332 -18.51 46.80 18.25
C ASN A 332 -17.19 46.68 17.46
N SER A 333 -17.29 46.03 16.29
CA SER A 333 -16.15 45.79 15.41
C SER A 333 -15.46 47.08 14.99
N SER A 334 -14.14 47.00 14.78
CA SER A 334 -13.36 48.16 14.38
C SER A 334 -13.56 48.49 12.91
N GLY A 335 -13.27 47.54 12.02
CA GLY A 335 -13.43 47.77 10.60
C GLY A 335 -12.60 46.80 9.79
N GLY A 336 -12.89 46.80 8.49
CA GLY A 336 -12.20 45.93 7.56
C GLY A 336 -13.15 45.29 6.56
N ASP A 337 -12.89 44.03 6.21
CA ASP A 337 -13.74 43.33 5.26
C ASP A 337 -15.10 43.00 5.87
N LEU A 338 -16.08 42.81 4.99
CA LEU A 338 -17.45 42.50 5.42
C LEU A 338 -17.53 41.15 6.12
N GLU A 339 -16.62 40.23 5.78
CA GLU A 339 -16.63 38.89 6.38
C GLU A 339 -16.32 38.94 7.87
N VAL A 340 -15.37 39.78 8.28
CA VAL A 340 -14.98 39.86 9.68
C VAL A 340 -15.78 40.91 10.46
N THR A 341 -16.25 41.98 9.81
CA THR A 341 -16.99 43.01 10.51
C THR A 341 -18.45 42.64 10.78
N THR A 342 -18.96 41.55 10.20
CA THR A 342 -20.34 41.15 10.41
C THR A 342 -20.42 39.64 10.56
N HIS A 343 -21.33 39.20 11.42
CA HIS A 343 -21.53 37.77 11.65
C HIS A 343 -22.16 37.13 10.41
N SER A 344 -21.53 36.06 9.91
CA SER A 344 -22.03 35.37 8.73
C SER A 344 -22.21 33.88 9.00
N PHE A 345 -23.23 33.32 8.36
CA PHE A 345 -23.56 31.88 8.55
C PHE A 345 -24.58 31.46 7.49
N ASN A 346 -24.23 30.48 6.66
CA ASN A 346 -25.14 30.07 5.55
C ASN A 346 -26.19 29.11 6.10
N CYS A 347 -27.45 29.55 6.15
CA CYS A 347 -28.55 28.64 6.59
C CYS A 347 -29.72 28.76 5.59
N GLY A 348 -30.30 27.63 5.22
CA GLY A 348 -31.39 27.63 4.22
C GLY A 348 -30.84 27.94 2.84
N GLY A 349 -29.54 27.72 2.63
CA GLY A 349 -28.90 28.02 1.33
C GLY A 349 -28.77 29.51 1.10
N GLU A 350 -28.94 30.31 2.16
CA GLU A 350 -28.83 31.79 2.05
C GLU A 350 -27.70 32.28 2.95
N PHE A 351 -26.72 32.99 2.39
CA PHE A 351 -25.62 33.52 3.18
C PHE A 351 -26.03 34.85 3.78
N PHE A 352 -25.97 34.96 5.10
CA PHE A 352 -26.36 36.19 5.79
C PHE A 352 -25.13 36.96 6.25
N TYR A 353 -25.35 38.24 6.55
CA TYR A 353 -24.30 39.14 7.05
C TYR A 353 -25.03 40.13 7.96
N CYS A 354 -25.07 39.82 9.25
CA CYS A 354 -25.79 40.63 10.23
C CYS A 354 -24.87 41.60 10.97
N ASN A 355 -25.39 42.80 11.20
CA ASN A 355 -24.67 43.87 11.91
C ASN A 355 -24.86 43.64 13.40
N THR A 356 -23.82 43.13 14.06
CA THR A 356 -23.85 42.83 15.50
C THR A 356 -23.55 44.03 16.39
N SER A 357 -23.70 45.26 15.90
CA SER A 357 -23.43 46.44 16.71
C SER A 357 -24.39 46.60 17.89
N GLY A 358 -25.58 46.02 17.81
CA GLY A 358 -26.56 46.13 18.88
C GLY A 358 -26.36 45.17 20.04
N LEU A 359 -25.47 44.18 19.88
CA LEU A 359 -25.23 43.19 20.93
C LEU A 359 -24.15 43.64 21.91
N PHE A 360 -23.13 44.35 21.43
CA PHE A 360 -22.04 44.83 22.26
C PHE A 360 -22.17 46.34 22.37
N ASN A 361 -23.06 46.79 23.25
CA ASN A 361 -23.30 48.21 23.44
C ASN A 361 -23.56 48.53 24.91
N SER A 362 -22.75 47.99 25.81
CA SER A 362 -22.98 48.25 27.23
C SER A 362 -21.69 48.13 28.03
N THR A 363 -21.71 48.76 29.21
CA THR A 363 -20.61 48.75 30.16
C THR A 363 -20.96 47.83 31.32
N TRP A 364 -20.00 47.65 32.23
CA TRP A 364 -20.23 46.78 33.39
C TRP A 364 -19.48 47.39 34.57
N ILE A 365 -20.20 48.13 35.40
CA ILE A 365 -19.61 48.77 36.58
C ILE A 365 -19.51 47.73 37.70
N SER A 366 -18.57 47.95 38.63
CA SER A 366 -18.37 47.04 39.74
C SER A 366 -19.59 47.02 40.66
N ASN A 367 -19.77 45.87 41.32
CA ASN A 367 -20.86 45.53 42.27
C ASN A 367 -22.27 46.00 41.85
N ASN A 379 -40.53 44.18 21.78
CA ASN A 379 -40.26 44.96 22.98
C ASN A 379 -39.29 44.23 23.92
N ASP A 380 -39.43 42.91 24.01
CA ASP A 380 -38.59 42.09 24.86
C ASP A 380 -37.48 41.38 24.06
N SER A 381 -37.19 41.85 22.86
CA SER A 381 -36.16 41.24 22.03
C SER A 381 -35.35 42.31 21.32
N ILE A 382 -34.10 41.98 21.02
CA ILE A 382 -33.18 42.87 20.32
C ILE A 382 -33.14 42.46 18.86
N THR A 383 -33.37 43.42 17.97
CA THR A 383 -33.37 43.17 16.54
C THR A 383 -32.16 43.83 15.88
N LEU A 384 -31.51 43.09 15.00
CA LEU A 384 -30.35 43.53 14.27
C LEU A 384 -30.55 43.29 12.78
N PRO A 385 -30.18 44.25 11.93
CA PRO A 385 -30.37 44.07 10.49
C PRO A 385 -29.29 43.19 9.88
N CYS A 386 -29.62 42.64 8.71
CA CYS A 386 -28.70 41.77 7.98
C CYS A 386 -28.81 42.05 6.49
N ARG A 387 -27.74 41.72 5.78
CA ARG A 387 -27.64 41.90 4.33
C ARG A 387 -27.32 40.56 3.68
N ILE A 388 -27.91 40.32 2.51
CA ILE A 388 -27.70 39.07 1.78
C ILE A 388 -26.68 39.35 0.69
N LYS A 389 -25.95 38.31 0.28
CA LYS A 389 -24.93 38.42 -0.76
C LYS A 389 -24.91 37.13 -1.54
N GLN A 390 -24.65 37.22 -2.85
CA GLN A 390 -24.60 36.04 -3.70
C GLN A 390 -23.20 35.62 -4.09
N ILE A 391 -22.23 36.54 -4.08
CA ILE A 391 -20.84 36.23 -4.44
C ILE A 391 -20.08 36.02 -3.14
N ILE A 392 -19.94 34.76 -2.72
CA ILE A 392 -19.23 34.42 -1.50
C ILE A 392 -17.97 33.67 -1.88
N ASN A 393 -16.82 34.14 -1.38
CA ASN A 393 -15.57 33.46 -1.71
C ASN A 393 -15.14 32.44 -0.64
N MET A 394 -15.34 32.78 0.64
CA MET A 394 -15.05 31.98 1.85
C MET A 394 -13.56 31.95 2.13
N TRP A 395 -13.19 31.88 3.42
CA TRP A 395 -11.80 31.85 3.90
C TRP A 395 -10.99 33.02 3.37
N GLN A 396 -9.76 32.78 2.95
CA GLN A 396 -8.94 33.87 2.44
C GLN A 396 -8.48 33.55 1.03
N ARG A 397 -9.45 33.28 0.16
CA ARG A 397 -9.26 32.94 -1.23
C ARG A 397 -9.77 34.09 -2.10
N ILE A 398 -8.93 34.55 -3.03
CA ILE A 398 -9.33 35.63 -3.91
C ILE A 398 -9.52 35.17 -5.35
N GLY A 399 -8.83 34.11 -5.78
CA GLY A 399 -8.95 33.65 -7.14
C GLY A 399 -10.06 32.65 -7.40
N GLN A 400 -10.81 32.25 -6.38
CA GLN A 400 -11.91 31.30 -6.55
C GLN A 400 -13.07 31.68 -5.63
N CYS A 401 -14.12 32.24 -6.22
CA CYS A 401 -15.36 32.63 -5.57
C CYS A 401 -16.44 31.56 -5.75
N MET A 402 -17.67 31.90 -5.38
CA MET A 402 -18.82 31.01 -5.53
C MET A 402 -20.09 31.84 -5.61
N TYR A 403 -20.97 31.46 -6.54
CA TYR A 403 -22.24 32.14 -6.75
C TYR A 403 -23.33 31.29 -6.10
N ALA A 404 -23.98 31.83 -5.09
CA ALA A 404 -25.03 31.12 -4.40
C ALA A 404 -26.35 31.34 -5.14
N PRO A 405 -26.99 30.28 -5.65
CA PRO A 405 -28.26 30.48 -6.38
C PRO A 405 -29.36 30.90 -5.41
N PRO A 406 -30.37 31.60 -5.89
CA PRO A 406 -31.46 32.03 -5.00
C PRO A 406 -32.31 30.85 -4.54
N ILE A 407 -32.93 31.03 -3.37
CA ILE A 407 -33.78 30.01 -2.77
C ILE A 407 -35.22 30.50 -2.87
N GLN A 408 -36.09 29.70 -3.47
CA GLN A 408 -37.48 30.05 -3.63
C GLN A 408 -38.21 29.98 -2.28
N GLY A 409 -39.22 30.83 -2.13
CA GLY A 409 -39.99 30.87 -0.91
C GLY A 409 -39.38 31.75 0.17
N VAL A 410 -40.03 31.77 1.34
CA VAL A 410 -39.51 32.60 2.46
C VAL A 410 -38.55 31.76 3.30
N ILE A 411 -37.46 32.36 3.79
CA ILE A 411 -36.43 31.58 4.54
C ILE A 411 -36.55 31.87 6.04
N ARG A 412 -36.73 30.84 6.86
CA ARG A 412 -36.77 31.01 8.33
C ARG A 412 -35.54 30.30 8.92
N CYS A 413 -34.93 30.88 9.95
CA CYS A 413 -33.66 30.29 10.49
C CYS A 413 -33.65 30.38 12.02
N VAL A 414 -33.73 29.23 12.71
CA VAL A 414 -33.64 29.22 14.20
C VAL A 414 -32.28 28.60 14.56
N SER A 415 -31.55 29.20 15.50
CA SER A 415 -30.18 28.68 15.80
C SER A 415 -29.84 28.78 17.28
N ASN A 416 -28.86 27.99 17.73
CA ASN A 416 -28.41 28.00 19.12
C ASN A 416 -27.02 28.62 19.17
N ILE A 417 -26.83 29.64 20.00
CA ILE A 417 -25.53 30.27 20.15
C ILE A 417 -24.76 29.55 21.26
N THR A 418 -23.52 29.13 20.95
CA THR A 418 -22.71 28.41 21.91
C THR A 418 -21.48 29.20 22.37
N GLY A 419 -20.88 30.00 21.51
CA GLY A 419 -19.70 30.74 21.94
C GLY A 419 -19.41 31.96 21.09
N LEU A 420 -18.40 32.72 21.55
CA LEU A 420 -17.94 33.94 20.90
C LEU A 420 -16.42 33.95 20.80
N ILE A 421 -15.93 34.78 19.88
CA ILE A 421 -14.50 34.98 19.65
C ILE A 421 -14.21 36.45 19.89
N LEU A 422 -13.60 36.77 21.04
CA LEU A 422 -13.31 38.13 21.42
C LEU A 422 -11.85 38.50 21.12
N THR A 423 -11.59 39.81 21.09
CA THR A 423 -10.27 40.36 20.83
C THR A 423 -10.08 41.55 21.76
N ARG A 424 -8.91 41.65 22.39
CA ARG A 424 -8.67 42.73 23.37
C ARG A 424 -8.17 43.98 22.65
N ASP A 425 -8.60 45.17 23.09
CA ASP A 425 -8.10 46.43 22.48
C ASP A 425 -6.86 46.87 23.26
N GLY A 426 -5.68 46.74 22.65
CA GLY A 426 -4.43 47.09 23.35
C GLY A 426 -4.52 48.45 24.01
N GLY A 427 -4.19 48.52 25.30
CA GLY A 427 -4.28 49.79 26.05
C GLY A 427 -3.11 49.98 26.99
N SER A 428 -2.97 51.18 27.57
CA SER A 428 -1.87 51.47 28.52
C SER A 428 -2.22 50.91 29.89
N THR A 429 -1.49 51.35 30.93
CA THR A 429 -1.76 50.87 32.31
C THR A 429 -3.02 51.57 32.84
N ASN A 430 -4.10 51.55 32.05
CA ASN A 430 -5.38 52.17 32.48
C ASN A 430 -5.92 51.39 33.68
N SER A 431 -5.70 50.07 33.70
CA SER A 431 -6.17 49.23 34.83
C SER A 431 -7.68 49.40 35.01
N THR A 432 -8.39 49.74 33.92
CA THR A 432 -9.87 49.90 33.99
C THR A 432 -10.43 49.96 32.56
N THR A 433 -11.76 49.93 32.43
CA THR A 433 -12.41 50.01 31.09
C THR A 433 -11.68 49.10 30.09
N GLU A 434 -11.32 47.87 30.52
CA GLU A 434 -10.70 46.91 29.57
C GLU A 434 -11.68 46.71 28.41
N THR A 435 -11.36 47.24 27.23
CA THR A 435 -12.29 47.17 26.12
C THR A 435 -12.07 45.90 25.31
N PHE A 436 -13.12 45.08 25.19
CA PHE A 436 -13.09 43.85 24.43
C PHE A 436 -13.80 44.07 23.10
N ARG A 437 -13.55 43.18 22.15
CA ARG A 437 -14.12 43.35 20.84
C ARG A 437 -14.31 42.05 20.06
N PRO A 438 -15.51 41.79 19.56
CA PRO A 438 -15.74 40.54 18.84
C PRO A 438 -15.07 40.55 17.48
N GLY A 439 -14.83 39.37 16.95
CA GLY A 439 -14.22 39.25 15.64
C GLY A 439 -13.30 38.08 15.47
N GLY A 440 -13.66 37.23 14.51
CA GLY A 440 -12.85 36.07 14.17
C GLY A 440 -12.64 36.01 12.68
N GLY A 441 -11.51 35.43 12.29
CA GLY A 441 -11.18 35.34 10.89
C GLY A 441 -11.05 33.89 10.49
N ASP A 442 -9.90 33.30 10.79
CA ASP A 442 -9.63 31.91 10.43
C ASP A 442 -10.68 30.96 11.01
N MET A 443 -11.07 29.98 10.20
CA MET A 443 -12.03 28.94 10.59
C MET A 443 -11.46 27.94 11.58
N ARG A 444 -10.14 27.95 11.78
CA ARG A 444 -9.48 27.02 12.69
C ARG A 444 -9.93 27.22 14.14
N ASP A 445 -10.29 28.45 14.51
CA ASP A 445 -10.75 28.74 15.87
C ASP A 445 -12.07 28.04 16.18
N ASN A 446 -12.98 28.00 15.19
CA ASN A 446 -14.27 27.35 15.35
C ASN A 446 -14.09 25.87 15.68
N TRP A 447 -13.17 25.20 14.98
CA TRP A 447 -12.95 23.79 15.26
C TRP A 447 -12.09 23.59 16.50
N ARG A 448 -11.27 24.60 16.86
CA ARG A 448 -10.46 24.51 18.07
C ARG A 448 -11.34 24.45 19.29
N SER A 449 -12.46 25.20 19.26
CA SER A 449 -13.39 25.19 20.39
C SER A 449 -14.10 23.85 20.55
N GLU A 450 -14.08 23.00 19.54
CA GLU A 450 -14.72 21.69 19.58
C GLU A 450 -13.75 20.53 19.76
N LEU A 451 -12.50 20.68 19.33
CA LEU A 451 -11.46 19.65 19.43
C LEU A 451 -10.50 19.85 20.59
N TYR A 452 -10.81 20.74 21.54
CA TYR A 452 -9.90 20.97 22.67
C TYR A 452 -9.78 19.77 23.61
N LYS A 453 -10.71 18.82 23.55
CA LYS A 453 -10.68 17.66 24.44
C LYS A 453 -10.04 16.44 23.79
N TYR A 454 -9.25 16.60 22.74
CA TYR A 454 -8.66 15.43 22.09
C TYR A 454 -7.22 15.69 21.68
N LYS A 455 -6.47 14.60 21.55
CA LYS A 455 -5.07 14.61 21.14
C LYS A 455 -4.72 13.21 20.68
N VAL A 456 -4.06 13.10 19.53
CA VAL A 456 -3.67 11.81 18.98
C VAL A 456 -2.29 11.43 19.51
N VAL A 457 -2.14 10.14 19.85
CA VAL A 457 -0.90 9.61 20.38
C VAL A 457 -0.57 8.32 19.64
N LYS A 458 0.70 7.94 19.67
CA LYS A 458 1.21 6.74 19.03
C LYS A 458 1.67 5.77 20.12
N ILE A 459 1.23 4.53 20.03
CA ILE A 459 1.57 3.51 21.02
C ILE A 459 2.84 2.78 20.59
N GLU A 460 3.65 2.42 21.58
CA GLU A 460 4.91 1.71 21.40
C GLU A 460 4.82 0.45 22.24
N PRO A 461 4.30 -0.65 21.70
CA PRO A 461 4.15 -1.88 22.48
C PRO A 461 5.47 -2.52 22.92
N LEU A 462 6.58 -2.20 22.28
CA LEU A 462 7.86 -2.79 22.68
C LEU A 462 8.37 -2.10 23.94
N GLY A 463 8.76 -2.89 24.93
CA GLY A 463 9.27 -2.35 26.18
C GLY A 463 10.43 -3.19 26.66
N VAL A 464 11.23 -2.61 27.57
CA VAL A 464 12.41 -3.26 28.12
C VAL A 464 12.46 -2.99 29.62
N ALA A 465 12.78 -4.03 30.41
CA ALA A 465 12.88 -3.90 31.86
C ALA A 465 13.71 -5.07 32.39
N PRO A 466 14.31 -4.93 33.58
CA PRO A 466 15.11 -6.02 34.15
C PRO A 466 14.32 -6.92 35.08
N THR A 467 14.90 -8.10 35.35
CA THR A 467 14.33 -9.12 36.24
C THR A 467 15.43 -10.16 36.51
N ARG A 468 15.05 -11.23 37.22
CA ARG A 468 15.98 -12.30 37.59
C ARG A 468 16.12 -13.42 36.58
N CYS A 469 15.29 -13.47 35.53
CA CYS A 469 15.37 -14.53 34.54
C CYS A 469 16.68 -14.51 33.76
N LYS A 470 17.32 -15.67 33.62
CA LYS A 470 18.52 -15.77 32.80
C LYS A 470 18.10 -16.43 31.48
N ARG A 471 18.99 -17.11 30.77
CA ARG A 471 18.63 -17.82 29.55
C ARG A 471 19.06 -19.27 29.65
N ARG A 472 18.21 -20.18 29.17
CA ARG A 472 18.49 -21.60 29.23
C ARG A 472 19.44 -21.95 28.09
N VAL A 473 20.72 -22.04 28.39
CA VAL A 473 21.74 -22.31 27.38
C VAL A 473 21.61 -23.74 26.87
N VAL A 474 21.47 -23.88 25.56
CA VAL A 474 21.35 -25.19 24.91
C VAL A 474 22.32 -25.25 23.74
N ALA B 1 -17.64 -11.04 35.57
CA ALA B 1 -18.11 -10.22 36.69
C ALA B 1 -16.92 -9.71 37.50
N VAL B 2 -16.96 -8.41 37.85
CA VAL B 2 -15.89 -7.81 38.64
C VAL B 2 -15.91 -8.37 40.06
N GLY B 3 -14.74 -8.40 40.69
CA GLY B 3 -14.63 -8.92 42.02
C GLY B 3 -13.33 -8.49 42.68
N ILE B 4 -13.09 -9.07 43.86
CA ILE B 4 -11.88 -8.77 44.63
C ILE B 4 -10.64 -9.46 44.08
N GLY B 5 -10.78 -10.31 43.08
CA GLY B 5 -9.65 -11.03 42.51
C GLY B 5 -9.02 -10.27 41.35
N ALA B 6 -9.08 -10.84 40.16
CA ALA B 6 -8.49 -10.21 38.99
C ALA B 6 -9.45 -9.18 38.39
N VAL B 7 -8.88 -8.33 37.53
CA VAL B 7 -9.62 -7.27 36.85
C VAL B 7 -9.25 -7.34 35.36
N PHE B 8 -10.22 -7.00 34.52
CA PHE B 8 -10.01 -7.09 33.08
C PHE B 8 -9.41 -5.81 32.49
N LEU B 9 -10.05 -4.66 32.75
CA LEU B 9 -9.67 -3.33 32.27
C LEU B 9 -9.86 -3.30 30.75
N GLY B 10 -9.29 -2.33 30.06
CA GLY B 10 -9.46 -2.28 28.63
C GLY B 10 -8.16 -2.04 27.91
N PHE B 11 -8.21 -1.76 26.59
CA PHE B 11 -7.01 -1.45 25.83
C PHE B 11 -6.36 -0.23 26.48
N LEU B 12 -5.03 -0.32 26.70
CA LEU B 12 -4.23 0.72 27.38
C LEU B 12 -4.83 1.07 28.75
N GLY B 13 -5.49 0.09 29.39
CA GLY B 13 -6.12 0.25 30.69
C GLY B 13 -5.19 0.13 31.87
N ALA B 14 -3.99 -0.39 31.67
CA ALA B 14 -3.02 -0.53 32.75
C ALA B 14 -1.88 0.47 32.63
N ALA B 15 -2.12 1.58 31.92
CA ALA B 15 -1.11 2.62 31.76
C ALA B 15 -0.80 3.31 33.08
N GLY B 16 -1.79 3.44 33.96
CA GLY B 16 -1.58 4.05 35.25
C GLY B 16 -1.29 3.08 36.37
N SER B 17 -1.15 1.80 36.07
CA SER B 17 -0.86 0.77 37.06
C SER B 17 0.64 0.48 37.04
N THR B 18 1.10 -0.22 38.07
CA THR B 18 2.52 -0.54 38.15
C THR B 18 2.89 -1.57 37.06
N MET B 19 4.19 -1.70 36.81
CA MET B 19 4.68 -2.63 35.79
C MET B 19 4.34 -4.08 36.11
N GLY B 20 4.46 -4.48 37.38
CA GLY B 20 4.14 -5.86 37.76
C GLY B 20 2.70 -6.22 37.47
N ALA B 21 1.77 -5.33 37.80
CA ALA B 21 0.36 -5.60 37.53
C ALA B 21 0.04 -5.43 36.05
N ALA B 22 0.68 -4.47 35.37
CA ALA B 22 0.43 -4.23 33.96
C ALA B 22 1.02 -5.31 33.06
N SER B 23 1.95 -6.12 33.56
CA SER B 23 2.53 -7.17 32.73
C SER B 23 1.57 -8.31 32.45
N MET B 24 0.41 -8.36 33.11
CA MET B 24 -0.53 -9.44 32.84
C MET B 24 -1.42 -9.14 31.64
N THR B 25 -1.49 -7.88 31.20
CA THR B 25 -2.31 -7.47 30.08
C THR B 25 -1.49 -7.18 28.82
N LEU B 26 -0.46 -7.98 28.57
CA LEU B 26 0.36 -7.76 27.38
C LEU B 26 -0.33 -8.21 26.11
N THR B 27 -1.28 -9.13 26.20
CA THR B 27 -1.96 -9.66 25.03
C THR B 27 -2.98 -8.66 24.46
N VAL B 28 -3.69 -7.93 25.32
CA VAL B 28 -4.71 -6.98 24.85
C VAL B 28 -4.07 -5.85 24.04
N GLN B 29 -2.86 -5.40 24.41
CA GLN B 29 -2.21 -4.33 23.66
C GLN B 29 -1.64 -4.85 22.33
N ALA B 30 -1.15 -6.10 22.32
CA ALA B 30 -0.56 -6.66 21.12
C ALA B 30 -1.62 -7.07 20.08
N ARG B 31 -2.77 -7.55 20.52
CA ARG B 31 -3.80 -7.97 19.58
C ARG B 31 -4.53 -6.82 18.90
N ASN B 32 -4.35 -5.59 19.37
CA ASN B 32 -5.00 -4.42 18.79
C ASN B 32 -4.11 -3.61 17.86
N LEU B 33 -2.86 -4.05 17.63
CA LEU B 33 -1.96 -3.32 16.75
C LEU B 33 -2.42 -3.37 15.30
N LEU B 34 -2.95 -4.50 14.86
CA LEU B 34 -3.41 -4.62 13.47
C LEU B 34 -4.80 -4.01 13.31
N LEU B 57 -12.59 10.89 -5.76
CA LEU B 57 -12.04 10.77 -4.42
C LEU B 57 -10.77 9.91 -4.42
N THR B 58 -9.88 10.20 -5.36
CA THR B 58 -8.64 9.43 -5.45
C THR B 58 -7.63 9.81 -4.37
N VAL B 59 -7.64 11.07 -3.93
CA VAL B 59 -6.71 11.53 -2.90
C VAL B 59 -6.98 10.83 -1.58
N TRP B 60 -8.26 10.70 -1.20
CA TRP B 60 -8.60 10.03 0.06
C TRP B 60 -8.20 8.56 0.04
N GLY B 61 -8.25 7.93 -1.13
CA GLY B 61 -7.81 6.55 -1.23
C GLY B 61 -6.33 6.46 -0.93
N ILE B 62 -5.57 7.44 -1.42
CA ILE B 62 -4.13 7.50 -1.18
C ILE B 62 -3.87 7.67 0.31
N LYS B 63 -4.64 8.56 0.98
CA LYS B 63 -4.46 8.79 2.40
C LYS B 63 -4.78 7.54 3.22
N GLN B 64 -5.88 6.85 2.90
CA GLN B 64 -6.24 5.63 3.64
C GLN B 64 -5.19 4.53 3.44
N LEU B 65 -4.72 4.37 2.19
CA LEU B 65 -3.68 3.39 1.92
C LEU B 65 -2.39 3.74 2.63
N GLN B 66 -2.07 5.04 2.73
CA GLN B 66 -0.87 5.48 3.43
C GLN B 66 -0.95 5.10 4.91
N ALA B 67 -2.12 5.32 5.51
CA ALA B 67 -2.30 4.98 6.93
C ALA B 67 -2.14 3.47 7.15
N ARG B 68 -2.79 2.66 6.29
CA ARG B 68 -2.69 1.20 6.43
C ARG B 68 -1.26 0.72 6.22
N VAL B 69 -0.57 1.26 5.20
CA VAL B 69 0.81 0.87 4.92
C VAL B 69 1.72 1.24 6.07
N LEU B 70 1.53 2.44 6.66
CA LEU B 70 2.35 2.86 7.79
C LEU B 70 2.14 1.93 8.98
N ALA B 71 0.89 1.54 9.24
CA ALA B 71 0.60 0.61 10.33
C ALA B 71 1.29 -0.73 10.11
N VAL B 72 1.31 -1.18 8.85
CA VAL B 72 1.95 -2.46 8.53
C VAL B 72 3.47 -2.34 8.68
N GLU B 73 4.06 -1.23 8.24
CA GLU B 73 5.52 -1.07 8.38
C GLU B 73 5.93 -1.03 9.84
N ARG B 74 5.13 -0.34 10.67
CA ARG B 74 5.45 -0.26 12.10
C ARG B 74 5.40 -1.64 12.75
N TYR B 75 4.35 -2.42 12.44
CA TYR B 75 4.24 -3.76 13.01
C TYR B 75 5.37 -4.65 12.53
N LEU B 76 5.71 -4.56 11.23
CA LEU B 76 6.80 -5.36 10.67
C LEU B 76 8.14 -4.98 11.28
N ARG B 77 8.36 -3.68 11.54
CA ARG B 77 9.60 -3.24 12.15
C ARG B 77 9.73 -3.79 13.56
N ASP B 78 8.64 -3.76 14.33
CA ASP B 78 8.68 -4.31 15.69
C ASP B 78 8.96 -5.81 15.65
N GLN B 79 8.29 -6.53 14.74
CA GLN B 79 8.50 -7.96 14.59
C GLN B 79 9.92 -8.28 14.15
N GLN B 80 10.48 -7.43 13.27
CA GLN B 80 11.85 -7.62 12.80
C GLN B 80 12.84 -7.45 13.95
N LEU B 81 12.63 -6.42 14.78
CA LEU B 81 13.50 -6.18 15.93
C LEU B 81 13.45 -7.37 16.88
N LEU B 82 12.24 -7.92 17.08
CA LEU B 82 12.10 -9.08 17.94
C LEU B 82 12.79 -10.30 17.33
N GLY B 83 12.69 -10.44 16.00
CA GLY B 83 13.30 -11.55 15.31
C GLY B 83 14.81 -11.56 15.35
N ILE B 84 15.44 -10.37 15.26
CA ILE B 84 16.90 -10.29 15.32
C ILE B 84 17.40 -10.81 16.66
N TRP B 85 16.66 -10.54 17.73
CA TRP B 85 17.01 -11.01 19.05
C TRP B 85 16.67 -12.50 19.17
N GLY B 86 16.98 -13.10 20.32
CA GLY B 86 16.72 -14.51 20.51
C GLY B 86 15.30 -14.90 20.87
N CYS B 87 14.31 -14.13 20.42
CA CYS B 87 12.91 -14.39 20.69
C CYS B 87 12.15 -14.33 19.37
N SER B 88 11.94 -15.50 18.75
CA SER B 88 11.23 -15.58 17.47
C SER B 88 9.83 -14.97 17.58
N GLY B 89 9.06 -15.43 18.56
CA GLY B 89 7.74 -14.88 18.80
C GLY B 89 7.17 -15.38 20.09
N LYS B 90 6.91 -14.44 21.01
CA LYS B 90 6.33 -14.64 22.34
C LYS B 90 6.24 -13.25 22.98
N LEU B 91 5.24 -13.04 23.83
CA LEU B 91 5.08 -11.74 24.47
C LEU B 91 6.11 -11.46 25.56
N ILE B 92 6.67 -12.50 26.18
CA ILE B 92 7.67 -12.34 27.23
C ILE B 92 8.83 -13.29 26.92
N CYS B 93 10.05 -12.77 26.97
CA CYS B 93 11.21 -13.60 26.72
C CYS B 93 12.40 -13.08 27.50
N CYS B 94 13.37 -13.95 27.70
CA CYS B 94 14.58 -13.67 28.46
C CYS B 94 15.82 -13.61 27.57
N THR B 95 16.79 -12.79 27.97
CA THR B 95 18.04 -12.60 27.25
C THR B 95 19.21 -12.89 28.17
N ASN B 96 20.33 -13.33 27.59
CA ASN B 96 21.52 -13.70 28.37
C ASN B 96 22.57 -12.59 28.46
N VAL B 97 22.24 -11.48 29.12
CA VAL B 97 23.15 -10.36 29.36
C VAL B 97 22.76 -9.74 30.70
N PRO B 98 23.73 -9.46 31.57
CA PRO B 98 23.40 -8.90 32.89
C PRO B 98 23.01 -7.43 32.79
N TRP B 99 22.27 -6.94 33.78
CA TRP B 99 21.85 -5.51 33.78
C TRP B 99 22.99 -4.64 34.30
N ASN B 100 23.07 -3.39 33.81
CA ASN B 100 24.11 -2.45 34.29
C ASN B 100 23.45 -1.35 35.14
N SER B 101 23.87 -1.22 36.40
CA SER B 101 23.25 -0.21 37.32
C SER B 101 23.37 1.18 36.70
N SER B 102 24.42 1.42 35.91
CA SER B 102 24.64 2.76 35.32
C SER B 102 23.34 3.26 34.68
N TRP B 103 22.59 2.36 34.04
CA TRP B 103 21.32 2.76 33.38
C TRP B 103 20.32 3.25 34.44
N SER B 104 19.98 2.39 35.41
CA SER B 104 18.96 2.77 36.43
C SER B 104 19.57 2.71 37.84
N ASN B 105 20.04 1.53 38.26
CA ASN B 105 20.63 1.36 39.62
C ASN B 105 19.50 1.25 40.65
N ARG B 106 18.25 1.34 40.20
CA ARG B 106 17.08 1.28 41.13
C ARG B 106 16.91 -0.14 41.66
N ASN B 107 16.21 -0.30 42.78
CA ASN B 107 15.95 -1.65 43.37
C ASN B 107 15.18 -2.50 42.37
N LEU B 108 15.09 -3.81 42.62
CA LEU B 108 14.27 -4.67 41.77
C LEU B 108 12.79 -4.50 42.09
N SER B 109 12.40 -4.80 43.33
CA SER B 109 11.00 -4.70 43.75
C SER B 109 10.46 -3.27 43.69
N GLU B 110 11.32 -2.26 43.85
CA GLU B 110 10.83 -0.88 43.82
C GLU B 110 10.36 -0.47 42.43
N ILE B 111 10.88 -1.11 41.37
CA ILE B 111 10.45 -0.76 40.03
C ILE B 111 9.10 -1.39 39.70
N TRP B 112 9.03 -2.71 39.82
CA TRP B 112 7.81 -3.44 39.46
C TRP B 112 6.63 -3.09 40.37
N ASP B 113 6.87 -2.90 41.68
CA ASP B 113 5.78 -2.62 42.61
C ASP B 113 5.57 -1.14 42.96
N ASN B 114 6.33 -0.20 42.39
CA ASN B 114 6.09 1.19 42.77
C ASN B 114 6.26 2.13 41.58
N MET B 115 6.36 1.63 40.35
CA MET B 115 6.53 2.51 39.21
C MET B 115 5.74 1.99 38.02
N THR B 116 5.16 2.92 37.26
CA THR B 116 4.39 2.59 36.07
C THR B 116 5.31 2.43 34.86
N TRP B 117 4.72 2.04 33.73
CA TRP B 117 5.51 1.84 32.51
C TRP B 117 5.96 3.16 31.88
N LEU B 118 5.12 4.20 31.95
CA LEU B 118 5.47 5.49 31.35
C LEU B 118 6.69 6.12 32.02
N GLN B 119 6.71 6.15 33.36
CA GLN B 119 7.85 6.72 34.08
C GLN B 119 9.13 5.95 33.81
N TRP B 120 9.05 4.61 33.83
CA TRP B 120 10.22 3.78 33.57
C TRP B 120 10.72 4.00 32.16
N ASP B 121 9.80 4.13 31.18
CA ASP B 121 10.20 4.37 29.80
C ASP B 121 10.91 5.71 29.67
N LYS B 122 10.39 6.73 30.38
CA LYS B 122 11.01 8.05 30.34
C LYS B 122 12.42 8.00 30.92
N GLU B 123 12.62 7.18 31.96
CA GLU B 123 13.94 7.08 32.60
C GLU B 123 14.94 6.32 31.74
N ILE B 124 14.51 5.25 31.06
CA ILE B 124 15.42 4.44 30.25
C ILE B 124 15.51 4.94 28.79
N SER B 125 14.74 5.97 28.43
CA SER B 125 14.72 6.50 27.05
C SER B 125 16.09 6.91 26.55
N ASN B 126 16.95 7.43 27.42
CA ASN B 126 18.28 7.88 27.00
C ASN B 126 19.27 6.74 26.83
N TYR B 127 18.90 5.51 27.21
CA TYR B 127 19.79 4.36 27.11
C TYR B 127 19.20 3.18 26.34
N THR B 128 18.19 3.41 25.48
CA THR B 128 17.60 2.30 24.75
C THR B 128 18.49 1.77 23.63
N GLN B 129 19.12 2.66 22.86
CA GLN B 129 19.97 2.25 21.74
C GLN B 129 21.14 1.36 22.17
N ILE B 130 21.68 1.60 23.37
CA ILE B 130 22.79 0.78 23.84
C ILE B 130 22.33 -0.63 24.16
N ILE B 131 21.18 -0.77 24.83
CA ILE B 131 20.66 -2.09 25.13
C ILE B 131 20.28 -2.80 23.85
N TYR B 132 19.72 -2.06 22.89
CA TYR B 132 19.32 -2.62 21.59
C TYR B 132 20.52 -3.13 20.82
N GLY B 133 21.69 -2.52 21.02
CA GLY B 133 22.88 -2.99 20.33
C GLY B 133 23.49 -4.18 21.03
N LEU B 134 23.47 -4.14 22.37
CA LEU B 134 24.01 -5.24 23.18
C LEU B 134 23.25 -6.53 22.94
N LEU B 135 21.92 -6.45 22.82
CA LEU B 135 21.11 -7.64 22.58
C LEU B 135 21.49 -8.29 21.24
N GLU B 136 21.66 -7.47 20.20
CA GLU B 136 22.04 -7.95 18.88
C GLU B 136 23.41 -8.62 18.93
N GLU B 137 24.37 -8.00 19.64
CA GLU B 137 25.72 -8.56 19.77
C GLU B 137 25.68 -9.93 20.45
N SER B 138 24.94 -10.01 21.57
CA SER B 138 24.83 -11.27 22.29
C SER B 138 24.16 -12.34 21.46
N GLN B 139 23.14 -11.96 20.68
CA GLN B 139 22.45 -12.93 19.83
C GLN B 139 23.38 -13.47 18.75
N ASN B 140 24.18 -12.60 18.12
CA ASN B 140 25.10 -13.06 17.09
C ASN B 140 26.14 -14.01 17.66
N GLN B 141 26.69 -13.65 18.83
CA GLN B 141 27.69 -14.51 19.49
C GLN B 141 27.08 -15.85 19.88
N GLN B 142 25.87 -15.84 20.44
CA GLN B 142 25.19 -17.05 20.85
C GLN B 142 24.89 -17.95 19.65
N GLU B 143 24.46 -17.34 18.54
CA GLU B 143 24.14 -18.10 17.34
C GLU B 143 25.38 -18.80 16.79
N LYS B 144 26.49 -18.06 16.66
CA LYS B 144 27.71 -18.69 16.14
C LYS B 144 28.23 -19.77 17.10
N ASN B 145 28.15 -19.53 18.42
CA ASN B 145 28.59 -20.51 19.39
C ASN B 145 27.73 -21.78 19.33
N GLU B 146 26.41 -21.60 19.18
CA GLU B 146 25.49 -22.74 19.09
C GLU B 146 25.76 -23.54 17.84
N GLN B 147 26.01 -22.85 16.71
CA GLN B 147 26.30 -23.55 15.46
C GLN B 147 27.59 -24.36 15.58
N ASP B 148 28.63 -23.76 16.17
CA ASP B 148 29.90 -24.46 16.35
C ASP B 148 29.74 -25.66 17.29
N LEU B 149 28.96 -25.49 18.36
CA LEU B 149 28.71 -26.56 19.33
C LEU B 149 27.96 -27.72 18.67
N LEU B 150 26.95 -27.40 17.86
CA LEU B 150 26.18 -28.43 17.18
C LEU B 150 26.94 -29.08 16.03
N ALA B 151 27.99 -28.43 15.51
CA ALA B 151 28.76 -29.01 14.42
C ALA B 151 29.79 -30.05 14.84
N LEU B 152 29.80 -30.55 16.07
CA LEU B 152 30.79 -31.55 16.48
C LEU B 152 30.25 -32.97 16.39
N ASP B 153 29.03 -33.15 15.89
CA ASP B 153 28.41 -34.47 15.77
C ASP B 153 29.17 -35.38 14.79
N GLN C 1 -19.30 -33.98 34.75
CA GLN C 1 -19.95 -32.68 34.77
C GLN C 1 -19.90 -32.12 36.19
N VAL C 2 -19.77 -30.79 36.30
CA VAL C 2 -19.71 -30.14 37.60
C VAL C 2 -21.09 -30.18 38.25
N GLN C 3 -21.13 -30.62 39.50
CA GLN C 3 -22.38 -30.73 40.25
C GLN C 3 -22.17 -30.23 41.67
N LEU C 4 -23.18 -29.56 42.20
CA LEU C 4 -23.16 -29.03 43.56
C LEU C 4 -24.26 -29.71 44.36
N GLN C 5 -24.04 -29.87 45.66
CA GLN C 5 -25.02 -30.55 46.52
C GLN C 5 -24.97 -29.88 47.88
N GLU C 6 -26.12 -29.41 48.37
CA GLU C 6 -26.20 -28.75 49.66
C GLU C 6 -26.40 -29.78 50.79
N SER C 7 -26.25 -29.30 52.03
CA SER C 7 -26.39 -30.13 53.22
C SER C 7 -26.46 -29.24 54.45
N GLY C 8 -27.26 -29.67 55.43
CA GLY C 8 -27.44 -28.95 56.67
C GLY C 8 -28.77 -29.26 57.33
N PRO C 9 -29.03 -28.67 58.50
CA PRO C 9 -30.28 -28.92 59.20
C PRO C 9 -31.49 -28.41 58.45
N GLY C 10 -32.63 -29.06 58.66
CA GLY C 10 -33.86 -28.68 58.00
C GLY C 10 -34.71 -27.71 58.82
N LEU C 11 -34.78 -27.92 60.13
CA LEU C 11 -35.55 -27.07 61.01
C LEU C 11 -34.60 -26.42 62.01
N VAL C 12 -34.66 -25.09 62.09
CA VAL C 12 -33.81 -24.32 63.00
C VAL C 12 -34.69 -23.37 63.80
N LYS C 13 -34.54 -23.40 65.13
CA LYS C 13 -35.32 -22.54 66.01
C LYS C 13 -34.85 -21.09 65.86
N PRO C 14 -35.57 -20.11 66.43
CA PRO C 14 -35.12 -18.73 66.33
C PRO C 14 -34.04 -18.39 67.35
N SER C 15 -33.26 -17.35 67.01
CA SER C 15 -32.17 -16.69 67.74
C SER C 15 -30.81 -17.42 67.72
N GLU C 16 -30.68 -18.64 67.22
CA GLU C 16 -29.35 -19.24 67.23
C GLU C 16 -28.72 -19.10 65.84
N THR C 17 -27.56 -19.70 65.66
CA THR C 17 -26.83 -19.64 64.40
C THR C 17 -27.29 -20.70 63.41
N LEU C 18 -27.10 -20.39 62.13
CA LEU C 18 -27.46 -21.26 61.02
C LEU C 18 -26.19 -21.72 60.31
N SER C 19 -26.17 -22.98 59.88
CA SER C 19 -25.01 -23.54 59.21
C SER C 19 -25.41 -24.40 58.03
N LEU C 20 -24.81 -24.13 56.87
CA LEU C 20 -25.06 -24.87 55.64
C LEU C 20 -23.72 -25.22 55.00
N THR C 21 -23.70 -26.33 54.26
CA THR C 21 -22.49 -26.78 53.59
C THR C 21 -22.85 -27.23 52.18
N CYS C 22 -22.14 -26.68 51.20
CA CYS C 22 -22.36 -27.00 49.79
C CYS C 22 -21.12 -27.73 49.26
N GLY C 23 -21.34 -28.93 48.73
CA GLY C 23 -20.24 -29.71 48.18
C GLY C 23 -20.02 -29.42 46.71
N VAL C 24 -18.80 -29.68 46.25
CA VAL C 24 -18.42 -29.47 44.85
C VAL C 24 -17.78 -30.73 44.33
N SER C 25 -18.22 -31.17 43.15
CA SER C 25 -17.70 -32.36 42.50
C SER C 25 -17.49 -32.06 41.03
N GLY C 26 -16.46 -32.69 40.45
CA GLY C 26 -16.14 -32.49 39.06
C GLY C 26 -15.31 -31.27 38.75
N ASP C 27 -15.00 -30.44 39.74
CA ASP C 27 -14.19 -29.24 39.54
C ASP C 27 -13.56 -28.85 40.85
N SER C 28 -12.38 -28.25 40.76
CA SER C 28 -11.63 -27.81 41.92
C SER C 28 -12.05 -26.40 42.35
N ILE C 29 -12.22 -26.22 43.67
CA ILE C 29 -12.59 -24.93 44.24
C ILE C 29 -11.48 -23.90 44.05
N THR C 30 -10.25 -24.36 43.86
CA THR C 30 -9.08 -23.51 43.66
C THR C 30 -8.90 -23.04 42.22
N ARG C 31 -9.97 -23.00 41.41
CA ARG C 31 -9.88 -22.56 40.02
C ARG C 31 -9.33 -21.15 39.97
N ASN C 32 -8.44 -20.90 38.99
CA ASN C 32 -7.75 -19.62 38.87
C ASN C 32 -8.69 -18.42 38.72
N TYR C 33 -9.67 -18.48 37.83
CA TYR C 33 -10.49 -17.29 37.61
C TYR C 33 -11.98 -17.49 37.80
N TYR C 34 -12.43 -18.05 38.93
CA TYR C 34 -13.86 -18.27 39.18
C TYR C 34 -14.19 -17.93 40.62
N TYR C 35 -15.48 -17.66 40.86
CA TYR C 35 -16.04 -17.31 42.16
C TYR C 35 -17.15 -18.29 42.55
N TRP C 36 -17.54 -18.22 43.82
CA TRP C 36 -18.60 -19.08 44.39
C TRP C 36 -19.48 -18.23 45.29
N HIS C 37 -20.74 -18.06 44.91
CA HIS C 37 -21.72 -17.28 45.64
C HIS C 37 -22.76 -18.13 46.35
N TRP C 38 -23.50 -17.45 47.23
CA TRP C 38 -24.60 -18.01 48.01
C TRP C 38 -25.78 -17.09 47.79
N ILE C 39 -26.86 -17.62 47.20
CA ILE C 39 -28.04 -16.83 46.90
C ILE C 39 -29.26 -17.54 47.48
N ARG C 40 -30.23 -16.76 47.93
CA ARG C 40 -31.46 -17.29 48.50
C ARG C 40 -32.65 -16.67 47.78
N GLN C 41 -33.74 -17.42 47.71
CA GLN C 41 -34.95 -16.99 47.04
C GLN C 41 -36.15 -17.17 47.96
N SER C 42 -36.99 -16.14 48.05
CA SER C 42 -38.18 -16.16 48.87
C SER C 42 -39.31 -15.52 48.08
N PRO C 43 -40.57 -15.89 48.35
CA PRO C 43 -41.68 -15.28 47.62
C PRO C 43 -41.82 -13.80 47.92
N GLY C 44 -42.19 -13.04 46.90
CA GLY C 44 -42.37 -11.60 47.07
C GLY C 44 -41.12 -10.73 47.13
N LYS C 45 -40.13 -11.13 47.92
CA LYS C 45 -38.91 -10.35 48.07
C LYS C 45 -37.91 -10.61 46.93
N GLY C 46 -38.00 -11.76 46.27
CA GLY C 46 -37.11 -12.07 45.17
C GLY C 46 -35.82 -12.76 45.57
N LEU C 47 -34.74 -12.51 44.84
CA LEU C 47 -33.45 -13.11 45.10
C LEU C 47 -32.53 -12.12 45.81
N GLU C 48 -31.67 -12.66 46.67
CA GLU C 48 -30.72 -11.85 47.43
C GLU C 48 -29.37 -12.56 47.52
N GLY C 49 -28.30 -11.80 47.30
CA GLY C 49 -26.96 -12.34 47.38
C GLY C 49 -26.35 -12.14 48.75
N LEU C 50 -26.26 -13.23 49.52
CA LEU C 50 -25.69 -13.17 50.87
C LEU C 50 -24.21 -12.80 50.85
N GLY C 51 -23.44 -13.45 50.00
CA GLY C 51 -22.01 -13.18 49.91
C GLY C 51 -21.34 -14.17 48.99
N TYR C 52 -20.02 -14.06 48.92
CA TYR C 52 -19.24 -14.94 48.06
C TYR C 52 -17.79 -14.97 48.53
N ILE C 53 -17.13 -16.07 48.18
CA ILE C 53 -15.72 -16.28 48.51
C ILE C 53 -14.94 -16.45 47.20
N ALA C 54 -13.91 -15.64 47.04
CA ALA C 54 -13.10 -15.69 45.84
C ALA C 54 -12.06 -16.81 45.94
N TYR C 55 -11.39 -17.05 44.80
CA TYR C 55 -10.36 -18.07 44.74
C TYR C 55 -9.17 -17.75 45.65
N THR C 56 -8.91 -16.46 45.89
CA THR C 56 -7.81 -16.03 46.75
C THR C 56 -8.07 -16.29 48.23
N GLY C 57 -9.29 -16.67 48.60
CA GLY C 57 -9.65 -16.92 49.98
C GLY C 57 -10.38 -15.77 50.63
N GLY C 58 -10.31 -14.57 50.04
CA GLY C 58 -11.00 -13.43 50.59
C GLY C 58 -12.50 -13.57 50.47
N THR C 59 -13.22 -12.88 51.36
CA THR C 59 -14.67 -12.91 51.40
C THR C 59 -15.22 -11.50 51.39
N ASP C 60 -16.35 -11.33 50.71
CA ASP C 60 -17.05 -10.04 50.61
C ASP C 60 -18.51 -10.31 50.93
N TYR C 61 -19.05 -9.54 51.86
CA TYR C 61 -20.43 -9.69 52.30
C TYR C 61 -21.29 -8.50 51.89
N SER C 62 -22.58 -8.75 51.74
CA SER C 62 -23.52 -7.71 51.37
C SER C 62 -23.69 -6.73 52.54
N PRO C 63 -24.04 -5.46 52.26
CA PRO C 63 -24.20 -4.49 53.36
C PRO C 63 -25.31 -4.84 54.35
N SER C 64 -26.38 -5.49 53.91
CA SER C 64 -27.49 -5.84 54.79
C SER C 64 -27.26 -7.13 55.56
N PHE C 65 -26.17 -7.85 55.28
CA PHE C 65 -25.87 -9.11 55.97
C PHE C 65 -24.46 -9.20 56.51
N LYS C 66 -23.60 -8.21 56.26
CA LYS C 66 -22.20 -8.22 56.71
C LYS C 66 -22.05 -8.44 58.21
N SER C 67 -23.00 -7.98 59.02
CA SER C 67 -22.87 -8.16 60.46
C SER C 67 -23.30 -9.54 60.92
N ARG C 68 -23.91 -10.36 60.06
CA ARG C 68 -24.37 -11.69 60.46
C ARG C 68 -23.85 -12.84 59.61
N VAL C 69 -23.53 -12.64 58.32
CA VAL C 69 -23.08 -13.75 57.48
C VAL C 69 -21.57 -13.94 57.67
N THR C 70 -21.12 -15.18 57.46
CA THR C 70 -19.71 -15.55 57.57
C THR C 70 -19.52 -16.77 56.67
N ILE C 71 -18.52 -16.70 55.80
CA ILE C 71 -18.23 -17.77 54.84
C ILE C 71 -16.79 -18.22 55.03
N SER C 72 -16.56 -19.53 54.92
CA SER C 72 -15.24 -20.13 55.06
C SER C 72 -15.12 -21.25 54.03
N ARG C 73 -13.89 -21.64 53.75
CA ARG C 73 -13.63 -22.68 52.77
C ARG C 73 -12.74 -23.76 53.37
N ASP C 74 -12.83 -24.95 52.77
CA ASP C 74 -12.05 -26.13 53.17
C ASP C 74 -11.58 -26.81 51.89
N THR C 75 -10.41 -26.39 51.39
CA THR C 75 -9.86 -26.96 50.16
C THR C 75 -9.40 -28.40 50.30
N SER C 76 -9.21 -28.91 51.52
CA SER C 76 -8.78 -30.30 51.70
C SER C 76 -9.81 -31.29 51.18
N LYS C 77 -11.09 -31.10 51.51
CA LYS C 77 -12.15 -31.98 51.03
C LYS C 77 -12.94 -31.41 49.86
N ASN C 78 -12.53 -30.24 49.34
CA ASN C 78 -13.17 -29.56 48.20
C ASN C 78 -14.63 -29.22 48.49
N GLN C 79 -14.81 -28.37 49.49
CA GLN C 79 -16.13 -27.92 49.91
C GLN C 79 -15.98 -26.61 50.68
N PHE C 80 -17.10 -25.89 50.81
CA PHE C 80 -17.15 -24.62 51.50
C PHE C 80 -18.46 -24.52 52.26
N SER C 81 -18.46 -23.75 53.34
CA SER C 81 -19.63 -23.58 54.18
C SER C 81 -19.90 -22.12 54.50
N LEU C 82 -21.13 -21.87 54.97
CA LEU C 82 -21.61 -20.55 55.35
C LEU C 82 -22.26 -20.64 56.72
N LYS C 83 -21.99 -19.65 57.56
CA LYS C 83 -22.55 -19.57 58.90
C LYS C 83 -23.25 -18.23 59.04
N LEU C 84 -24.52 -18.27 59.45
CA LEU C 84 -25.33 -17.07 59.64
C LEU C 84 -25.82 -17.01 61.08
N THR C 85 -25.49 -15.92 61.77
CA THR C 85 -25.89 -15.73 63.16
C THR C 85 -27.11 -14.84 63.25
N SER C 86 -27.81 -14.95 64.39
CA SER C 86 -29.02 -14.19 64.71
C SER C 86 -30.13 -14.40 63.67
N VAL C 87 -30.51 -15.66 63.48
CA VAL C 87 -31.56 -16.00 62.52
C VAL C 87 -32.91 -15.46 63.00
N THR C 88 -33.75 -15.07 62.04
CA THR C 88 -35.07 -14.54 62.31
C THR C 88 -36.09 -15.32 61.51
N VAL C 89 -37.38 -15.09 61.81
CA VAL C 89 -38.45 -15.79 61.11
C VAL C 89 -38.50 -15.39 59.62
N ALA C 90 -38.06 -14.16 59.30
CA ALA C 90 -38.05 -13.69 57.92
C ALA C 90 -37.00 -14.37 57.06
N ASP C 91 -36.08 -15.13 57.66
CA ASP C 91 -35.04 -15.83 56.92
C ASP C 91 -35.51 -17.14 56.30
N THR C 92 -36.75 -17.55 56.54
CA THR C 92 -37.28 -18.79 55.98
C THR C 92 -37.36 -18.66 54.45
N ALA C 93 -36.45 -19.34 53.76
CA ALA C 93 -36.37 -19.30 52.31
C ALA C 93 -35.48 -20.44 51.83
N VAL C 94 -35.53 -20.71 50.54
CA VAL C 94 -34.73 -21.75 49.93
C VAL C 94 -33.36 -21.17 49.59
N TYR C 95 -32.31 -21.87 49.99
CA TYR C 95 -30.94 -21.43 49.78
C TYR C 95 -30.30 -22.16 48.60
N PHE C 96 -29.52 -21.41 47.82
CA PHE C 96 -28.84 -21.91 46.64
C PHE C 96 -27.35 -21.58 46.72
N CYS C 97 -26.52 -22.54 46.34
CA CYS C 97 -25.08 -22.35 46.28
C CYS C 97 -24.73 -22.40 44.80
N ALA C 98 -24.13 -21.33 44.29
CA ALA C 98 -23.83 -21.27 42.87
C ALA C 98 -22.42 -20.75 42.61
N ARG C 99 -21.93 -21.08 41.42
CA ARG C 99 -20.62 -20.69 40.92
C ARG C 99 -20.76 -19.56 39.89
N GLU C 100 -19.77 -18.65 39.86
CA GLU C 100 -19.86 -17.50 38.92
C GLU C 100 -18.62 -17.41 38.03
N ARG C 101 -18.48 -16.32 37.26
CA ARG C 101 -17.33 -16.16 36.33
C ARG C 101 -16.60 -14.84 36.59
N GLY C 102 -15.31 -14.92 36.92
CA GLY C 102 -14.52 -13.70 37.17
C GLY C 102 -13.98 -13.11 35.88
N ASP C 103 -13.61 -11.82 35.90
CA ASP C 103 -13.04 -11.18 34.70
C ASP C 103 -11.53 -11.43 34.67
N SER C 104 -11.06 -12.27 33.75
CA SER C 104 -9.61 -12.59 33.64
C SER C 104 -8.87 -11.36 33.12
N TYR C 105 -7.55 -11.31 33.33
CA TYR C 105 -6.73 -10.15 32.89
C TYR C 105 -6.84 -10.01 31.36
N ILE C 106 -7.13 -11.11 30.65
CA ILE C 106 -7.20 -11.07 29.19
C ILE C 106 -8.63 -10.84 28.70
N TYR C 107 -9.62 -11.48 29.32
CA TYR C 107 -11.02 -11.38 28.87
C TYR C 107 -11.95 -11.27 30.08
N SER C 108 -13.16 -10.77 29.83
CA SER C 108 -14.18 -10.64 30.86
C SER C 108 -15.29 -11.66 30.62
N TYR C 109 -15.62 -12.42 31.66
CA TYR C 109 -16.65 -13.45 31.58
C TYR C 109 -17.65 -13.22 32.70
N ASP C 110 -18.94 -13.20 32.34
CA ASP C 110 -20.00 -12.96 33.31
C ASP C 110 -21.07 -14.04 33.16
N GLY C 111 -21.61 -14.48 34.29
CA GLY C 111 -22.67 -15.47 34.26
C GLY C 111 -22.57 -16.59 35.27
N VAL C 112 -23.67 -16.86 35.97
CA VAL C 112 -23.74 -17.98 36.89
C VAL C 112 -23.95 -19.25 36.07
N ASP C 113 -22.98 -20.16 36.16
CA ASP C 113 -23.05 -21.39 35.37
C ASP C 113 -23.95 -22.45 36.00
N PHE C 114 -23.60 -22.94 37.17
CA PHE C 114 -24.34 -24.00 37.83
C PHE C 114 -24.91 -23.55 39.17
N TRP C 115 -26.01 -24.19 39.56
CA TRP C 115 -26.71 -23.94 40.80
C TRP C 115 -26.92 -25.26 41.53
N GLY C 116 -27.28 -25.17 42.81
CA GLY C 116 -27.53 -26.33 43.63
C GLY C 116 -28.96 -26.82 43.47
N GLN C 117 -29.31 -27.83 44.25
CA GLN C 117 -30.67 -28.36 44.16
C GLN C 117 -31.66 -27.57 45.00
N GLY C 118 -31.20 -26.59 45.77
CA GLY C 118 -32.09 -25.78 46.56
C GLY C 118 -32.66 -26.38 47.83
N LEU C 119 -31.81 -26.60 48.83
CA LEU C 119 -32.29 -27.15 50.10
C LEU C 119 -33.19 -26.12 50.77
N LEU C 120 -34.37 -26.56 51.21
CA LEU C 120 -35.34 -25.66 51.83
C LEU C 120 -35.05 -25.57 53.33
N VAL C 121 -34.88 -24.35 53.81
CA VAL C 121 -34.62 -24.07 55.22
C VAL C 121 -35.86 -23.44 55.82
N THR C 122 -36.37 -24.02 56.91
CA THR C 122 -37.56 -23.54 57.59
C THR C 122 -37.16 -23.10 58.99
N VAL C 123 -37.37 -21.81 59.28
CA VAL C 123 -37.05 -21.24 60.58
C VAL C 123 -38.37 -21.02 61.31
N SER C 124 -38.67 -21.92 62.25
CA SER C 124 -39.90 -21.85 63.02
C SER C 124 -39.71 -22.66 64.31
N SER C 125 -40.68 -22.55 65.19
CA SER C 125 -40.64 -23.27 66.46
C SER C 125 -42.02 -23.81 66.84
N ASP D 1 -28.00 0.82 45.96
CA ASP D 1 -28.28 -0.51 45.44
C ASP D 1 -28.87 -0.44 44.03
N ALA D 2 -28.28 -1.19 43.10
CA ALA D 2 -28.75 -1.23 41.72
C ALA D 2 -29.98 -2.13 41.67
N VAL D 3 -31.15 -1.52 41.55
CA VAL D 3 -32.42 -2.25 41.51
C VAL D 3 -32.82 -2.48 40.05
N LEU D 4 -33.35 -3.66 39.77
CA LEU D 4 -33.79 -4.03 38.44
C LEU D 4 -35.31 -4.09 38.42
N THR D 5 -35.92 -3.53 37.37
CA THR D 5 -37.37 -3.51 37.23
C THR D 5 -37.78 -4.06 35.88
N GLN D 6 -38.45 -5.21 35.87
CA GLN D 6 -38.93 -5.83 34.65
C GLN D 6 -40.35 -5.38 34.35
N SER D 7 -40.79 -5.68 33.12
CA SER D 7 -42.13 -5.37 32.62
C SER D 7 -42.34 -6.09 31.29
N PRO D 8 -43.54 -6.69 31.06
CA PRO D 8 -44.70 -6.77 31.94
C PRO D 8 -44.54 -7.83 33.04
N LEU D 9 -45.28 -7.72 34.13
CA LEU D 9 -45.19 -8.69 35.21
C LEU D 9 -45.66 -10.06 34.75
N SER D 10 -46.76 -10.12 34.02
CA SER D 10 -47.32 -11.36 33.49
C SER D 10 -47.49 -11.21 31.99
N LEU D 11 -47.17 -12.25 31.25
CA LEU D 11 -47.25 -12.26 29.80
C LEU D 11 -47.99 -13.49 29.29
N PRO D 12 -49.34 -13.48 29.33
CA PRO D 12 -50.08 -14.64 28.82
C PRO D 12 -49.88 -14.75 27.31
N ILE D 13 -49.53 -15.96 26.86
CA ILE D 13 -49.23 -16.26 25.46
C ILE D 13 -49.69 -17.66 25.06
N THR D 14 -49.48 -17.99 23.80
CA THR D 14 -49.80 -19.28 23.20
C THR D 14 -48.65 -19.68 22.30
N PRO D 15 -48.47 -20.97 22.01
CA PRO D 15 -47.37 -21.40 21.14
C PRO D 15 -47.52 -20.91 19.70
N GLY D 16 -46.37 -20.69 19.06
CA GLY D 16 -46.35 -20.25 17.67
C GLY D 16 -46.39 -18.76 17.42
N GLU D 17 -46.00 -17.94 18.39
CA GLU D 17 -46.00 -16.49 18.23
C GLU D 17 -44.80 -15.94 19.00
N PRO D 18 -44.28 -14.77 18.61
CA PRO D 18 -43.14 -14.22 19.34
C PRO D 18 -43.54 -13.64 20.69
N ALA D 19 -42.53 -13.48 21.53
CA ALA D 19 -42.72 -12.93 22.88
C ALA D 19 -41.57 -11.99 23.19
N SER D 20 -41.81 -11.05 24.08
CA SER D 20 -40.81 -10.07 24.46
C SER D 20 -40.89 -9.74 25.94
N ILE D 21 -39.72 -9.59 26.56
CA ILE D 21 -39.58 -9.28 27.98
C ILE D 21 -38.57 -8.14 28.06
N SER D 22 -38.86 -7.12 28.86
CA SER D 22 -37.99 -5.97 29.02
C SER D 22 -37.45 -5.87 30.43
N CYS D 23 -36.20 -5.44 30.54
CA CYS D 23 -35.50 -5.27 31.81
C CYS D 23 -34.82 -3.91 31.81
N ARG D 24 -35.04 -3.15 32.89
CA ARG D 24 -34.47 -1.82 33.04
C ARG D 24 -33.73 -1.72 34.36
N SER D 25 -32.59 -1.03 34.34
CA SER D 25 -31.75 -0.84 35.52
C SER D 25 -31.78 0.60 35.97
N SER D 26 -31.67 0.80 37.29
CA SER D 26 -31.67 2.15 37.83
C SER D 26 -30.35 2.87 37.57
N GLN D 27 -29.27 2.12 37.39
CA GLN D 27 -27.95 2.68 37.12
C GLN D 27 -27.40 2.03 35.85
N SER D 28 -26.57 2.80 35.14
CA SER D 28 -25.95 2.33 33.91
C SER D 28 -25.04 1.14 34.17
N LEU D 29 -25.19 0.11 33.35
CA LEU D 29 -24.40 -1.11 33.48
C LEU D 29 -23.12 -1.08 32.66
N LEU D 30 -22.81 0.04 32.00
CA LEU D 30 -21.60 0.14 31.20
C LEU D 30 -20.44 0.41 32.16
N HIS D 31 -19.52 -0.54 32.26
CA HIS D 31 -18.38 -0.42 33.15
C HIS D 31 -17.31 0.47 32.53
N THR D 32 -16.37 0.91 33.39
CA THR D 32 -15.25 1.76 33.02
C THR D 32 -14.42 1.17 31.88
N ASN D 33 -14.29 -0.16 31.84
CA ASN D 33 -13.53 -0.85 30.80
C ASN D 33 -14.26 -0.97 29.47
N GLY D 34 -15.43 -0.35 29.32
CA GLY D 34 -16.17 -0.42 28.07
C GLY D 34 -16.91 -1.71 27.85
N GLU D 35 -17.26 -2.43 28.92
CA GLU D 35 -17.99 -3.68 28.82
C GLU D 35 -19.28 -3.62 29.63
N THR D 36 -20.25 -4.41 29.21
CA THR D 36 -21.54 -4.50 29.86
C THR D 36 -21.66 -5.83 30.59
N TYR D 37 -22.44 -5.84 31.67
CA TYR D 37 -22.62 -7.05 32.49
C TYR D 37 -24.10 -7.27 32.79
N LEU D 38 -24.71 -8.20 32.05
CA LEU D 38 -26.11 -8.55 32.24
C LEU D 38 -26.31 -9.99 31.78
N ASN D 39 -27.12 -10.73 32.53
CA ASN D 39 -27.39 -12.13 32.24
C ASN D 39 -28.89 -12.39 32.40
N TRP D 40 -29.41 -13.28 31.56
CA TRP D 40 -30.82 -13.66 31.58
C TRP D 40 -30.94 -15.08 32.10
N TYR D 41 -31.81 -15.27 33.10
CA TYR D 41 -31.98 -16.58 33.71
C TYR D 41 -33.41 -17.08 33.51
N GLN D 42 -33.57 -18.40 33.67
CA GLN D 42 -34.84 -19.09 33.55
C GLN D 42 -34.97 -20.04 34.73
N GLN D 43 -36.21 -20.23 35.19
CA GLN D 43 -36.45 -21.13 36.32
C GLN D 43 -37.83 -21.75 36.17
N LYS D 44 -37.86 -23.07 35.97
CA LYS D 44 -39.12 -23.79 35.83
C LYS D 44 -39.80 -23.93 37.19
N THR D 45 -41.03 -24.42 37.17
CA THR D 45 -41.82 -24.61 38.38
C THR D 45 -41.18 -25.67 39.27
N GLY D 46 -40.57 -25.22 40.37
CA GLY D 46 -39.94 -26.11 41.33
C GLY D 46 -38.51 -26.52 41.01
N GLN D 47 -37.96 -26.07 39.89
CA GLN D 47 -36.59 -26.42 39.51
C GLN D 47 -35.62 -25.30 39.85
N ARG D 48 -34.34 -25.61 39.74
CA ARG D 48 -33.26 -24.68 40.00
C ARG D 48 -33.13 -23.71 38.82
N PRO D 49 -32.51 -22.54 39.02
CA PRO D 49 -32.36 -21.60 37.91
C PRO D 49 -31.40 -22.12 36.85
N ARG D 50 -31.50 -21.51 35.66
CA ARG D 50 -30.67 -21.88 34.53
C ARG D 50 -30.34 -20.62 33.74
N LEU D 51 -29.06 -20.45 33.41
CA LEU D 51 -28.59 -19.29 32.68
C LEU D 51 -28.89 -19.46 31.18
N LEU D 52 -29.63 -18.53 30.59
CA LEU D 52 -29.94 -18.65 29.17
C LEU D 52 -28.95 -17.88 28.31
N ILE D 53 -28.90 -16.55 28.46
CA ILE D 53 -28.00 -15.72 27.67
C ILE D 53 -27.09 -15.01 28.67
N SER D 54 -25.91 -14.62 28.21
CA SER D 54 -24.95 -13.93 29.05
C SER D 54 -24.42 -12.73 28.28
N GLN D 55 -23.72 -11.85 29.01
CA GLN D 55 -23.07 -10.62 28.52
C GLN D 55 -23.92 -9.89 27.48
N VAL D 56 -25.18 -9.65 27.86
CA VAL D 56 -26.23 -8.96 27.10
C VAL D 56 -26.64 -9.80 25.90
N SER D 57 -25.75 -9.99 24.93
CA SER D 57 -26.08 -10.72 23.70
C SER D 57 -25.03 -11.78 23.36
N LYS D 58 -24.78 -12.70 24.30
CA LYS D 58 -23.87 -13.82 24.05
C LYS D 58 -24.61 -15.11 24.46
N ARG D 59 -25.08 -15.85 23.47
CA ARG D 59 -25.87 -17.06 23.71
C ARG D 59 -25.03 -18.18 24.31
N GLU D 60 -25.53 -18.81 25.38
CA GLU D 60 -24.86 -19.91 26.03
C GLU D 60 -24.90 -21.18 25.18
N ILE D 61 -24.01 -22.11 25.48
CA ILE D 61 -23.95 -23.38 24.76
C ILE D 61 -25.08 -24.28 25.26
N GLY D 62 -25.74 -24.98 24.34
CA GLY D 62 -26.83 -25.89 24.67
C GLY D 62 -28.22 -25.30 24.77
N VAL D 63 -28.37 -23.99 24.70
CA VAL D 63 -29.69 -23.34 24.78
C VAL D 63 -30.14 -23.16 23.33
N PRO D 64 -31.39 -23.45 22.99
CA PRO D 64 -31.85 -23.26 21.60
C PRO D 64 -31.76 -21.80 21.16
N ASP D 65 -31.54 -21.61 19.86
CA ASP D 65 -31.40 -20.29 19.25
C ASP D 65 -32.69 -19.48 19.20
N ARG D 66 -33.82 -20.03 19.67
CA ARG D 66 -35.07 -19.28 19.67
C ARG D 66 -34.99 -18.04 20.56
N PHE D 67 -34.24 -18.14 21.65
CA PHE D 67 -34.05 -17.03 22.57
C PHE D 67 -33.03 -16.04 22.03
N SER D 68 -33.26 -14.76 22.26
CA SER D 68 -32.34 -13.73 21.79
C SER D 68 -32.49 -12.50 22.68
N ALA D 69 -31.46 -11.67 22.69
CA ALA D 69 -31.46 -10.46 23.50
C ALA D 69 -30.56 -9.42 22.86
N SER D 70 -30.78 -8.16 23.24
CA SER D 70 -30.02 -7.02 22.74
C SER D 70 -30.30 -5.83 23.64
N GLY D 71 -29.43 -4.84 23.56
CA GLY D 71 -29.57 -3.63 24.34
C GLY D 71 -28.21 -3.06 24.70
N ALA D 72 -28.25 -1.94 25.42
CA ALA D 72 -27.08 -1.21 25.87
C ALA D 72 -27.52 -0.14 26.85
N GLY D 73 -26.58 0.29 27.69
CA GLY D 73 -26.84 1.32 28.69
C GLY D 73 -27.76 0.87 29.80
N SER D 74 -28.99 1.39 29.82
CA SER D 74 -29.97 1.04 30.84
C SER D 74 -31.23 0.41 30.26
N ASP D 75 -31.25 0.11 28.96
CA ASP D 75 -32.40 -0.49 28.30
C ASP D 75 -31.98 -1.78 27.63
N PHE D 76 -32.59 -2.89 28.05
CA PHE D 76 -32.31 -4.22 27.52
C PHE D 76 -33.63 -4.97 27.39
N THR D 77 -33.70 -5.86 26.39
CA THR D 77 -34.89 -6.66 26.13
C THR D 77 -34.51 -8.06 25.69
N LEU D 78 -35.39 -9.02 25.98
CA LEU D 78 -35.23 -10.41 25.62
C LEU D 78 -36.31 -10.76 24.61
N LYS D 79 -35.91 -11.19 23.41
CA LYS D 79 -36.85 -11.51 22.34
C LYS D 79 -36.79 -12.99 22.00
N ILE D 80 -37.94 -13.64 21.99
CA ILE D 80 -38.07 -15.05 21.64
C ILE D 80 -38.70 -15.11 20.26
N SER D 81 -37.96 -15.65 19.28
CA SER D 81 -38.47 -15.74 17.90
C SER D 81 -39.72 -16.61 17.82
N ARG D 82 -39.71 -17.75 18.49
CA ARG D 82 -40.87 -18.65 18.49
C ARG D 82 -40.89 -19.40 19.82
N VAL D 83 -41.94 -19.21 20.58
CA VAL D 83 -42.09 -19.83 21.89
C VAL D 83 -42.74 -21.21 21.73
N GLU D 84 -42.46 -22.09 22.68
CA GLU D 84 -42.99 -23.45 22.72
C GLU D 84 -43.69 -23.66 24.05
N ALA D 85 -44.40 -24.78 24.16
CA ALA D 85 -45.12 -25.10 25.40
C ALA D 85 -44.22 -25.40 26.58
N GLU D 86 -42.95 -25.73 26.35
CA GLU D 86 -42.02 -26.03 27.42
C GLU D 86 -41.25 -24.82 27.93
N ASP D 87 -41.56 -23.62 27.42
CA ASP D 87 -40.88 -22.39 27.83
C ASP D 87 -41.51 -21.73 29.06
N VAL D 88 -42.52 -22.35 29.67
CA VAL D 88 -43.16 -21.78 30.85
C VAL D 88 -42.18 -21.72 32.02
N GLY D 89 -42.33 -20.71 32.87
CA GLY D 89 -41.45 -20.54 34.01
C GLY D 89 -41.04 -19.10 34.24
N LEU D 90 -40.42 -18.83 35.38
CA LEU D 90 -39.98 -17.48 35.70
C LEU D 90 -38.73 -17.10 34.93
N TYR D 91 -38.57 -15.81 34.68
CA TYR D 91 -37.43 -15.26 33.96
C TYR D 91 -36.83 -14.13 34.78
N PHE D 92 -35.51 -14.14 34.91
CA PHE D 92 -34.79 -13.14 35.69
C PHE D 92 -33.68 -12.51 34.85
N CYS D 93 -33.40 -11.24 35.13
CA CYS D 93 -32.35 -10.49 34.46
C CYS D 93 -31.37 -10.05 35.55
N GLY D 94 -30.23 -10.73 35.63
CA GLY D 94 -29.23 -10.44 36.62
C GLY D 94 -28.11 -9.54 36.13
N GLN D 95 -27.41 -8.93 37.08
CA GLN D 95 -26.31 -8.04 36.81
C GLN D 95 -25.14 -8.43 37.69
N GLY D 96 -23.94 -8.41 37.12
CA GLY D 96 -22.75 -8.78 37.87
C GLY D 96 -21.69 -7.70 37.93
N LEU D 97 -22.13 -6.44 38.06
CA LEU D 97 -21.19 -5.33 38.12
C LEU D 97 -21.24 -4.61 39.47
N HIS D 98 -22.40 -4.14 39.90
CA HIS D 98 -22.51 -3.42 41.17
C HIS D 98 -22.73 -4.38 42.32
N TRP D 99 -22.09 -4.07 43.46
CA TRP D 99 -22.19 -4.85 44.69
C TRP D 99 -23.16 -4.18 45.64
N PRO D 100 -24.11 -4.91 46.25
CA PRO D 100 -24.36 -6.35 46.11
C PRO D 100 -25.10 -6.73 44.83
N ARG D 101 -24.96 -8.00 44.44
CA ARG D 101 -25.61 -8.49 43.23
C ARG D 101 -27.12 -8.54 43.45
N THR D 102 -27.88 -8.19 42.40
CA THR D 102 -29.32 -8.17 42.49
C THR D 102 -29.93 -8.75 41.23
N PHE D 103 -31.19 -9.16 41.34
CA PHE D 103 -31.95 -9.72 40.24
C PHE D 103 -33.34 -9.11 40.26
N GLY D 104 -34.01 -9.13 39.10
CA GLY D 104 -35.34 -8.57 38.99
C GLY D 104 -36.36 -9.34 39.83
N GLN D 105 -37.54 -8.73 39.98
CA GLN D 105 -38.61 -9.37 40.75
C GLN D 105 -39.12 -10.64 40.11
N GLY D 106 -38.96 -10.79 38.79
CA GLY D 106 -39.38 -11.99 38.11
C GLY D 106 -40.62 -11.84 37.24
N THR D 107 -40.55 -12.39 36.03
CA THR D 107 -41.64 -12.37 35.06
C THR D 107 -42.05 -13.80 34.78
N ARG D 108 -43.34 -14.09 34.93
CA ARG D 108 -43.86 -15.42 34.70
C ARG D 108 -44.51 -15.54 33.33
N VAL D 109 -44.38 -16.72 32.74
CA VAL D 109 -44.92 -17.03 31.43
C VAL D 109 -45.84 -18.24 31.59
N ASP D 110 -47.07 -18.12 31.10
CA ASP D 110 -48.05 -19.18 31.20
C ASP D 110 -48.93 -19.16 29.97
N ILE D 111 -49.52 -20.31 29.66
CA ILE D 111 -50.41 -20.44 28.51
C ILE D 111 -51.66 -19.59 28.69
N LYS D 112 -52.08 -18.95 27.62
CA LYS D 112 -53.27 -18.08 27.63
C LYS D 112 -54.54 -18.89 27.78
N GLU E 2 33.44 -37.84 5.55
CA GLU E 2 32.94 -36.54 5.97
C GLU E 2 31.49 -36.34 5.52
N ASN E 3 30.60 -36.12 6.48
CA ASN E 3 29.19 -35.91 6.20
C ASN E 3 28.90 -34.42 6.05
N LEU E 4 28.23 -34.06 4.96
CA LEU E 4 27.88 -32.69 4.65
C LEU E 4 26.36 -32.57 4.65
N TRP E 5 25.86 -31.49 5.25
CA TRP E 5 24.43 -31.24 5.33
C TRP E 5 24.18 -29.83 4.83
N VAL E 6 22.96 -29.57 4.35
CA VAL E 6 22.68 -28.23 3.82
C VAL E 6 22.13 -27.35 4.93
N THR E 7 22.43 -26.06 4.83
CA THR E 7 21.98 -25.05 5.78
C THR E 7 21.55 -23.80 5.03
N VAL E 8 20.66 -23.01 5.64
CA VAL E 8 20.16 -21.79 5.04
C VAL E 8 20.63 -20.60 5.87
N TYR E 9 21.09 -19.56 5.17
CA TYR E 9 21.59 -18.34 5.79
C TYR E 9 20.75 -17.16 5.31
N TYR E 10 20.26 -16.36 6.26
CA TYR E 10 19.43 -15.19 5.95
C TYR E 10 20.24 -13.93 6.22
N GLY E 11 20.48 -13.15 5.18
CA GLY E 11 21.24 -11.93 5.28
C GLY E 11 22.60 -11.92 4.62
N VAL E 12 22.83 -12.79 3.64
CA VAL E 12 24.11 -12.87 2.93
C VAL E 12 24.24 -11.72 1.94
N PRO E 13 25.47 -11.21 1.69
CA PRO E 13 25.63 -10.10 0.74
C PRO E 13 25.69 -10.56 -0.72
N VAL E 14 24.51 -10.75 -1.30
CA VAL E 14 24.34 -11.20 -2.68
C VAL E 14 23.33 -10.25 -3.33
N TRP E 15 23.56 -9.92 -4.61
CA TRP E 15 22.65 -9.03 -5.31
C TRP E 15 22.56 -9.43 -6.78
N LYS E 16 21.60 -8.82 -7.48
CA LYS E 16 21.35 -9.07 -8.90
C LYS E 16 20.78 -7.80 -9.52
N ASP E 17 20.91 -7.71 -10.84
CA ASP E 17 20.41 -6.54 -11.56
C ASP E 17 18.89 -6.59 -11.67
N ALA E 18 18.26 -5.42 -11.57
CA ALA E 18 16.80 -5.29 -11.66
C ALA E 18 16.45 -3.82 -11.84
N GLU E 19 15.18 -3.59 -12.20
CA GLU E 19 14.64 -2.25 -12.42
C GLU E 19 13.82 -1.83 -11.21
N THR E 20 13.94 -0.56 -10.83
CA THR E 20 13.21 -0.05 -9.68
C THR E 20 12.82 1.40 -9.93
N THR E 21 11.66 1.81 -9.41
CA THR E 21 11.16 3.17 -9.55
C THR E 21 11.85 4.06 -8.53
N LEU E 22 12.94 4.70 -8.96
CA LEU E 22 13.69 5.61 -8.09
C LEU E 22 12.87 6.85 -7.78
N PHE E 23 13.01 7.37 -6.57
CA PHE E 23 12.30 8.57 -6.13
C PHE E 23 13.28 9.70 -5.86
N CYS E 24 12.92 10.90 -6.28
CA CYS E 24 13.79 12.05 -6.10
C CYS E 24 13.84 12.50 -4.64
N ALA E 25 14.90 13.26 -4.33
CA ALA E 25 15.16 13.82 -3.02
C ALA E 25 15.86 15.15 -3.22
N SER E 26 15.67 16.07 -2.29
CA SER E 26 16.29 17.39 -2.39
C SER E 26 16.38 18.00 -0.99
N ASP E 27 17.00 19.19 -0.93
CA ASP E 27 17.17 19.91 0.33
C ASP E 27 15.87 20.50 0.86
N ALA E 28 14.82 20.57 0.03
CA ALA E 28 13.49 21.10 0.39
C ALA E 28 13.58 22.56 0.84
N LYS E 29 14.44 23.34 0.19
CA LYS E 29 14.62 24.74 0.53
C LYS E 29 13.59 25.60 -0.20
N HIS E 36 9.17 30.28 -6.31
CA HIS E 36 9.49 28.91 -6.68
C HIS E 36 10.08 28.83 -8.08
N ASN E 37 10.41 27.60 -8.50
CA ASN E 37 10.97 27.33 -9.81
C ASN E 37 10.15 26.25 -10.51
N VAL E 38 10.46 26.04 -11.80
CA VAL E 38 9.76 25.04 -12.60
C VAL E 38 9.96 23.63 -12.02
N TRP E 39 11.16 23.35 -11.49
CA TRP E 39 11.43 22.05 -10.87
C TRP E 39 10.91 22.19 -9.45
N ALA E 40 9.62 21.85 -9.28
CA ALA E 40 8.86 21.94 -8.03
C ALA E 40 9.60 21.53 -6.76
N THR E 41 10.12 20.29 -6.73
CA THR E 41 10.87 19.65 -5.64
C THR E 41 10.01 19.32 -4.42
N HIS E 42 8.72 19.66 -4.43
CA HIS E 42 7.87 19.35 -3.28
C HIS E 42 7.57 17.87 -3.21
N ALA E 43 7.54 17.19 -4.36
CA ALA E 43 7.30 15.75 -4.37
C ALA E 43 8.52 14.98 -3.88
N CYS E 44 9.68 15.61 -3.89
CA CYS E 44 10.91 14.97 -3.44
C CYS E 44 10.98 15.03 -1.92
N VAL E 45 11.34 13.91 -1.30
CA VAL E 45 11.44 13.84 0.17
C VAL E 45 12.73 14.55 0.58
N PRO E 46 12.84 15.05 1.81
CA PRO E 46 14.10 15.72 2.22
C PRO E 46 15.29 14.77 2.19
N THR E 47 16.43 15.29 1.79
CA THR E 47 17.65 14.49 1.73
C THR E 47 18.37 14.46 3.08
N ASP E 48 19.06 13.36 3.32
CA ASP E 48 19.80 13.19 4.56
C ASP E 48 20.97 14.17 4.58
N PRO E 49 21.25 14.83 5.71
CA PRO E 49 22.38 15.77 5.77
C PRO E 49 23.76 15.16 5.53
N ASN E 50 23.91 13.85 5.72
CA ASN E 50 25.20 13.16 5.53
C ASN E 50 25.05 11.77 4.92
N PRO E 51 24.95 11.69 3.59
CA PRO E 51 24.81 10.39 2.91
C PRO E 51 25.97 9.44 3.20
N GLN E 52 25.63 8.17 3.39
CA GLN E 52 26.61 7.14 3.71
C GLN E 52 27.14 6.50 2.44
N GLU E 53 28.47 6.42 2.32
CA GLU E 53 29.13 5.80 1.18
C GLU E 53 30.07 4.74 1.73
N ILE E 54 29.89 3.49 1.29
CA ILE E 54 30.69 2.37 1.75
C ILE E 54 31.44 1.79 0.55
N HIS E 55 32.76 1.63 0.70
CA HIS E 55 33.57 1.07 -0.36
C HIS E 55 33.54 -0.44 -0.28
N LEU E 56 33.49 -1.09 -1.44
CA LEU E 56 33.45 -2.55 -1.51
C LEU E 56 34.77 -3.06 -2.05
N GLU E 57 35.57 -3.67 -1.19
CA GLU E 57 36.86 -4.19 -1.62
C GLU E 57 36.71 -5.61 -2.16
N ASN E 58 37.66 -5.99 -3.01
CA ASN E 58 37.75 -7.33 -3.62
C ASN E 58 36.45 -7.73 -4.34
N VAL E 59 36.05 -6.92 -5.31
CA VAL E 59 34.86 -7.19 -6.13
C VAL E 59 34.82 -6.21 -7.30
N THR E 60 34.26 -6.68 -8.43
CA THR E 60 34.09 -5.92 -9.66
C THR E 60 32.70 -6.20 -10.20
N GLU E 61 32.11 -5.21 -10.85
CA GLU E 61 30.78 -5.33 -11.42
C GLU E 61 30.79 -4.88 -12.87
N GLU E 62 29.98 -5.55 -13.69
CA GLU E 62 29.89 -5.26 -15.11
C GLU E 62 28.97 -4.08 -15.34
N PHE E 63 29.54 -2.89 -15.47
CA PHE E 63 28.75 -1.69 -15.73
C PHE E 63 28.47 -1.60 -17.22
N ASN E 64 27.31 -1.03 -17.57
CA ASN E 64 26.95 -0.91 -18.98
C ASN E 64 25.95 0.24 -19.15
N MET E 65 26.33 1.24 -19.94
CA MET E 65 25.44 2.36 -20.21
C MET E 65 24.51 1.98 -21.35
N TRP E 66 23.62 2.91 -21.73
CA TRP E 66 22.64 2.75 -22.80
C TRP E 66 21.62 1.64 -22.56
N LYS E 67 21.62 1.05 -21.35
CA LYS E 67 20.71 -0.03 -20.99
C LYS E 67 20.10 0.16 -19.61
N ASN E 68 20.73 0.93 -18.72
CA ASN E 68 20.19 1.15 -17.38
C ASN E 68 18.87 1.91 -17.44
N ASN E 69 17.92 1.49 -16.61
CA ASN E 69 16.61 2.14 -16.57
C ASN E 69 16.64 3.48 -15.85
N MET E 70 17.77 3.85 -15.23
CA MET E 70 17.85 5.12 -14.50
C MET E 70 17.66 6.31 -15.42
N VAL E 71 18.25 6.29 -16.62
CA VAL E 71 18.10 7.40 -17.55
C VAL E 71 16.65 7.57 -18.01
N GLU E 72 15.97 6.45 -18.32
CA GLU E 72 14.57 6.52 -18.75
C GLU E 72 13.67 6.99 -17.61
N GLN E 73 13.94 6.52 -16.39
CA GLN E 73 13.15 6.95 -15.23
C GLN E 73 13.34 8.43 -14.98
N MET E 74 14.58 8.92 -15.09
CA MET E 74 14.86 10.34 -14.90
C MET E 74 14.13 11.18 -15.96
N HIS E 75 14.17 10.71 -17.21
CA HIS E 75 13.51 11.42 -18.32
C HIS E 75 12.00 11.50 -18.06
N THR E 76 11.40 10.37 -17.67
CA THR E 76 9.96 10.33 -17.39
C THR E 76 9.61 11.27 -16.26
N ASP E 77 10.45 11.30 -15.20
CA ASP E 77 10.20 12.20 -14.07
C ASP E 77 10.29 13.66 -14.50
N ILE E 78 11.25 13.99 -15.36
CA ILE E 78 11.39 15.37 -15.84
C ILE E 78 10.16 15.78 -16.64
N ILE E 79 9.68 14.88 -17.51
CA ILE E 79 8.47 15.16 -18.30
C ILE E 79 7.27 15.39 -17.39
N SER E 80 7.10 14.52 -16.39
CA SER E 80 5.99 14.62 -15.45
C SER E 80 6.02 15.94 -14.68
N LEU E 81 7.19 16.30 -14.14
CA LEU E 81 7.32 17.55 -13.38
C LEU E 81 7.07 18.76 -14.27
N TRP E 82 7.61 18.74 -15.50
CA TRP E 82 7.43 19.85 -16.43
C TRP E 82 5.97 20.03 -16.79
N ASP E 83 5.26 18.92 -17.03
CA ASP E 83 3.84 19.01 -17.37
C ASP E 83 3.01 19.48 -16.18
N GLN E 84 3.34 19.01 -14.98
CA GLN E 84 2.60 19.42 -13.78
C GLN E 84 2.81 20.89 -13.48
N SER E 85 4.02 21.40 -13.75
CA SER E 85 4.32 22.81 -13.49
C SER E 85 3.53 23.77 -14.37
N LEU E 86 3.02 23.32 -15.51
CA LEU E 86 2.28 24.19 -16.42
C LEU E 86 0.76 24.06 -16.26
N LYS E 87 0.29 23.26 -15.31
CA LYS E 87 -1.15 23.09 -15.09
C LYS E 87 -1.87 24.37 -14.67
N PRO E 88 -1.43 25.16 -13.68
CA PRO E 88 -2.21 26.36 -13.33
C PRO E 88 -2.07 27.52 -14.31
N CYS E 89 -1.17 27.46 -15.27
CA CYS E 89 -1.01 28.54 -16.23
C CYS E 89 -2.21 28.63 -17.17
N VAL E 90 -2.41 29.82 -17.72
CA VAL E 90 -3.53 30.13 -18.60
C VAL E 90 -3.29 29.63 -20.03
N LYS E 91 -4.38 29.23 -20.69
CA LYS E 91 -4.34 28.77 -22.07
C LYS E 91 -4.33 29.99 -22.98
N LEU E 92 -3.57 29.91 -24.07
CA LEU E 92 -3.49 31.03 -25.02
C LEU E 92 -4.38 30.82 -26.24
N THR E 93 -5.53 30.18 -26.07
CA THR E 93 -6.41 29.95 -27.22
C THR E 93 -7.10 31.18 -27.82
N PRO E 94 -7.48 32.27 -27.12
CA PRO E 94 -8.12 33.38 -27.83
C PRO E 94 -7.17 34.33 -28.54
N LEU E 95 -5.87 34.01 -28.57
CA LEU E 95 -4.91 34.90 -29.22
C LEU E 95 -4.74 34.60 -30.70
N CYS E 96 -5.17 33.43 -31.19
CA CYS E 96 -5.02 33.12 -32.61
C CYS E 96 -5.97 33.97 -33.44
N VAL E 97 -5.51 35.17 -33.80
CA VAL E 97 -6.25 36.13 -34.60
C VAL E 97 -5.32 36.61 -35.70
N THR E 98 -5.88 37.20 -36.75
CA THR E 98 -5.07 37.70 -37.85
C THR E 98 -4.31 38.95 -37.42
N LEU E 99 -2.99 38.82 -37.30
CA LEU E 99 -2.14 39.93 -36.89
C LEU E 99 -1.71 40.74 -38.11
N GLN E 100 -1.49 42.04 -37.89
CA GLN E 100 -1.02 42.96 -38.92
C GLN E 100 0.30 43.51 -38.40
N CYS E 101 1.40 43.14 -39.05
CA CYS E 101 2.71 43.54 -38.57
C CYS E 101 3.44 44.44 -39.57
N THR E 102 4.52 45.03 -39.07
CA THR E 102 5.40 45.92 -39.81
C THR E 102 6.78 45.77 -39.18
N ASN E 103 7.84 45.88 -39.99
CA ASN E 103 9.19 45.72 -39.46
C ASN E 103 9.58 46.89 -38.56
N VAL E 104 10.43 46.59 -37.58
CA VAL E 104 10.94 47.57 -36.64
C VAL E 104 12.26 48.06 -37.20
N THR E 105 12.32 49.35 -37.52
CA THR E 105 13.53 49.94 -38.09
C THR E 105 14.08 51.12 -37.30
N ASN E 106 13.51 51.43 -36.14
CA ASN E 106 14.00 52.53 -35.33
C ASN E 106 15.31 52.13 -34.66
N ASN E 107 16.41 52.75 -35.09
CA ASN E 107 17.77 52.49 -34.59
C ASN E 107 18.19 51.03 -34.77
N ILE E 108 17.73 50.39 -35.84
CA ILE E 108 18.07 49.01 -36.11
C ILE E 108 19.43 48.91 -36.79
N THR E 109 20.12 47.81 -36.55
CA THR E 109 21.43 47.56 -37.13
C THR E 109 21.26 46.74 -38.42
N ASP E 110 22.34 46.67 -39.20
CA ASP E 110 22.30 45.93 -40.45
C ASP E 110 22.09 44.43 -40.26
N ASP E 111 22.59 43.87 -39.15
CA ASP E 111 22.41 42.44 -38.91
C ASP E 111 21.04 42.11 -38.32
N MET E 112 20.49 42.99 -37.48
CA MET E 112 19.20 42.76 -36.85
C MET E 112 18.04 43.21 -37.74
N ARG E 113 18.33 43.73 -38.94
CA ARG E 113 17.30 44.20 -39.87
C ARG E 113 16.31 43.11 -40.23
N GLY E 114 15.04 43.32 -39.89
CA GLY E 114 13.98 42.37 -40.18
C GLY E 114 13.85 41.22 -39.19
N GLU E 115 14.60 41.23 -38.10
CA GLU E 115 14.51 40.16 -37.12
C GLU E 115 13.30 40.30 -36.22
N LEU E 116 12.76 41.52 -36.07
CA LEU E 116 11.61 41.77 -35.23
C LEU E 116 10.53 42.48 -36.03
N LYS E 117 9.29 42.32 -35.58
CA LYS E 117 8.13 42.92 -36.23
C LYS E 117 7.21 43.52 -35.17
N ASN E 118 6.64 44.68 -35.51
CA ASN E 118 5.71 45.39 -34.63
C ASN E 118 4.31 45.04 -35.12
N CYS E 119 3.59 44.25 -34.33
CA CYS E 119 2.27 43.78 -34.69
C CYS E 119 1.18 44.38 -33.81
N SER E 120 0.01 44.56 -34.42
CA SER E 120 -1.18 45.10 -33.78
C SER E 120 -2.32 44.15 -34.12
N PHE E 121 -3.23 43.94 -33.17
CA PHE E 121 -4.34 43.01 -33.40
C PHE E 121 -5.41 43.20 -32.34
N ASN E 122 -6.62 42.78 -32.69
CA ASN E 122 -7.77 42.82 -31.79
C ASN E 122 -7.63 41.74 -30.74
N MET E 123 -8.16 42.00 -29.55
CA MET E 123 -8.08 41.02 -28.49
C MET E 123 -9.27 41.20 -27.55
N THR E 124 -9.78 40.08 -27.03
CA THR E 124 -10.91 40.12 -26.11
C THR E 124 -10.49 40.70 -24.76
N THR E 125 -11.50 41.12 -24.00
CA THR E 125 -11.28 41.69 -22.67
C THR E 125 -12.12 40.95 -21.64
N GLU E 126 -12.17 41.47 -20.41
CA GLU E 126 -12.94 40.84 -19.34
C GLU E 126 -14.42 40.72 -19.67
N LEU E 127 -14.96 41.65 -20.47
CA LEU E 127 -16.36 41.65 -20.86
C LEU E 127 -16.49 41.13 -22.28
N ARG E 128 -17.37 40.12 -22.47
CA ARG E 128 -17.57 39.53 -23.79
C ARG E 128 -18.19 40.51 -24.78
N ASP E 129 -18.83 41.59 -24.31
CA ASP E 129 -19.45 42.54 -25.23
C ASP E 129 -18.42 43.43 -25.90
N LYS E 130 -17.45 43.93 -25.15
CA LYS E 130 -16.45 44.84 -25.71
C LYS E 130 -15.20 44.09 -26.16
N LYS E 131 -14.39 44.79 -26.95
CA LYS E 131 -13.14 44.28 -27.48
C LYS E 131 -12.11 45.41 -27.43
N GLN E 132 -10.85 45.05 -27.23
CA GLN E 132 -9.79 46.04 -27.13
C GLN E 132 -8.72 45.79 -28.19
N LYS E 133 -8.15 46.89 -28.67
CA LYS E 133 -7.08 46.84 -29.67
C LYS E 133 -5.75 47.02 -28.96
N VAL E 134 -4.83 46.07 -29.17
CA VAL E 134 -3.52 46.11 -28.53
C VAL E 134 -2.43 45.86 -29.57
N TYR E 135 -1.22 46.20 -29.19
CA TYR E 135 -0.03 46.05 -30.02
C TYR E 135 1.07 45.38 -29.21
N SER E 136 1.90 44.60 -29.91
CA SER E 136 2.99 43.86 -29.27
C SER E 136 4.10 43.61 -30.28
N LEU E 137 5.29 43.31 -29.77
CA LEU E 137 6.45 43.02 -30.59
C LEU E 137 6.66 41.52 -30.63
N PHE E 138 6.77 40.96 -31.84
CA PHE E 138 6.97 39.54 -32.04
C PHE E 138 8.15 39.29 -32.95
N TYR E 139 8.91 38.24 -32.65
CA TYR E 139 10.07 37.90 -33.48
C TYR E 139 9.61 37.30 -34.80
N ARG E 140 10.54 37.27 -35.77
CA ARG E 140 10.23 36.73 -37.10
C ARG E 140 9.91 35.24 -37.05
N LEU E 141 10.63 34.49 -36.21
CA LEU E 141 10.41 33.05 -36.10
C LEU E 141 9.08 32.67 -35.46
N ASP E 142 8.42 33.61 -34.77
CA ASP E 142 7.16 33.34 -34.11
C ASP E 142 5.94 33.64 -34.95
N VAL E 143 6.11 34.14 -36.19
CA VAL E 143 4.98 34.46 -37.05
C VAL E 143 5.27 34.05 -38.49
N VAL E 144 4.19 33.89 -39.25
CA VAL E 144 4.24 33.53 -40.67
C VAL E 144 3.24 34.41 -41.41
N GLN E 145 3.36 34.44 -42.73
CA GLN E 145 2.50 35.26 -43.57
C GLN E 145 1.29 34.49 -44.09
N ILE E 146 0.18 35.22 -44.27
CA ILE E 146 -1.09 34.69 -44.78
C ILE E 146 -1.09 34.85 -46.30
N ASN E 147 -1.50 33.80 -47.00
CA ASN E 147 -1.57 33.82 -48.46
C ASN E 147 -2.46 32.67 -48.94
N ASN E 158 2.19 47.20 -44.93
CA ASN E 158 1.86 46.16 -43.97
C ASN E 158 1.22 44.93 -44.63
N LYS E 159 1.20 43.82 -43.91
CA LYS E 159 0.62 42.59 -44.42
C LYS E 159 0.10 41.78 -43.24
N GLU E 160 -0.83 40.87 -43.52
CA GLU E 160 -1.41 40.04 -42.48
C GLU E 160 -0.44 38.94 -42.04
N TYR E 161 -0.50 38.58 -40.77
CA TYR E 161 0.36 37.54 -40.21
C TYR E 161 -0.42 36.77 -39.14
N ARG E 162 0.17 35.64 -38.74
CA ARG E 162 -0.42 34.79 -37.71
C ARG E 162 0.72 34.04 -37.02
N LEU E 163 0.43 33.50 -35.84
CA LEU E 163 1.43 32.76 -35.10
C LEU E 163 1.69 31.39 -35.73
N ILE E 164 2.88 30.87 -35.48
CA ILE E 164 3.29 29.58 -36.04
C ILE E 164 2.55 28.42 -35.38
N ASN E 165 2.26 28.51 -34.08
CA ASN E 165 1.60 27.40 -33.41
C ASN E 165 0.08 27.37 -33.58
N CYS E 166 -0.52 28.36 -34.25
CA CYS E 166 -1.97 28.35 -34.42
C CYS E 166 -2.46 27.22 -35.33
N ASN E 167 -1.69 26.85 -36.35
CA ASN E 167 -2.11 25.77 -37.24
C ASN E 167 -1.75 24.39 -36.71
N THR E 168 -1.05 24.31 -35.57
CA THR E 168 -0.66 23.02 -34.99
C THR E 168 -1.44 22.69 -33.73
N SER E 169 -1.39 23.55 -32.70
CA SER E 169 -2.10 23.37 -31.42
C SER E 169 -1.89 24.57 -30.50
N ALA E 170 -2.84 24.82 -29.61
CA ALA E 170 -2.72 25.92 -28.67
C ALA E 170 -1.93 25.44 -27.45
N CYS E 171 -1.37 26.39 -26.72
CA CYS E 171 -0.59 26.03 -25.54
C CYS E 171 -0.47 27.18 -24.56
N THR E 172 -0.16 26.82 -23.32
CA THR E 172 -0.01 27.74 -22.21
C THR E 172 1.28 28.56 -22.30
N GLN E 173 1.37 29.55 -21.42
CA GLN E 173 2.53 30.41 -21.29
C GLN E 173 3.18 30.13 -19.94
N ALA E 174 4.50 30.18 -19.90
CA ALA E 174 5.25 29.92 -18.67
C ALA E 174 4.87 30.92 -17.59
N CYS E 175 4.35 30.40 -16.47
CA CYS E 175 3.94 31.24 -15.35
C CYS E 175 5.14 32.00 -14.79
N PRO E 176 5.07 33.32 -14.67
CA PRO E 176 6.21 34.09 -14.14
C PRO E 176 6.59 33.75 -12.69
N LYS E 177 5.64 33.23 -11.90
CA LYS E 177 5.93 32.91 -10.50
C LYS E 177 6.99 31.82 -10.37
N VAL E 178 7.09 30.92 -11.35
CA VAL E 178 8.07 29.84 -11.33
C VAL E 178 9.24 30.20 -12.23
N SER E 179 10.45 30.05 -11.70
CA SER E 179 11.69 30.33 -12.42
C SER E 179 12.16 29.07 -13.14
N PHE E 180 13.20 29.24 -13.96
CA PHE E 180 13.74 28.12 -14.72
C PHE E 180 15.11 27.68 -14.23
N GLU E 181 15.45 28.03 -12.98
CA GLU E 181 16.74 27.65 -12.41
C GLU E 181 16.85 26.14 -12.24
N PRO E 182 17.87 25.50 -12.79
CA PRO E 182 18.03 24.04 -12.66
C PRO E 182 18.81 23.62 -11.42
N ILE E 183 18.15 23.64 -10.27
CA ILE E 183 18.77 23.26 -9.01
C ILE E 183 19.00 21.74 -9.04
N PRO E 184 19.98 21.20 -8.31
CA PRO E 184 20.19 19.75 -8.37
C PRO E 184 19.13 18.97 -7.59
N ILE E 185 19.02 17.70 -7.95
CA ILE E 185 18.07 16.77 -7.32
C ILE E 185 18.78 15.45 -7.06
N HIS E 186 18.54 14.88 -5.88
CA HIS E 186 19.13 13.62 -5.48
C HIS E 186 18.14 12.48 -5.65
N TYR E 187 18.65 11.34 -6.12
CA TYR E 187 17.86 10.14 -6.36
C TYR E 187 18.29 9.09 -5.34
N CYS E 188 17.32 8.49 -4.65
CA CYS E 188 17.60 7.47 -3.66
C CYS E 188 16.77 6.24 -3.94
N ALA E 189 17.28 5.11 -3.53
CA ALA E 189 16.59 3.85 -3.76
C ALA E 189 15.75 3.47 -2.54
N PRO E 190 14.68 2.70 -2.70
CA PRO E 190 13.85 2.31 -1.55
C PRO E 190 14.50 1.16 -0.79
N ALA E 191 13.82 0.73 0.27
CA ALA E 191 14.31 -0.37 1.08
C ALA E 191 14.37 -1.65 0.26
N GLY E 192 15.42 -2.43 0.48
CA GLY E 192 15.60 -3.66 -0.24
C GLY E 192 16.36 -3.52 -1.54
N PHE E 193 16.79 -2.31 -1.89
CA PHE E 193 17.54 -2.08 -3.12
C PHE E 193 18.72 -1.16 -2.81
N ALA E 194 19.72 -1.19 -3.68
CA ALA E 194 20.90 -0.36 -3.50
C ALA E 194 21.51 -0.02 -4.85
N ILE E 195 22.25 1.09 -4.89
CA ILE E 195 22.91 1.57 -6.09
C ILE E 195 24.42 1.52 -5.88
N LEU E 196 25.14 1.01 -6.88
CA LEU E 196 26.59 0.85 -6.87
C LEU E 196 27.28 2.01 -7.57
N LYS E 197 28.45 2.39 -7.05
CA LYS E 197 29.25 3.49 -7.58
C LYS E 197 30.63 3.00 -8.03
N CYS E 198 31.00 3.37 -9.25
CA CYS E 198 32.29 3.02 -9.82
C CYS E 198 33.25 4.16 -9.53
N LYS E 199 34.21 3.92 -8.65
CA LYS E 199 35.18 4.95 -8.27
C LYS E 199 36.40 4.98 -9.18
N ASP E 200 36.45 4.14 -10.22
CA ASP E 200 37.59 4.12 -11.13
C ASP E 200 37.71 5.45 -11.86
N LYS E 201 38.93 6.00 -11.86
CA LYS E 201 39.19 7.28 -12.52
C LYS E 201 39.25 7.13 -14.04
N LYS E 202 39.78 6.01 -14.52
CA LYS E 202 39.91 5.74 -15.95
C LYS E 202 38.79 4.85 -16.47
N PHE E 203 37.57 5.04 -15.95
CA PHE E 203 36.42 4.23 -16.33
C PHE E 203 36.13 4.31 -17.83
N ASN E 204 36.15 3.13 -18.48
CA ASN E 204 35.89 3.03 -19.91
C ASN E 204 34.46 3.48 -20.23
N GLY E 205 33.49 3.00 -19.45
CA GLY E 205 32.10 3.31 -19.67
C GLY E 205 31.32 2.02 -19.60
N THR E 206 31.97 0.94 -20.04
CA THR E 206 31.42 -0.42 -20.04
C THR E 206 32.47 -1.36 -19.51
N GLY E 207 32.10 -2.62 -19.36
CA GLY E 207 33.00 -3.64 -18.87
C GLY E 207 33.04 -3.69 -17.36
N PRO E 208 33.97 -4.46 -16.79
CA PRO E 208 34.06 -4.57 -15.33
C PRO E 208 34.73 -3.36 -14.69
N CYS E 209 34.09 -2.80 -13.67
CA CYS E 209 34.63 -1.66 -12.96
C CYS E 209 35.48 -2.16 -11.80
N PRO E 210 36.78 -1.87 -11.76
CA PRO E 210 37.64 -2.36 -10.67
C PRO E 210 37.46 -1.71 -9.30
N SER E 211 36.45 -0.86 -9.11
CA SER E 211 36.26 -0.21 -7.80
C SER E 211 34.77 0.07 -7.62
N VAL E 212 34.07 -0.81 -6.89
CA VAL E 212 32.64 -0.66 -6.64
C VAL E 212 32.43 -0.10 -5.24
N SER E 213 31.42 0.75 -5.08
CA SER E 213 31.09 1.38 -3.80
C SER E 213 29.57 1.57 -3.71
N THR E 214 29.01 1.32 -2.52
CA THR E 214 27.59 1.46 -2.28
C THR E 214 27.29 2.83 -1.67
N VAL E 215 26.19 3.45 -2.09
CA VAL E 215 25.80 4.76 -1.58
C VAL E 215 24.27 4.81 -1.56
N GLN E 216 23.72 5.47 -0.55
CA GLN E 216 22.26 5.57 -0.44
C GLN E 216 21.63 6.53 -1.44
N CYS E 217 22.21 7.73 -1.59
CA CYS E 217 21.70 8.75 -2.50
C CYS E 217 22.80 9.35 -3.35
N THR E 218 22.50 9.55 -4.63
CA THR E 218 23.45 10.13 -5.56
C THR E 218 23.76 11.59 -5.29
N HIS E 219 24.81 12.05 -5.97
CA HIS E 219 25.28 13.41 -5.91
C HIS E 219 24.30 14.31 -6.63
N GLY E 220 24.42 15.62 -6.40
CA GLY E 220 23.55 16.59 -7.04
C GLY E 220 23.66 16.58 -8.55
N ILE E 221 22.63 16.09 -9.24
CA ILE E 221 22.62 16.03 -10.70
C ILE E 221 21.91 17.27 -11.22
N LYS E 222 22.58 18.02 -12.07
CA LYS E 222 22.00 19.23 -12.63
C LYS E 222 21.09 18.89 -13.81
N PRO E 223 19.79 19.22 -13.78
CA PRO E 223 18.88 18.94 -14.89
C PRO E 223 18.93 20.02 -15.97
N VAL E 224 20.14 20.34 -16.42
CA VAL E 224 20.32 21.35 -17.45
C VAL E 224 19.82 20.83 -18.79
N VAL E 225 19.41 21.75 -19.67
CA VAL E 225 18.90 21.40 -20.98
C VAL E 225 19.83 21.99 -22.04
N SER E 226 20.30 21.14 -22.94
CA SER E 226 21.18 21.56 -24.01
C SER E 226 20.99 20.61 -25.20
N THR E 227 21.61 20.96 -26.32
CA THR E 227 21.51 20.16 -27.53
C THR E 227 22.84 19.92 -28.24
N GLN E 228 23.83 20.75 -28.04
CA GLN E 228 25.12 20.57 -28.72
C GLN E 228 26.31 20.60 -27.77
N LEU E 229 26.28 21.44 -26.74
CA LEU E 229 27.38 21.57 -25.80
C LEU E 229 26.87 21.32 -24.38
N LEU E 230 27.45 20.33 -23.71
CA LEU E 230 27.07 20.03 -22.33
C LEU E 230 27.64 21.11 -21.43
N LEU E 231 26.80 21.68 -20.59
CA LEU E 231 27.24 22.75 -19.70
C LEU E 231 26.67 22.54 -18.31
N ASN E 232 27.39 23.09 -17.31
CA ASN E 232 27.07 23.05 -15.88
C ASN E 232 27.05 21.62 -15.32
N GLY E 233 27.68 20.66 -15.98
CA GLY E 233 27.71 19.29 -15.52
C GLY E 233 28.94 18.96 -14.71
N SER E 234 29.19 17.67 -14.55
CA SER E 234 30.34 17.17 -13.79
C SER E 234 31.47 16.86 -14.76
N LEU E 235 32.66 17.37 -14.45
CA LEU E 235 33.84 17.16 -15.28
C LEU E 235 34.61 15.92 -14.88
N ALA E 236 35.55 15.53 -15.75
CA ALA E 236 36.41 14.39 -15.53
C ALA E 236 37.38 14.66 -14.38
N GLU E 237 37.94 13.59 -13.83
CA GLU E 237 38.86 13.75 -12.72
C GLU E 237 40.32 13.98 -13.13
N GLU E 238 40.81 13.31 -14.17
CA GLU E 238 42.21 13.53 -14.53
C GLU E 238 42.49 13.77 -16.01
N GLU E 239 41.64 13.25 -16.91
CA GLU E 239 41.89 13.45 -18.33
C GLU E 239 40.59 13.27 -19.11
N VAL E 240 40.63 13.72 -20.37
CA VAL E 240 39.50 13.63 -21.27
C VAL E 240 39.18 12.16 -21.56
N MET E 241 37.89 11.84 -21.70
CA MET E 241 37.43 10.50 -21.98
C MET E 241 36.41 10.51 -23.11
N ILE E 242 36.42 9.45 -23.90
CA ILE E 242 35.51 9.28 -25.04
C ILE E 242 34.52 8.18 -24.72
N ARG E 243 33.24 8.48 -24.88
CA ARG E 243 32.16 7.54 -24.61
C ARG E 243 31.36 7.30 -25.88
N SER E 244 31.09 6.02 -26.18
CA SER E 244 30.33 5.61 -27.35
C SER E 244 30.02 4.13 -27.27
N GLU E 245 28.80 3.76 -27.67
CA GLU E 245 28.39 2.36 -27.64
C GLU E 245 29.17 1.54 -28.66
N ASN E 246 29.47 2.13 -29.81
CA ASN E 246 30.22 1.45 -30.87
C ASN E 246 30.95 2.56 -31.63
N ILE E 247 32.23 2.76 -31.30
CA ILE E 247 33.03 3.80 -31.96
C ILE E 247 33.18 3.53 -33.45
N THR E 248 33.21 2.26 -33.86
CA THR E 248 33.34 1.93 -35.27
C THR E 248 32.06 2.17 -36.05
N ASN E 249 30.94 2.34 -35.37
CA ASN E 249 29.65 2.58 -36.00
C ASN E 249 29.46 4.09 -36.09
N ASN E 250 29.52 4.63 -37.32
CA ASN E 250 29.36 6.07 -37.52
C ASN E 250 27.95 6.57 -37.19
N ALA E 251 26.95 5.69 -37.14
CA ALA E 251 25.58 6.07 -36.84
C ALA E 251 25.33 6.28 -35.34
N LYS E 252 26.33 6.08 -34.50
CA LYS E 252 26.20 6.24 -33.05
C LYS E 252 26.83 7.55 -32.59
N ASN E 253 26.21 8.17 -31.59
CA ASN E 253 26.67 9.43 -31.04
C ASN E 253 27.98 9.25 -30.28
N ILE E 254 28.78 10.31 -30.25
CA ILE E 254 30.07 10.33 -29.57
C ILE E 254 30.00 11.38 -28.47
N LEU E 255 30.32 10.98 -27.25
CA LEU E 255 30.30 11.88 -26.10
C LEU E 255 31.71 12.08 -25.58
N VAL E 256 32.08 13.34 -25.35
CA VAL E 256 33.39 13.71 -24.84
C VAL E 256 33.23 14.51 -23.55
N GLN E 257 34.06 14.19 -22.55
CA GLN E 257 34.01 14.86 -21.26
C GLN E 257 35.35 15.55 -21.02
N PHE E 258 35.32 16.82 -20.64
CA PHE E 258 36.53 17.58 -20.39
C PHE E 258 37.00 17.46 -18.94
N ASN E 259 38.28 17.82 -18.73
CA ASN E 259 38.89 17.81 -17.41
C ASN E 259 39.04 19.21 -16.85
N THR E 260 38.91 20.24 -17.70
CA THR E 260 38.99 21.66 -17.35
C THR E 260 37.92 22.37 -18.19
N PRO E 261 37.16 23.28 -17.60
CA PRO E 261 36.10 23.95 -18.36
C PRO E 261 36.53 25.27 -18.99
N VAL E 262 35.69 25.74 -19.91
CA VAL E 262 35.87 27.00 -20.60
C VAL E 262 34.65 27.87 -20.29
N GLN E 263 34.88 29.17 -20.14
CA GLN E 263 33.80 30.08 -19.79
C GLN E 263 33.19 30.72 -21.03
N ILE E 264 31.86 30.82 -21.03
CA ILE E 264 31.09 31.43 -22.10
C ILE E 264 30.21 32.53 -21.53
N ASN E 265 30.24 33.70 -22.16
CA ASN E 265 29.47 34.85 -21.71
C ASN E 265 28.43 35.18 -22.78
N CYS E 266 27.16 34.98 -22.43
CA CYS E 266 26.04 35.24 -23.29
C CYS E 266 25.20 36.36 -22.70
N THR E 267 24.55 37.13 -23.57
CA THR E 267 23.74 38.25 -23.09
C THR E 267 22.70 38.65 -24.12
N ARG E 268 21.74 39.44 -23.65
CA ARG E 268 20.64 39.98 -24.44
C ARG E 268 20.71 41.48 -24.20
N PRO E 269 21.51 42.20 -25.00
CA PRO E 269 21.68 43.65 -24.79
C PRO E 269 20.41 44.49 -24.92
N ASN E 270 19.37 44.01 -25.60
CA ASN E 270 18.14 44.79 -25.74
C ASN E 270 17.46 45.00 -24.40
N ASN E 271 17.18 46.27 -24.09
CA ASN E 271 16.52 46.63 -22.82
C ASN E 271 15.01 46.69 -23.06
N ASN E 272 14.42 45.50 -23.22
CA ASN E 272 12.99 45.41 -23.45
C ASN E 272 12.21 45.61 -22.14
N THR E 273 10.90 45.78 -22.29
CA THR E 273 9.99 46.00 -21.17
C THR E 273 8.80 45.06 -21.29
N ARG E 274 8.24 44.68 -20.14
CA ARG E 274 7.10 43.78 -20.10
C ARG E 274 5.80 44.58 -19.99
N LYS E 275 4.78 44.16 -20.74
CA LYS E 275 3.48 44.81 -20.74
C LYS E 275 2.42 43.75 -20.47
N SER E 276 1.53 44.03 -19.53
CA SER E 276 0.46 43.10 -19.15
C SER E 276 -0.83 43.46 -19.87
N ILE E 277 -1.44 42.47 -20.52
CA ILE E 277 -2.70 42.62 -21.24
C ILE E 277 -3.71 41.65 -20.64
N ARG E 278 -4.78 42.20 -20.05
CA ARG E 278 -5.82 41.38 -19.43
C ARG E 278 -6.72 40.86 -20.54
N ILE E 279 -6.57 39.58 -20.88
CA ILE E 279 -7.35 38.96 -21.93
C ILE E 279 -8.62 38.30 -21.41
N GLY E 280 -8.96 38.54 -20.15
CA GLY E 280 -10.15 37.94 -19.59
C GLY E 280 -10.25 38.05 -18.09
N PRO E 281 -11.31 37.48 -17.50
CA PRO E 281 -11.47 37.54 -16.05
C PRO E 281 -10.49 36.66 -15.31
N GLY E 282 -9.55 37.29 -14.59
CA GLY E 282 -8.55 36.53 -13.85
C GLY E 282 -7.46 35.94 -14.70
N GLN E 283 -7.34 36.36 -15.96
CA GLN E 283 -6.33 35.85 -16.87
C GLN E 283 -5.63 37.03 -17.52
N ALA E 284 -4.34 36.88 -17.79
CA ALA E 284 -3.60 37.98 -18.40
C ALA E 284 -2.51 37.41 -19.32
N PHE E 285 -2.17 38.19 -20.34
CA PHE E 285 -1.14 37.83 -21.30
C PHE E 285 -0.04 38.88 -21.22
N TYR E 286 1.16 38.45 -20.86
CA TYR E 286 2.29 39.37 -20.72
C TYR E 286 2.90 39.61 -22.09
N ALA E 287 2.52 40.72 -22.72
CA ALA E 287 3.01 41.07 -24.04
C ALA E 287 4.37 41.74 -23.96
N THR E 288 5.05 41.79 -25.10
CA THR E 288 6.36 42.42 -25.20
C THR E 288 6.19 43.92 -25.44
N GLY E 289 6.64 44.72 -24.47
CA GLY E 289 6.54 46.16 -24.58
C GLY E 289 7.57 46.75 -25.52
N ASP E 290 7.58 48.08 -25.58
CA ASP E 290 8.52 48.80 -26.43
C ASP E 290 9.96 48.61 -25.94
N ILE E 291 10.88 48.60 -26.89
CA ILE E 291 12.31 48.42 -26.61
C ILE E 291 12.98 49.79 -26.65
N ILE E 292 13.74 50.10 -25.61
CA ILE E 292 14.44 51.38 -25.51
C ILE E 292 15.94 51.14 -25.66
N GLY E 293 16.68 52.22 -25.86
CA GLY E 293 18.12 52.11 -26.02
C GLY E 293 18.51 51.76 -27.44
N ASP E 294 19.67 51.15 -27.60
CA ASP E 294 20.19 50.74 -28.90
C ASP E 294 19.98 49.24 -29.06
N ILE E 295 19.05 48.86 -29.93
CA ILE E 295 18.75 47.46 -30.18
C ILE E 295 19.91 46.79 -30.90
N ARG E 296 20.29 45.60 -30.44
CA ARG E 296 21.40 44.86 -31.03
C ARG E 296 21.09 43.37 -30.99
N GLN E 297 21.81 42.61 -31.82
CA GLN E 297 21.61 41.17 -31.88
C GLN E 297 22.33 40.48 -30.74
N ALA E 298 21.68 39.49 -30.14
CA ALA E 298 22.28 38.74 -29.04
C ALA E 298 23.45 37.91 -29.54
N HIS E 299 24.43 37.70 -28.67
CA HIS E 299 25.62 36.94 -29.04
C HIS E 299 26.28 36.38 -27.79
N CYS E 300 27.19 35.43 -28.02
CA CYS E 300 27.94 34.78 -26.96
C CYS E 300 29.43 34.91 -27.29
N ASN E 301 30.26 34.77 -26.26
CA ASN E 301 31.71 34.88 -26.40
C ASN E 301 32.38 33.69 -25.74
N VAL E 302 33.60 33.41 -26.19
CA VAL E 302 34.42 32.31 -25.68
C VAL E 302 35.86 32.59 -26.10
N SER E 303 36.79 32.29 -25.19
CA SER E 303 38.20 32.52 -25.44
C SER E 303 38.74 31.59 -26.52
N LYS E 304 39.53 32.15 -27.44
CA LYS E 304 40.10 31.37 -28.53
C LYS E 304 41.25 30.49 -28.05
N ALA E 305 42.09 31.01 -27.16
CA ALA E 305 43.24 30.25 -26.65
C ALA E 305 42.82 28.98 -25.93
N THR E 306 41.85 29.10 -25.00
CA THR E 306 41.40 27.93 -24.26
C THR E 306 40.66 26.96 -25.17
N TRP E 307 39.88 27.47 -26.12
CA TRP E 307 39.15 26.59 -27.03
C TRP E 307 40.12 25.80 -27.90
N ASN E 308 41.18 26.47 -28.37
CA ASN E 308 42.20 25.82 -29.19
C ASN E 308 42.89 24.72 -28.38
N GLU E 309 43.25 25.03 -27.14
CA GLU E 309 43.92 24.03 -26.28
C GLU E 309 43.00 22.85 -26.00
N THR E 310 41.71 23.12 -25.74
CA THR E 310 40.74 22.07 -25.46
C THR E 310 40.57 21.17 -26.68
N LEU E 311 40.46 21.78 -27.87
CA LEU E 311 40.32 21.00 -29.10
C LEU E 311 41.56 20.16 -29.35
N GLY E 312 42.75 20.73 -29.08
CA GLY E 312 43.98 19.98 -29.26
C GLY E 312 44.04 18.77 -28.35
N LYS E 313 43.65 18.95 -27.08
CA LYS E 313 43.64 17.84 -26.13
C LYS E 313 42.64 16.77 -26.56
N VAL E 314 41.46 17.19 -27.06
CA VAL E 314 40.45 16.24 -27.51
C VAL E 314 40.96 15.45 -28.70
N VAL E 315 41.65 16.12 -29.64
CA VAL E 315 42.21 15.44 -30.81
C VAL E 315 43.26 14.44 -30.38
N LYS E 316 44.14 14.83 -29.44
CA LYS E 316 45.18 13.94 -28.96
C LYS E 316 44.59 12.72 -28.26
N GLN E 317 43.55 12.92 -27.46
CA GLN E 317 42.93 11.81 -26.73
C GLN E 317 42.08 10.92 -27.64
N LEU E 318 41.57 11.46 -28.75
CA LEU E 318 40.74 10.69 -29.67
C LEU E 318 41.53 10.03 -30.79
N ARG E 319 42.77 10.48 -31.04
CA ARG E 319 43.58 9.93 -32.12
C ARG E 319 43.97 8.47 -31.87
N LYS E 320 44.08 8.04 -30.61
CA LYS E 320 44.47 6.66 -30.32
C LYS E 320 43.43 5.63 -30.77
N HIS E 321 42.17 6.01 -30.91
CA HIS E 321 41.11 5.09 -31.34
C HIS E 321 40.96 5.02 -32.86
N PHE E 322 41.78 5.74 -33.62
CA PHE E 322 41.68 5.71 -35.07
C PHE E 322 43.03 5.69 -35.78
N GLY E 323 44.14 5.62 -35.04
CA GLY E 323 45.46 5.59 -35.64
C GLY E 323 46.14 6.95 -35.55
N ASN E 324 47.46 6.92 -35.43
CA ASN E 324 48.23 8.16 -35.33
C ASN E 324 48.44 8.84 -36.67
N ASN E 325 48.50 8.08 -37.76
CA ASN E 325 48.74 8.66 -39.08
C ASN E 325 47.52 9.35 -39.67
N THR E 326 46.31 9.03 -39.21
CA THR E 326 45.11 9.64 -39.76
C THR E 326 44.92 11.06 -39.24
N ILE E 327 44.29 11.89 -40.07
CA ILE E 327 43.99 13.28 -39.78
C ILE E 327 42.47 13.44 -39.67
N ILE E 328 42.03 14.33 -38.78
CA ILE E 328 40.62 14.56 -38.56
C ILE E 328 40.29 16.03 -38.82
N ARG E 329 39.03 16.28 -39.18
CA ARG E 329 38.55 17.62 -39.50
C ARG E 329 37.21 17.87 -38.83
N PHE E 330 36.92 19.15 -38.55
CA PHE E 330 35.67 19.58 -37.93
C PHE E 330 34.86 20.42 -38.90
N ALA E 331 33.56 20.18 -38.96
CA ALA E 331 32.64 20.89 -39.84
C ALA E 331 31.36 21.14 -39.06
N ASN E 332 30.56 22.13 -39.50
CA ASN E 332 29.33 22.37 -38.75
C ASN E 332 28.28 21.30 -39.09
N SER E 333 27.15 21.35 -38.37
CA SER E 333 26.05 20.41 -38.55
C SER E 333 25.56 20.43 -39.99
N SER E 334 25.24 19.25 -40.53
CA SER E 334 24.78 19.14 -41.92
C SER E 334 23.46 19.86 -42.14
N GLY E 335 22.50 19.65 -41.26
CA GLY E 335 21.21 20.31 -41.43
C GLY E 335 20.14 19.65 -40.62
N GLY E 336 18.96 20.28 -40.65
CA GLY E 336 17.80 19.81 -39.93
C GLY E 336 17.06 20.97 -39.31
N ASP E 337 16.36 20.74 -38.20
CA ASP E 337 15.61 21.79 -37.54
C ASP E 337 16.54 22.69 -36.73
N LEU E 338 16.02 23.84 -36.32
CA LEU E 338 16.79 24.80 -35.54
C LEU E 338 17.23 24.26 -34.18
N GLU E 339 16.46 23.31 -33.63
CA GLU E 339 16.79 22.73 -32.33
C GLU E 339 18.08 21.92 -32.38
N VAL E 340 18.31 21.20 -33.48
CA VAL E 340 19.51 20.38 -33.59
C VAL E 340 20.67 21.08 -34.31
N THR E 341 20.39 21.99 -35.24
CA THR E 341 21.47 22.67 -35.96
C THR E 341 22.10 23.79 -35.16
N THR E 342 21.54 24.19 -34.03
CA THR E 342 22.10 25.27 -33.22
C THR E 342 22.03 24.90 -31.75
N HIS E 343 22.93 25.47 -30.97
CA HIS E 343 23.00 25.23 -29.53
C HIS E 343 21.84 25.96 -28.85
N SER E 344 20.90 25.20 -28.31
CA SER E 344 19.73 25.77 -27.64
C SER E 344 19.87 25.59 -26.13
N PHE E 345 19.60 26.65 -25.39
CA PHE E 345 19.67 26.64 -23.94
C PHE E 345 18.88 27.81 -23.40
N ASN E 346 18.56 27.74 -22.12
CA ASN E 346 17.80 28.79 -21.44
C ASN E 346 18.56 29.34 -20.24
N CYS E 347 18.61 30.67 -20.14
CA CYS E 347 19.31 31.32 -19.04
C CYS E 347 18.61 32.63 -18.77
N GLY E 348 18.14 32.83 -17.54
CA GLY E 348 17.45 34.05 -17.19
C GLY E 348 16.04 34.15 -17.70
N GLY E 349 15.46 33.05 -18.18
CA GLY E 349 14.11 33.04 -18.70
C GLY E 349 13.97 33.18 -20.20
N GLU E 350 15.06 33.36 -20.93
CA GLU E 350 15.04 33.50 -22.38
C GLU E 350 15.71 32.31 -23.04
N PHE E 351 15.06 31.79 -24.08
CA PHE E 351 15.58 30.64 -24.83
C PHE E 351 16.46 31.15 -25.96
N PHE E 352 17.71 30.69 -26.00
CA PHE E 352 18.67 31.09 -27.00
C PHE E 352 18.89 30.02 -28.07
N TYR E 353 19.47 30.46 -29.19
CA TYR E 353 19.81 29.61 -30.33
C TYR E 353 21.02 30.28 -30.99
N CYS E 354 22.21 29.75 -30.74
CA CYS E 354 23.44 30.32 -31.26
C CYS E 354 24.01 29.46 -32.38
N ASN E 355 24.55 30.13 -33.40
CA ASN E 355 25.15 29.48 -34.56
C ASN E 355 26.57 29.06 -34.19
N THR E 356 26.74 27.78 -33.86
CA THR E 356 28.04 27.23 -33.46
C THR E 356 28.97 26.91 -34.64
N SER E 357 28.71 27.44 -35.84
CA SER E 357 29.57 27.17 -36.99
C SER E 357 30.97 27.76 -36.83
N GLY E 358 31.16 28.74 -35.94
CA GLY E 358 32.45 29.36 -35.73
C GLY E 358 33.41 28.57 -34.87
N LEU E 359 32.95 27.49 -34.24
CA LEU E 359 33.77 26.65 -33.38
C LEU E 359 34.37 25.47 -34.12
N PHE E 360 33.56 24.78 -34.93
CA PHE E 360 34.02 23.60 -35.67
C PHE E 360 34.46 24.04 -37.07
N ASN E 361 35.54 24.80 -37.10
CA ASN E 361 36.10 25.34 -38.35
C ASN E 361 37.62 25.21 -38.30
N SER E 362 38.11 24.02 -37.98
CA SER E 362 39.56 23.83 -37.91
C SER E 362 39.92 22.42 -38.37
N THR E 363 41.19 22.25 -38.73
CA THR E 363 41.75 21.00 -39.18
C THR E 363 42.97 20.66 -38.33
N TRP E 364 43.34 19.38 -38.33
CA TRP E 364 44.49 18.94 -37.55
C TRP E 364 45.34 17.99 -38.38
N ILE E 365 46.65 18.10 -38.24
CA ILE E 365 47.61 17.27 -38.97
C ILE E 365 48.33 16.39 -37.95
N SER E 366 48.75 15.20 -38.38
CA SER E 366 49.46 14.27 -37.52
C SER E 366 50.84 14.82 -37.18
N ASN E 367 51.03 15.24 -35.93
CA ASN E 367 52.27 15.81 -35.40
C ASN E 367 52.77 17.01 -36.20
N ASN E 379 39.53 40.20 -30.43
CA ASN E 379 40.72 39.54 -30.96
C ASN E 379 41.06 38.26 -30.18
N ASP E 380 40.90 38.33 -28.86
CA ASP E 380 41.19 37.19 -27.98
C ASP E 380 39.97 36.36 -27.66
N SER E 381 38.80 36.68 -28.23
CA SER E 381 37.58 35.93 -27.94
C SER E 381 36.80 35.68 -29.21
N ILE E 382 36.26 34.47 -29.33
CA ILE E 382 35.45 34.08 -30.48
C ILE E 382 34.06 34.66 -30.30
N THR E 383 33.46 35.16 -31.37
CA THR E 383 32.12 35.73 -31.31
C THR E 383 31.22 34.98 -32.29
N LEU E 384 30.03 34.61 -31.82
CA LEU E 384 29.04 33.89 -32.61
C LEU E 384 27.68 34.52 -32.38
N PRO E 385 26.87 34.67 -33.41
CA PRO E 385 25.55 35.29 -33.23
C PRO E 385 24.56 34.31 -32.63
N CYS E 386 23.46 34.87 -32.11
CA CYS E 386 22.41 34.09 -31.49
C CYS E 386 21.05 34.69 -31.84
N ARG E 387 20.01 33.86 -31.74
CA ARG E 387 18.64 34.27 -32.03
C ARG E 387 17.75 33.91 -30.84
N ILE E 388 16.68 34.68 -30.66
CA ILE E 388 15.73 34.49 -29.58
C ILE E 388 14.42 33.98 -30.15
N LYS E 389 13.75 33.10 -29.41
CA LYS E 389 12.47 32.52 -29.83
C LYS E 389 11.54 32.45 -28.63
N GLN E 390 10.33 33.00 -28.77
CA GLN E 390 9.39 32.95 -27.66
C GLN E 390 8.64 31.62 -27.61
N ILE E 391 8.13 31.16 -28.76
CA ILE E 391 7.43 29.88 -28.80
C ILE E 391 8.45 28.76 -28.67
N ILE E 392 8.23 27.87 -27.70
CA ILE E 392 9.19 26.79 -27.50
C ILE E 392 8.50 25.47 -27.13
N ASN E 393 8.65 24.47 -28.00
CA ASN E 393 8.13 23.12 -27.76
C ASN E 393 9.25 22.18 -27.32
N MET E 394 9.58 22.22 -26.02
CA MET E 394 10.66 21.40 -25.45
C MET E 394 10.48 19.92 -25.77
N TRP E 395 11.58 19.23 -26.13
CA TRP E 395 11.63 17.82 -26.52
C TRP E 395 10.98 17.60 -27.88
N GLN E 396 11.05 16.38 -28.40
CA GLN E 396 10.48 16.10 -29.73
C GLN E 396 9.01 15.71 -29.59
N ARG E 397 8.23 16.72 -29.24
CA ARG E 397 6.79 16.62 -29.04
C ARG E 397 6.14 17.64 -29.97
N ILE E 398 4.98 17.30 -30.52
CA ILE E 398 4.33 18.20 -31.46
C ILE E 398 2.95 18.66 -30.99
N GLY E 399 2.32 17.96 -30.05
CA GLY E 399 1.01 18.34 -29.58
C GLY E 399 0.95 19.40 -28.50
N GLN E 400 2.10 19.88 -28.01
CA GLN E 400 2.11 20.86 -26.93
C GLN E 400 3.37 21.72 -27.00
N CYS E 401 3.19 23.02 -26.85
CA CYS E 401 4.24 24.04 -26.81
C CYS E 401 4.19 24.83 -25.51
N MET E 402 4.95 25.92 -25.47
CA MET E 402 5.00 26.81 -24.32
C MET E 402 5.43 28.18 -24.82
N TYR E 403 4.84 29.23 -24.26
CA TYR E 403 5.14 30.60 -24.63
C TYR E 403 5.97 31.22 -23.51
N ALA E 404 7.19 31.65 -23.85
CA ALA E 404 8.07 32.25 -22.86
C ALA E 404 7.81 33.75 -22.78
N PRO E 405 7.35 34.27 -21.64
CA PRO E 405 7.11 35.71 -21.52
C PRO E 405 8.40 36.49 -21.63
N PRO E 406 8.36 37.73 -22.11
CA PRO E 406 9.60 38.50 -22.23
C PRO E 406 10.11 38.94 -20.85
N ILE E 407 11.38 38.67 -20.60
CA ILE E 407 12.00 39.03 -19.33
C ILE E 407 12.40 40.49 -19.38
N GLN E 408 11.94 41.27 -18.41
CA GLN E 408 12.26 42.69 -18.37
C GLN E 408 13.71 42.89 -17.91
N GLY E 409 14.37 43.87 -18.52
CA GLY E 409 15.75 44.19 -18.19
C GLY E 409 16.74 43.43 -19.05
N VAL E 410 18.02 43.78 -18.86
CA VAL E 410 19.10 43.15 -19.60
C VAL E 410 19.40 41.79 -18.98
N ILE E 411 19.85 40.84 -19.81
CA ILE E 411 20.16 39.49 -19.38
C ILE E 411 21.67 39.28 -19.50
N ARG E 412 22.27 38.66 -18.48
CA ARG E 412 23.70 38.38 -18.46
C ARG E 412 23.86 36.99 -17.87
N CYS E 413 24.78 36.20 -18.45
CA CYS E 413 25.00 34.84 -17.99
C CYS E 413 26.46 34.45 -18.19
N VAL E 414 26.86 33.40 -17.46
CA VAL E 414 28.20 32.83 -17.51
C VAL E 414 28.09 31.37 -17.11
N SER E 415 28.70 30.48 -17.89
CA SER E 415 28.60 29.06 -17.61
C SER E 415 29.89 28.34 -18.01
N ASN E 416 30.01 27.12 -17.51
CA ASN E 416 31.15 26.24 -17.76
C ASN E 416 30.74 25.18 -18.76
N ILE E 417 31.53 24.97 -19.80
CA ILE E 417 31.23 23.92 -20.77
C ILE E 417 31.86 22.63 -20.27
N THR E 418 31.05 21.57 -20.18
CA THR E 418 31.52 20.29 -19.68
C THR E 418 31.77 19.28 -20.80
N GLY E 419 30.99 19.30 -21.87
CA GLY E 419 31.23 18.32 -22.92
C GLY E 419 30.49 18.63 -24.20
N LEU E 420 30.76 17.80 -25.20
CA LEU E 420 30.17 17.90 -26.53
C LEU E 420 29.63 16.56 -26.98
N ILE E 421 28.69 16.62 -27.92
CA ILE E 421 28.06 15.44 -28.51
C ILE E 421 28.42 15.45 -29.99
N LEU E 422 29.34 14.57 -30.38
CA LEU E 422 29.82 14.49 -31.76
C LEU E 422 29.14 13.37 -32.52
N THR E 423 29.23 13.42 -33.85
CA THR E 423 28.65 12.36 -34.69
C THR E 423 29.57 12.08 -35.87
N ARG E 424 30.30 10.97 -35.83
CA ARG E 424 31.18 10.60 -36.97
C ARG E 424 30.36 10.70 -38.25
N ASP E 425 30.89 11.38 -39.27
CA ASP E 425 30.17 11.53 -40.56
C ASP E 425 30.22 10.19 -41.31
N GLY E 426 29.63 10.13 -42.50
CA GLY E 426 29.61 8.87 -43.28
C GLY E 426 31.01 8.33 -43.47
N GLY E 427 31.20 7.03 -43.20
CA GLY E 427 32.53 6.41 -43.35
C GLY E 427 33.06 6.54 -44.76
N SER E 428 34.34 6.85 -44.92
CA SER E 428 34.94 7.02 -46.26
C SER E 428 36.12 6.05 -46.44
N THR E 429 36.44 5.70 -47.68
CA THR E 429 37.54 4.74 -47.95
C THR E 429 38.84 5.26 -47.33
N ASN E 430 39.14 6.54 -47.52
CA ASN E 430 40.38 7.14 -46.96
C ASN E 430 40.28 7.13 -45.43
N SER E 431 41.25 6.50 -44.76
CA SER E 431 41.25 6.44 -43.27
C SER E 431 41.41 7.85 -42.71
N THR E 432 42.01 8.76 -43.49
CA THR E 432 42.25 10.14 -43.01
C THR E 432 40.98 10.98 -43.15
N THR E 433 41.08 12.29 -42.89
CA THR E 433 39.92 13.21 -43.03
C THR E 433 38.68 12.63 -42.33
N GLU E 434 38.86 11.98 -41.18
CA GLU E 434 37.69 11.50 -40.41
C GLU E 434 36.91 12.74 -39.95
N THR E 435 35.83 13.10 -40.66
CA THR E 435 35.15 14.35 -40.33
C THR E 435 34.17 14.10 -39.18
N PHE E 436 34.22 14.96 -38.18
CA PHE E 436 33.35 14.88 -37.01
C PHE E 436 32.38 16.05 -37.05
N ARG E 437 31.14 15.80 -36.63
CA ARG E 437 30.10 16.78 -36.71
C ARG E 437 29.26 16.88 -35.43
N PRO E 438 29.00 18.09 -34.93
CA PRO E 438 28.24 18.26 -33.68
C PRO E 438 26.81 17.78 -33.87
N GLY E 439 26.40 16.81 -33.07
CA GLY E 439 25.06 16.28 -33.18
C GLY E 439 24.22 16.54 -31.96
N GLY E 440 23.36 15.60 -31.61
CA GLY E 440 22.49 15.74 -30.48
C GLY E 440 21.02 15.81 -30.87
N GLY E 441 20.24 16.43 -30.00
CA GLY E 441 18.81 16.61 -30.19
C GLY E 441 17.96 15.87 -29.19
N ASP E 442 18.54 14.86 -28.53
CA ASP E 442 17.87 14.09 -27.50
C ASP E 442 18.38 14.53 -26.13
N MET E 443 17.59 14.24 -25.11
CA MET E 443 17.95 14.65 -23.75
C MET E 443 18.50 13.52 -22.91
N ARG E 444 18.32 12.27 -23.32
CA ARG E 444 18.85 11.14 -22.57
C ARG E 444 20.36 11.11 -22.60
N ASP E 445 20.96 11.70 -23.64
CA ASP E 445 22.41 11.75 -23.76
C ASP E 445 22.98 12.79 -22.81
N ASN E 446 22.23 13.87 -22.57
CA ASN E 446 22.67 14.92 -21.66
C ASN E 446 22.83 14.36 -20.25
N TRP E 447 21.87 13.53 -19.80
CA TRP E 447 21.95 12.94 -18.47
C TRP E 447 22.82 11.69 -18.41
N ARG E 448 23.08 11.05 -19.55
CA ARG E 448 23.94 9.86 -19.55
C ARG E 448 25.36 10.22 -19.15
N SER E 449 25.79 11.45 -19.46
CA SER E 449 27.13 11.92 -19.10
C SER E 449 27.29 12.14 -17.60
N GLU E 450 26.19 12.16 -16.85
CA GLU E 450 26.17 12.35 -15.41
C GLU E 450 25.89 11.06 -14.65
N LEU E 451 25.03 10.20 -15.20
CA LEU E 451 24.66 8.92 -14.60
C LEU E 451 25.54 7.77 -15.05
N TYR E 452 26.75 8.06 -15.56
CA TYR E 452 27.65 7.01 -16.04
C TYR E 452 28.34 6.19 -14.96
N LYS E 453 28.39 6.66 -13.71
CA LYS E 453 29.07 5.91 -12.65
C LYS E 453 28.16 5.06 -11.79
N TYR E 454 26.87 4.94 -12.14
CA TYR E 454 25.90 4.23 -11.31
C TYR E 454 25.00 3.27 -12.08
N LYS E 455 24.50 2.30 -11.31
CA LYS E 455 23.59 1.26 -11.73
C LYS E 455 22.81 0.85 -10.48
N VAL E 456 21.64 0.25 -10.69
CA VAL E 456 20.78 -0.17 -9.59
C VAL E 456 20.69 -1.69 -9.59
N VAL E 457 20.76 -2.29 -8.40
CA VAL E 457 20.71 -3.73 -8.23
C VAL E 457 19.74 -4.11 -7.10
N LYS E 458 19.26 -5.35 -7.16
CA LYS E 458 18.34 -5.90 -6.18
C LYS E 458 19.11 -6.91 -5.34
N ILE E 459 19.08 -6.74 -4.03
CA ILE E 459 19.79 -7.62 -3.11
C ILE E 459 18.95 -8.84 -2.75
N GLU E 460 19.61 -9.98 -2.66
CA GLU E 460 18.99 -11.26 -2.33
C GLU E 460 19.69 -11.76 -1.07
N PRO E 461 19.13 -11.56 0.12
CA PRO E 461 19.78 -11.97 1.35
C PRO E 461 19.59 -13.43 1.74
N LEU E 462 18.81 -14.21 0.98
CA LEU E 462 18.58 -15.61 1.30
C LEU E 462 19.67 -16.44 0.64
N GLY E 463 20.54 -17.06 1.44
CA GLY E 463 21.63 -17.86 0.92
C GLY E 463 21.59 -19.31 1.36
N VAL E 464 22.32 -20.17 0.65
CA VAL E 464 22.39 -21.61 0.92
C VAL E 464 23.84 -22.07 0.76
N ALA E 465 24.31 -22.89 1.71
CA ALA E 465 25.67 -23.41 1.68
C ALA E 465 25.74 -24.66 2.58
N PRO E 466 26.73 -25.54 2.39
CA PRO E 466 26.83 -26.73 3.23
C PRO E 466 27.76 -26.55 4.43
N THR E 467 27.63 -27.47 5.38
CA THR E 467 28.42 -27.52 6.62
C THR E 467 28.20 -28.89 7.27
N ARG E 468 28.61 -29.03 8.53
CA ARG E 468 28.58 -30.27 9.31
C ARG E 468 27.38 -30.41 10.23
N CYS E 469 26.85 -29.30 10.76
CA CYS E 469 25.74 -29.34 11.72
C CYS E 469 24.49 -29.97 11.12
N LYS E 470 23.73 -30.66 11.97
CA LYS E 470 22.48 -31.28 11.55
C LYS E 470 21.38 -30.79 12.49
N ARG E 471 20.13 -31.01 12.08
CA ARG E 471 18.95 -30.57 12.83
C ARG E 471 18.64 -31.59 13.91
N ARG E 472 19.11 -31.33 15.15
CA ARG E 472 18.89 -32.13 16.36
C ARG E 472 17.51 -32.76 16.46
N VAL E 473 17.44 -34.04 16.82
CA VAL E 473 16.20 -34.78 16.85
C VAL E 473 15.55 -34.65 18.23
N VAL E 474 14.25 -34.35 18.23
CA VAL E 474 13.50 -34.21 19.47
C VAL E 474 13.00 -35.56 19.95
N ALA F 1 37.30 1.33 17.87
CA ALA F 1 38.40 1.76 17.02
C ALA F 1 38.89 0.61 16.14
N VAL F 2 39.39 0.95 14.96
CA VAL F 2 39.88 -0.06 14.02
C VAL F 2 41.25 -0.56 14.50
N GLY F 3 41.52 -1.84 14.30
CA GLY F 3 42.78 -2.40 14.73
C GLY F 3 43.02 -3.75 14.08
N ILE F 4 43.99 -4.48 14.63
CA ILE F 4 44.33 -5.80 14.12
C ILE F 4 43.22 -6.82 14.38
N GLY F 5 42.29 -6.54 15.28
CA GLY F 5 41.19 -7.44 15.59
C GLY F 5 40.10 -7.38 14.55
N ALA F 6 38.84 -7.44 15.00
CA ALA F 6 37.68 -7.44 14.12
C ALA F 6 37.55 -6.09 13.38
N VAL F 7 36.67 -6.07 12.40
CA VAL F 7 36.40 -4.89 11.58
C VAL F 7 34.90 -4.75 11.39
N PHE F 8 34.41 -3.52 11.53
CA PHE F 8 32.97 -3.27 11.42
C PHE F 8 32.48 -3.41 9.98
N LEU F 9 33.17 -2.78 9.02
CA LEU F 9 32.81 -2.72 7.61
C LEU F 9 31.48 -1.99 7.47
N GLY F 10 30.80 -2.13 6.34
CA GLY F 10 29.53 -1.46 6.15
C GLY F 10 28.52 -2.39 5.49
N PHE F 11 27.30 -1.87 5.32
CA PHE F 11 26.21 -2.58 4.67
C PHE F 11 26.67 -3.05 3.30
N LEU F 12 26.55 -4.36 3.06
CA LEU F 12 27.01 -5.02 1.83
C LEU F 12 28.48 -4.71 1.54
N GLY F 13 29.27 -4.55 2.60
CA GLY F 13 30.69 -4.27 2.50
C GLY F 13 31.56 -5.47 2.69
N ALA F 14 30.96 -6.61 3.04
CA ALA F 14 31.70 -7.85 3.21
C ALA F 14 31.48 -8.79 2.04
N ALA F 15 31.02 -8.26 0.91
CA ALA F 15 30.77 -9.07 -0.29
C ALA F 15 32.07 -9.69 -0.80
N GLY F 16 33.17 -8.92 -0.78
CA GLY F 16 34.42 -9.45 -1.25
C GLY F 16 35.07 -10.42 -0.29
N SER F 17 34.70 -10.37 0.99
CA SER F 17 35.25 -11.27 1.99
C SER F 17 34.77 -12.69 1.72
N THR F 18 35.51 -13.66 2.26
CA THR F 18 35.15 -15.06 2.07
C THR F 18 33.83 -15.36 2.78
N MET F 19 33.25 -16.52 2.47
CA MET F 19 31.99 -16.92 3.08
C MET F 19 32.13 -17.10 4.59
N GLY F 20 33.23 -17.72 5.03
CA GLY F 20 33.46 -17.93 6.45
C GLY F 20 33.54 -16.63 7.25
N ALA F 21 34.14 -15.59 6.65
CA ALA F 21 34.26 -14.32 7.32
C ALA F 21 33.01 -13.46 7.14
N ALA F 22 32.30 -13.60 6.02
CA ALA F 22 31.10 -12.81 5.79
C ALA F 22 29.88 -13.39 6.50
N SER F 23 29.94 -14.63 6.97
CA SER F 23 28.82 -15.24 7.67
C SER F 23 28.55 -14.62 9.04
N MET F 24 29.47 -13.81 9.56
CA MET F 24 29.31 -13.17 10.86
C MET F 24 28.61 -11.81 10.77
N THR F 25 28.31 -11.34 9.56
CA THR F 25 27.66 -10.06 9.33
C THR F 25 26.27 -10.22 8.72
N LEU F 26 25.51 -11.22 9.16
CA LEU F 26 24.18 -11.41 8.61
C LEU F 26 23.15 -10.42 9.13
N THR F 27 23.29 -9.98 10.39
CA THR F 27 22.32 -9.06 10.99
C THR F 27 22.31 -7.68 10.33
N VAL F 28 23.48 -7.16 9.93
CA VAL F 28 23.52 -5.82 9.31
C VAL F 28 22.75 -5.77 8.00
N GLN F 29 22.82 -6.83 7.19
CA GLN F 29 22.06 -6.82 5.94
C GLN F 29 20.58 -7.09 6.17
N ALA F 30 20.24 -7.92 7.16
CA ALA F 30 18.85 -8.25 7.43
C ALA F 30 18.10 -7.09 8.08
N ARG F 31 18.76 -6.34 8.96
CA ARG F 31 18.11 -5.24 9.66
C ARG F 31 17.86 -4.03 8.76
N ASN F 32 18.49 -3.95 7.59
CA ASN F 32 18.30 -2.82 6.69
C ASN F 32 17.34 -3.14 5.55
N LEU F 33 16.56 -4.22 5.67
CA LEU F 33 15.62 -4.59 4.62
C LEU F 33 14.34 -3.75 4.67
N LEU F 34 14.07 -3.08 5.79
CA LEU F 34 12.87 -2.26 5.92
C LEU F 34 13.22 -0.77 5.80
N LEU F 57 -0.12 16.01 -7.29
CA LEU F 57 1.01 15.17 -6.95
C LEU F 57 0.54 13.77 -6.55
N THR F 58 -0.60 13.36 -7.12
CA THR F 58 -1.15 12.05 -6.81
C THR F 58 -0.34 10.93 -7.44
N VAL F 59 0.29 11.18 -8.59
CA VAL F 59 1.09 10.16 -9.26
C VAL F 59 2.31 9.76 -8.42
N TRP F 60 3.00 10.75 -7.83
CA TRP F 60 4.15 10.47 -6.99
C TRP F 60 3.78 9.61 -5.79
N GLY F 61 2.57 9.82 -5.27
CA GLY F 61 2.10 9.01 -4.16
C GLY F 61 1.95 7.56 -4.59
N ILE F 62 1.42 7.35 -5.80
CA ILE F 62 1.26 6.00 -6.34
C ILE F 62 2.61 5.32 -6.50
N LYS F 63 3.61 6.07 -7.01
CA LYS F 63 4.95 5.49 -7.19
C LYS F 63 5.59 5.09 -5.86
N GLN F 64 5.58 6.00 -4.88
CA GLN F 64 6.19 5.70 -3.58
C GLN F 64 5.44 4.56 -2.87
N LEU F 65 4.10 4.53 -2.97
CA LEU F 65 3.34 3.45 -2.37
C LEU F 65 3.65 2.12 -3.03
N GLN F 66 3.80 2.12 -4.36
CA GLN F 66 4.14 0.89 -5.08
C GLN F 66 5.50 0.37 -4.63
N ALA F 67 6.47 1.28 -4.48
CA ALA F 67 7.81 0.88 -4.04
C ALA F 67 7.77 0.28 -2.63
N ARG F 68 7.03 0.94 -1.72
CA ARG F 68 6.92 0.46 -0.35
C ARG F 68 6.23 -0.90 -0.28
N VAL F 69 5.14 -1.07 -1.05
CA VAL F 69 4.39 -2.33 -1.07
C VAL F 69 5.27 -3.44 -1.62
N LEU F 70 6.05 -3.14 -2.68
CA LEU F 70 6.94 -4.16 -3.25
C LEU F 70 8.01 -4.58 -2.25
N ALA F 71 8.58 -3.62 -1.52
CA ALA F 71 9.60 -3.94 -0.52
C ALA F 71 9.02 -4.80 0.61
N VAL F 72 7.80 -4.48 1.03
CA VAL F 72 7.14 -5.25 2.08
C VAL F 72 6.79 -6.65 1.57
N GLU F 73 6.35 -6.76 0.32
CA GLU F 73 6.00 -8.05 -0.25
C GLU F 73 7.25 -8.93 -0.35
N ARG F 74 8.39 -8.34 -0.74
CA ARG F 74 9.64 -9.09 -0.85
C ARG F 74 10.06 -9.62 0.51
N TYR F 75 10.02 -8.76 1.53
CA TYR F 75 10.39 -9.19 2.89
C TYR F 75 9.45 -10.27 3.41
N LEU F 76 8.15 -10.11 3.14
CA LEU F 76 7.16 -11.09 3.58
C LEU F 76 7.36 -12.42 2.88
N ARG F 77 7.72 -12.40 1.59
CA ARG F 77 7.96 -13.64 0.85
C ARG F 77 9.17 -14.36 1.43
N ASP F 78 10.24 -13.61 1.75
CA ASP F 78 11.43 -14.23 2.33
C ASP F 78 11.11 -14.85 3.69
N GLN F 79 10.35 -14.12 4.52
CA GLN F 79 9.96 -14.64 5.83
C GLN F 79 9.03 -15.83 5.70
N GLN F 80 8.18 -15.85 4.67
CA GLN F 80 7.28 -16.97 4.45
C GLN F 80 8.07 -18.22 4.07
N LEU F 81 9.09 -18.04 3.22
CA LEU F 81 9.94 -19.16 2.82
C LEU F 81 10.67 -19.72 4.02
N LEU F 82 11.16 -18.84 4.90
CA LEU F 82 11.82 -19.31 6.12
C LEU F 82 10.82 -19.98 7.06
N GLY F 83 9.58 -19.49 7.07
CA GLY F 83 8.54 -20.06 7.92
C GLY F 83 8.15 -21.47 7.51
N ILE F 84 8.07 -21.73 6.20
CA ILE F 84 7.74 -23.07 5.70
C ILE F 84 8.76 -24.08 6.18
N TRP F 85 10.03 -23.69 6.22
CA TRP F 85 11.09 -24.54 6.73
C TRP F 85 11.12 -24.43 8.25
N GLY F 86 11.94 -25.26 8.89
CA GLY F 86 12.03 -25.20 10.34
C GLY F 86 13.02 -24.18 10.85
N CYS F 87 13.11 -23.03 10.18
CA CYS F 87 14.05 -21.97 10.53
C CYS F 87 13.30 -20.64 10.45
N SER F 88 12.11 -20.60 11.06
CA SER F 88 11.27 -19.41 11.03
C SER F 88 11.77 -18.27 11.91
N GLY F 89 12.62 -18.54 12.89
CA GLY F 89 13.06 -17.44 13.74
C GLY F 89 14.55 -17.38 14.04
N LYS F 90 15.39 -17.74 13.07
CA LYS F 90 16.83 -17.72 13.28
C LYS F 90 17.52 -17.54 11.94
N LEU F 91 18.54 -16.69 11.93
CA LEU F 91 19.31 -16.45 10.70
C LEU F 91 20.14 -17.66 10.31
N ILE F 92 20.69 -18.36 11.29
CA ILE F 92 21.50 -19.55 11.07
C ILE F 92 20.79 -20.73 11.71
N CYS F 93 20.62 -21.80 10.94
CA CYS F 93 19.95 -23.00 11.42
C CYS F 93 20.58 -24.21 10.73
N CYS F 94 20.05 -25.40 11.02
CA CYS F 94 20.56 -26.65 10.48
C CYS F 94 19.40 -27.47 9.91
N THR F 95 19.69 -28.33 8.93
CA THR F 95 18.66 -29.16 8.30
C THR F 95 19.15 -30.61 8.26
N ASN F 96 18.21 -31.56 8.08
CA ASN F 96 18.49 -32.99 8.05
C ASN F 96 18.77 -33.57 6.66
N VAL F 97 18.50 -32.83 5.58
CA VAL F 97 18.79 -33.28 4.22
C VAL F 97 20.25 -32.97 3.85
N PRO F 98 21.06 -34.01 3.55
CA PRO F 98 22.47 -33.73 3.18
C PRO F 98 22.66 -33.04 1.84
N TRP F 99 23.93 -32.80 1.49
CA TRP F 99 24.29 -32.14 0.25
C TRP F 99 24.80 -33.17 -0.75
N ASN F 100 24.08 -33.34 -1.86
CA ASN F 100 24.52 -34.25 -2.90
C ASN F 100 25.72 -33.67 -3.64
N SER F 101 26.75 -34.50 -3.83
CA SER F 101 28.00 -34.08 -4.47
C SER F 101 27.77 -33.53 -5.88
N SER F 102 26.76 -34.01 -6.59
CA SER F 102 26.50 -33.56 -7.97
C SER F 102 26.23 -32.07 -8.08
N TRP F 103 25.86 -31.39 -6.98
CA TRP F 103 25.54 -29.97 -7.03
C TRP F 103 26.80 -29.09 -7.01
N SER F 104 27.88 -29.56 -6.37
CA SER F 104 29.07 -28.72 -6.24
C SER F 104 30.41 -29.45 -6.36
N ASN F 105 30.49 -30.75 -5.97
CA ASN F 105 31.63 -31.67 -5.94
C ASN F 105 32.97 -31.01 -5.63
N ARG F 106 32.98 -30.17 -4.60
CA ARG F 106 34.16 -29.42 -4.19
C ARG F 106 34.32 -29.59 -2.69
N ASN F 107 35.56 -29.46 -2.20
CA ASN F 107 35.86 -29.62 -0.78
C ASN F 107 35.21 -28.50 0.05
N LEU F 108 35.07 -28.78 1.34
CA LEU F 108 34.45 -27.84 2.27
C LEU F 108 35.34 -26.64 2.56
N SER F 109 36.64 -26.89 2.79
CA SER F 109 37.58 -25.81 3.11
C SER F 109 37.74 -24.82 1.96
N GLU F 110 37.74 -25.30 0.71
CA GLU F 110 37.91 -24.41 -0.44
C GLU F 110 36.69 -23.50 -0.64
N ILE F 111 35.56 -23.78 -0.02
CA ILE F 111 34.37 -22.95 -0.18
C ILE F 111 34.33 -21.82 0.84
N TRP F 112 34.51 -22.13 2.12
CA TRP F 112 34.44 -21.09 3.14
C TRP F 112 35.71 -20.25 3.19
N ASP F 113 36.87 -20.81 2.89
CA ASP F 113 38.12 -20.08 2.96
C ASP F 113 38.70 -19.65 1.61
N ASN F 114 38.04 -19.91 0.48
CA ASN F 114 38.65 -19.50 -0.78
C ASN F 114 37.57 -19.01 -1.74
N MET F 115 36.33 -18.81 -1.31
CA MET F 115 35.29 -18.36 -2.22
C MET F 115 34.42 -17.32 -1.53
N THR F 116 33.75 -16.51 -2.35
CA THR F 116 32.86 -15.45 -1.93
C THR F 116 31.41 -15.86 -2.19
N TRP F 117 30.49 -15.09 -1.61
CA TRP F 117 29.06 -15.39 -1.77
C TRP F 117 28.58 -15.19 -3.20
N LEU F 118 29.09 -14.17 -3.90
CA LEU F 118 28.67 -13.91 -5.28
C LEU F 118 28.98 -15.09 -6.21
N GLN F 119 30.16 -15.70 -6.04
CA GLN F 119 30.53 -16.82 -6.88
C GLN F 119 29.78 -18.09 -6.51
N TRP F 120 29.66 -18.35 -5.21
CA TRP F 120 28.94 -19.54 -4.77
C TRP F 120 27.48 -19.45 -5.20
N ASP F 121 26.90 -18.26 -5.10
CA ASP F 121 25.51 -18.05 -5.52
C ASP F 121 25.36 -18.25 -7.02
N LYS F 122 26.32 -17.77 -7.81
CA LYS F 122 26.23 -17.95 -9.26
C LYS F 122 26.40 -19.41 -9.66
N GLU F 123 27.20 -20.17 -8.91
CA GLU F 123 27.43 -21.58 -9.21
C GLU F 123 26.25 -22.48 -8.82
N ILE F 124 25.51 -22.15 -7.76
CA ILE F 124 24.41 -22.97 -7.30
C ILE F 124 23.05 -22.46 -7.83
N SER F 125 23.04 -21.30 -8.51
CA SER F 125 21.83 -20.68 -9.06
C SER F 125 20.93 -21.63 -9.86
N ASN F 126 21.52 -22.58 -10.57
CA ASN F 126 20.74 -23.52 -11.36
C ASN F 126 20.15 -24.67 -10.54
N TYR F 127 20.63 -24.87 -9.31
CA TYR F 127 20.14 -25.94 -8.44
C TYR F 127 19.45 -25.45 -7.17
N THR F 128 19.15 -24.16 -7.07
CA THR F 128 18.50 -23.62 -5.88
C THR F 128 17.07 -24.15 -5.70
N GLN F 129 16.30 -24.22 -6.80
CA GLN F 129 14.91 -24.68 -6.72
C GLN F 129 14.80 -26.10 -6.19
N ILE F 130 15.70 -26.99 -6.62
CA ILE F 130 15.68 -28.38 -6.16
C ILE F 130 15.95 -28.45 -4.66
N ILE F 131 16.93 -27.66 -4.19
CA ILE F 131 17.26 -27.64 -2.76
C ILE F 131 16.09 -27.10 -1.96
N TYR F 132 15.39 -26.09 -2.50
CA TYR F 132 14.23 -25.51 -1.83
C TYR F 132 13.12 -26.55 -1.68
N GLY F 133 12.86 -27.30 -2.75
CA GLY F 133 11.84 -28.33 -2.69
C GLY F 133 12.20 -29.43 -1.71
N LEU F 134 13.48 -29.82 -1.68
CA LEU F 134 13.94 -30.85 -0.75
C LEU F 134 13.77 -30.38 0.69
N LEU F 135 14.09 -29.11 0.96
CA LEU F 135 13.96 -28.55 2.30
C LEU F 135 12.50 -28.55 2.75
N GLU F 136 11.59 -28.12 1.86
CA GLU F 136 10.17 -28.08 2.19
C GLU F 136 9.63 -29.49 2.46
N GLU F 137 9.98 -30.45 1.61
CA GLU F 137 9.52 -31.83 1.79
C GLU F 137 10.06 -32.43 3.08
N SER F 138 11.34 -32.16 3.39
CA SER F 138 11.95 -32.68 4.61
C SER F 138 11.25 -32.11 5.83
N GLN F 139 10.93 -30.81 5.81
CA GLN F 139 10.24 -30.21 6.94
C GLN F 139 8.84 -30.80 7.11
N ASN F 140 8.13 -31.02 5.99
CA ASN F 140 6.78 -31.61 6.08
C ASN F 140 6.83 -33.02 6.68
N GLN F 141 7.82 -33.82 6.26
CA GLN F 141 7.95 -35.17 6.78
C GLN F 141 8.33 -35.14 8.25
N GLN F 142 9.26 -34.26 8.64
CA GLN F 142 9.65 -34.18 10.04
C GLN F 142 8.49 -33.71 10.90
N GLU F 143 7.67 -32.80 10.36
CA GLU F 143 6.50 -32.28 11.08
C GLU F 143 5.51 -33.39 11.39
N LYS F 144 5.26 -34.26 10.41
CA LYS F 144 4.31 -35.34 10.67
C LYS F 144 4.95 -36.43 11.54
N ASN F 145 6.25 -36.68 11.39
CA ASN F 145 6.91 -37.69 12.22
C ASN F 145 6.90 -37.26 13.67
N GLU F 146 7.23 -35.98 13.93
CA GLU F 146 7.25 -35.43 15.28
C GLU F 146 5.86 -35.44 15.89
N GLN F 147 4.83 -35.09 15.10
CA GLN F 147 3.46 -35.11 15.63
C GLN F 147 3.03 -36.53 15.98
N ASP F 148 3.37 -37.51 15.13
CA ASP F 148 3.03 -38.90 15.40
C ASP F 148 3.74 -39.40 16.65
N LEU F 149 5.02 -39.05 16.80
CA LEU F 149 5.79 -39.46 17.96
C LEU F 149 5.24 -38.84 19.24
N LEU F 150 4.87 -37.56 19.19
CA LEU F 150 4.33 -36.89 20.37
C LEU F 150 2.91 -37.35 20.69
N ALA F 151 2.21 -37.97 19.73
CA ALA F 151 0.85 -38.46 19.97
C ALA F 151 0.76 -39.50 21.08
N LEU F 152 1.86 -40.20 21.39
CA LEU F 152 1.87 -41.22 22.44
C LEU F 152 1.56 -40.63 23.82
N ASP F 153 1.89 -39.37 24.05
CA ASP F 153 1.63 -38.71 25.32
C ASP F 153 0.15 -38.50 25.57
N GLN G 1 32.95 -1.01 39.42
CA GLN G 1 33.31 -0.77 38.03
C GLN G 1 34.77 -1.15 37.79
N VAL G 2 35.18 -1.12 36.52
CA VAL G 2 36.56 -1.46 36.16
C VAL G 2 37.52 -0.44 36.76
N GLN G 3 38.68 -0.92 37.20
CA GLN G 3 39.71 -0.09 37.80
C GLN G 3 41.06 -0.49 37.21
N LEU G 4 41.88 0.50 36.89
CA LEU G 4 43.20 0.26 36.33
C LEU G 4 44.24 0.82 37.29
N GLN G 5 45.36 0.11 37.44
CA GLN G 5 46.41 0.56 38.35
C GLN G 5 47.76 0.06 37.85
N GLU G 6 48.69 0.98 37.63
CA GLU G 6 50.05 0.69 37.17
C GLU G 6 50.98 0.42 38.35
N SER G 7 52.05 -0.31 38.09
CA SER G 7 53.01 -0.63 39.14
C SER G 7 54.41 -0.70 38.55
N GLY G 8 55.39 -0.25 39.34
CA GLY G 8 56.77 -0.26 38.92
C GLY G 8 57.61 0.77 39.64
N PRO G 9 58.90 0.86 39.31
CA PRO G 9 59.77 1.84 39.96
C PRO G 9 59.68 3.23 39.32
N GLY G 10 59.65 4.25 40.19
CA GLY G 10 59.57 5.64 39.77
C GLY G 10 60.89 6.30 39.44
N LEU G 11 62.01 5.61 39.62
CA LEU G 11 63.33 6.16 39.33
C LEU G 11 64.14 5.13 38.55
N VAL G 12 64.73 5.57 37.44
CA VAL G 12 65.53 4.71 36.60
C VAL G 12 66.73 5.49 36.07
N LYS G 13 67.89 4.84 36.02
CA LYS G 13 69.09 5.47 35.52
C LYS G 13 69.00 5.58 34.00
N PRO G 14 69.90 6.32 33.34
CA PRO G 14 69.81 6.39 31.88
C PRO G 14 70.55 5.28 31.15
N SER G 15 70.04 4.99 29.94
CA SER G 15 70.55 3.99 28.98
C SER G 15 70.43 2.52 29.41
N GLU G 16 69.21 2.08 29.75
CA GLU G 16 69.00 0.67 30.09
C GLU G 16 67.51 0.39 29.92
N THR G 17 67.12 -0.86 30.21
CA THR G 17 65.73 -1.28 30.08
C THR G 17 64.86 -0.68 31.19
N LEU G 18 63.60 -0.43 30.84
CA LEU G 18 62.60 0.11 31.74
C LEU G 18 61.36 -0.75 31.61
N SER G 19 60.82 -1.20 32.75
CA SER G 19 59.65 -2.06 32.75
C SER G 19 58.59 -1.54 33.70
N LEU G 20 57.35 -1.58 33.22
CA LEU G 20 56.17 -1.14 33.96
C LEU G 20 55.10 -2.21 33.82
N THR G 21 54.22 -2.29 34.82
CA THR G 21 53.15 -3.27 34.83
C THR G 21 51.87 -2.57 35.27
N CYS G 22 50.77 -2.87 34.59
CA CYS G 22 49.46 -2.29 34.87
C CYS G 22 48.45 -3.41 35.10
N GLY G 23 47.91 -3.47 36.32
CA GLY G 23 46.93 -4.49 36.64
C GLY G 23 45.54 -4.10 36.21
N VAL G 24 44.66 -5.11 36.13
CA VAL G 24 43.28 -4.92 35.71
C VAL G 24 42.39 -5.64 36.72
N SER G 25 41.32 -4.96 37.16
CA SER G 25 40.39 -5.53 38.11
C SER G 25 38.97 -5.19 37.67
N GLY G 26 38.04 -6.09 37.96
CA GLY G 26 36.66 -5.92 37.60
C GLY G 26 36.30 -6.38 36.20
N ASP G 27 37.29 -6.69 35.35
CA ASP G 27 37.03 -7.15 34.00
C ASP G 27 38.18 -8.05 33.60
N SER G 28 37.95 -8.89 32.59
CA SER G 28 38.95 -9.82 32.09
C SER G 28 39.68 -9.25 30.88
N ILE G 29 40.99 -9.46 30.84
CA ILE G 29 41.82 -8.99 29.73
C ILE G 29 41.47 -9.69 28.43
N THR G 30 40.84 -10.87 28.51
CA THR G 30 40.44 -11.63 27.33
C THR G 30 39.05 -11.27 26.83
N ARG G 31 38.62 -10.02 27.03
CA ARG G 31 37.31 -9.55 26.58
C ARG G 31 37.20 -9.70 25.07
N ASN G 32 35.98 -9.93 24.59
CA ASN G 32 35.73 -10.20 23.17
C ASN G 32 36.18 -9.07 22.24
N TYR G 33 35.85 -7.82 22.55
CA TYR G 33 36.20 -6.73 21.62
C TYR G 33 36.81 -5.49 22.30
N TYR G 34 37.86 -5.66 23.10
CA TYR G 34 38.48 -4.51 23.75
C TYR G 34 40.00 -4.58 23.62
N TYR G 35 40.61 -3.40 23.53
CA TYR G 35 42.05 -3.23 23.42
C TYR G 35 42.62 -2.52 24.64
N TRP G 36 43.90 -2.74 24.91
CA TRP G 36 44.59 -2.13 26.05
C TRP G 36 45.81 -1.36 25.55
N HIS G 37 45.82 -0.05 25.79
CA HIS G 37 46.89 0.87 25.38
C HIS G 37 47.75 1.34 26.53
N TRP G 38 48.88 1.95 26.15
CA TRP G 38 49.87 2.54 27.04
C TRP G 38 50.17 3.92 26.47
N ILE G 39 49.69 4.96 27.16
CA ILE G 39 49.87 6.34 26.71
C ILE G 39 50.65 7.10 27.77
N ARG G 40 51.58 7.94 27.32
CA ARG G 40 52.40 8.76 28.21
C ARG G 40 52.14 10.23 27.94
N GLN G 41 52.04 11.01 29.01
CA GLN G 41 51.77 12.44 28.93
C GLN G 41 53.06 13.21 29.23
N SER G 42 53.78 13.57 28.17
CA SER G 42 55.00 14.32 28.34
C SER G 42 54.70 15.80 28.58
N PRO G 43 55.54 16.50 29.34
CA PRO G 43 55.27 17.93 29.60
C PRO G 43 55.58 18.78 28.38
N GLY G 44 54.55 19.47 27.87
CA GLY G 44 54.68 20.35 26.73
C GLY G 44 54.53 19.73 25.36
N LYS G 45 55.09 18.54 25.15
CA LYS G 45 55.03 17.87 23.86
C LYS G 45 53.69 17.15 23.63
N GLY G 46 52.89 16.96 24.67
CA GLY G 46 51.61 16.31 24.49
C GLY G 46 51.62 14.80 24.70
N LEU G 47 50.45 14.21 24.50
CA LEU G 47 50.27 12.77 24.66
C LEU G 47 50.97 11.99 23.56
N GLU G 48 51.37 10.77 23.89
CA GLU G 48 52.05 9.86 22.97
C GLU G 48 51.63 8.44 23.27
N GLY G 49 51.26 7.70 22.22
CA GLY G 49 50.86 6.31 22.37
C GLY G 49 52.00 5.37 22.11
N LEU G 50 52.46 4.68 23.16
CA LEU G 50 53.58 3.75 23.01
C LEU G 50 53.20 2.51 22.22
N GLY G 51 52.02 1.96 22.46
CA GLY G 51 51.57 0.77 21.76
C GLY G 51 50.33 0.22 22.42
N TYR G 52 49.92 -0.95 21.94
CA TYR G 52 48.73 -1.59 22.50
C TYR G 52 48.77 -3.09 22.27
N ILE G 53 47.88 -3.78 23.00
CA ILE G 53 47.73 -5.22 22.92
C ILE G 53 46.27 -5.57 22.69
N ALA G 54 46.03 -6.37 21.65
CA ALA G 54 44.68 -6.78 21.31
C ALA G 54 44.29 -7.98 22.15
N TYR G 55 43.00 -8.33 22.09
CA TYR G 55 42.51 -9.48 22.83
C TYR G 55 43.11 -10.79 22.34
N THR G 56 43.57 -10.85 21.09
CA THR G 56 44.17 -12.03 20.49
C THR G 56 45.65 -12.20 20.81
N GLY G 57 46.28 -11.28 21.55
CA GLY G 57 47.69 -11.40 21.85
C GLY G 57 48.62 -10.69 20.90
N GLY G 58 48.10 -10.20 19.76
CA GLY G 58 48.93 -9.49 18.80
C GLY G 58 49.35 -8.13 19.31
N THR G 59 50.62 -7.78 19.12
CA THR G 59 51.16 -6.51 19.57
C THR G 59 51.33 -5.55 18.40
N ASP G 60 51.20 -4.26 18.70
CA ASP G 60 51.37 -3.22 17.69
C ASP G 60 52.15 -2.08 18.33
N TYR G 61 53.21 -1.65 17.67
CA TYR G 61 54.08 -0.57 18.15
C TYR G 61 54.07 0.57 17.15
N SER G 62 54.25 1.79 17.66
CA SER G 62 54.26 2.96 16.79
C SER G 62 55.55 2.94 15.96
N PRO G 63 55.57 3.56 14.78
CA PRO G 63 56.81 3.53 13.97
C PRO G 63 58.01 4.22 14.60
N SER G 64 57.80 5.30 15.35
CA SER G 64 58.93 6.00 15.96
C SER G 64 59.50 5.27 17.17
N PHE G 65 58.75 4.32 17.74
CA PHE G 65 59.15 3.55 18.91
C PHE G 65 59.13 2.04 18.71
N LYS G 66 58.93 1.56 17.47
CA LYS G 66 58.87 0.12 17.18
C LYS G 66 60.17 -0.60 17.58
N SER G 67 61.30 0.08 17.50
CA SER G 67 62.61 -0.45 17.81
C SER G 67 62.96 -0.32 19.29
N ARG G 68 62.06 0.20 20.12
CA ARG G 68 62.33 0.39 21.54
C ARG G 68 61.24 -0.08 22.49
N VAL G 69 59.99 -0.19 22.06
CA VAL G 69 58.89 -0.60 22.93
C VAL G 69 58.61 -2.09 22.71
N THR G 70 58.10 -2.76 23.75
CA THR G 70 57.75 -4.18 23.71
C THR G 70 56.67 -4.38 24.77
N ILE G 71 55.61 -5.08 24.40
CA ILE G 71 54.48 -5.34 25.28
C ILE G 71 54.25 -6.84 25.39
N SER G 72 53.96 -7.31 26.60
CA SER G 72 53.69 -8.71 26.87
C SER G 72 52.45 -8.80 27.74
N ARG G 73 51.87 -9.99 27.83
CA ARG G 73 50.68 -10.18 28.63
C ARG G 73 50.78 -11.50 29.39
N ASP G 74 49.98 -11.60 30.46
CA ASP G 74 49.94 -12.80 31.29
C ASP G 74 48.48 -12.97 31.72
N THR G 75 47.73 -13.74 30.93
CA THR G 75 46.31 -13.98 31.18
C THR G 75 46.01 -14.74 32.47
N SER G 76 46.99 -15.46 33.04
CA SER G 76 46.73 -16.23 34.25
C SER G 76 46.43 -15.37 35.47
N LYS G 77 46.96 -14.15 35.52
CA LYS G 77 46.72 -13.24 36.65
C LYS G 77 45.98 -11.96 36.26
N ASN G 78 45.53 -11.85 35.01
CA ASN G 78 44.78 -10.70 34.48
C ASN G 78 45.56 -9.38 34.59
N GLN G 79 46.69 -9.33 33.88
CA GLN G 79 47.52 -8.13 33.87
C GLN G 79 48.42 -8.18 32.64
N PHE G 80 48.96 -7.01 32.29
CA PHE G 80 49.85 -6.87 31.15
C PHE G 80 50.96 -5.90 31.51
N SER G 81 52.12 -6.09 30.90
CA SER G 81 53.30 -5.27 31.17
C SER G 81 53.96 -4.79 29.88
N LEU G 82 54.74 -3.73 30.02
CA LEU G 82 55.47 -3.10 28.93
C LEU G 82 56.94 -3.01 29.29
N LYS G 83 57.79 -3.28 28.29
CA LYS G 83 59.24 -3.22 28.43
C LYS G 83 59.75 -2.16 27.46
N LEU G 84 60.62 -1.28 27.95
CA LEU G 84 61.17 -0.20 27.16
C LEU G 84 62.68 -0.12 27.37
N THR G 85 63.44 -0.40 26.32
CA THR G 85 64.90 -0.37 26.38
C THR G 85 65.43 0.92 25.77
N SER G 86 66.69 1.22 26.10
CA SER G 86 67.43 2.40 25.63
C SER G 86 66.70 3.69 26.02
N VAL G 87 66.45 3.82 27.33
CA VAL G 87 65.76 4.99 27.85
C VAL G 87 66.71 6.19 27.85
N THR G 88 66.14 7.39 27.69
CA THR G 88 66.90 8.64 27.67
C THR G 88 66.23 9.65 28.58
N VAL G 89 66.89 10.81 28.74
CA VAL G 89 66.38 11.88 29.59
C VAL G 89 65.05 12.43 29.07
N ALA G 90 64.84 12.40 27.76
CA ALA G 90 63.61 12.89 27.15
C ALA G 90 62.39 12.01 27.43
N ASP G 91 62.60 10.81 27.96
CA ASP G 91 61.51 9.89 28.25
C ASP G 91 60.81 10.17 29.57
N THR G 92 61.28 11.16 30.35
CA THR G 92 60.66 11.50 31.63
C THR G 92 59.24 12.01 31.38
N ALA G 93 58.25 11.26 31.83
CA ALA G 93 56.84 11.62 31.66
C ALA G 93 55.98 10.72 32.53
N VAL G 94 54.70 11.07 32.61
CA VAL G 94 53.71 10.32 33.37
C VAL G 94 53.14 9.24 32.47
N TYR G 95 53.38 7.98 32.81
CA TYR G 95 52.92 6.86 32.01
C TYR G 95 51.56 6.37 32.50
N PHE G 96 50.60 6.31 31.58
CA PHE G 96 49.24 5.87 31.85
C PHE G 96 48.97 4.54 31.15
N CYS G 97 47.96 3.84 31.65
CA CYS G 97 47.48 2.59 31.09
C CYS G 97 45.97 2.74 30.97
N ALA G 98 45.42 2.46 29.78
CA ALA G 98 43.99 2.65 29.58
C ALA G 98 43.42 1.56 28.69
N ARG G 99 42.08 1.55 28.60
CA ARG G 99 41.34 0.60 27.77
C ARG G 99 40.38 1.32 26.84
N GLU G 100 40.52 1.10 25.52
CA GLU G 100 39.64 1.77 24.52
C GLU G 100 38.57 0.79 24.03
N ARG G 101 37.92 1.11 22.90
CA ARG G 101 36.81 0.26 22.39
C ARG G 101 37.16 -0.34 21.02
N GLY G 102 36.93 -1.64 20.84
CA GLY G 102 37.17 -2.27 19.54
C GLY G 102 35.95 -2.20 18.64
N ASP G 103 36.15 -2.14 17.32
CA ASP G 103 35.00 -2.14 16.38
C ASP G 103 34.52 -3.57 16.19
N SER G 104 33.36 -3.92 16.77
CA SER G 104 32.82 -5.30 16.65
C SER G 104 32.40 -5.58 15.22
N TYR G 105 32.17 -6.85 14.87
CA TYR G 105 31.73 -7.20 13.52
C TYR G 105 30.40 -6.55 13.16
N ILE G 106 29.48 -6.48 14.14
CA ILE G 106 28.12 -5.97 13.89
C ILE G 106 28.04 -4.45 13.97
N TYR G 107 28.64 -3.85 15.00
CA TYR G 107 28.57 -2.41 15.26
C TYR G 107 29.97 -1.83 15.46
N SER G 108 30.02 -0.49 15.51
CA SER G 108 31.27 0.21 15.72
C SER G 108 31.23 0.98 17.03
N TYR G 109 32.27 0.82 17.85
CA TYR G 109 32.39 1.46 19.14
C TYR G 109 33.78 2.07 19.26
N ASP G 110 33.86 3.33 19.66
CA ASP G 110 35.14 4.01 19.78
C ASP G 110 35.19 4.69 21.15
N GLY G 111 36.37 5.16 21.53
CA GLY G 111 36.54 5.88 22.78
C GLY G 111 37.25 5.05 23.84
N VAL G 112 38.04 5.74 24.65
CA VAL G 112 38.75 5.12 25.78
C VAL G 112 37.82 5.17 26.98
N ASP G 113 37.45 4.00 27.49
CA ASP G 113 36.49 3.98 28.61
C ASP G 113 37.12 4.40 29.93
N PHE G 114 38.21 3.75 30.34
CA PHE G 114 38.81 4.03 31.63
C PHE G 114 40.31 4.29 31.51
N TRP G 115 40.82 5.11 32.43
CA TRP G 115 42.23 5.47 32.52
C TRP G 115 42.75 5.10 33.90
N GLY G 116 44.07 4.93 34.00
CA GLY G 116 44.70 4.58 35.27
C GLY G 116 44.89 5.82 36.13
N GLN G 117 45.98 5.84 36.90
CA GLN G 117 46.28 6.98 37.75
C GLN G 117 47.55 7.75 37.37
N GLY G 118 48.49 7.10 36.66
CA GLY G 118 49.73 7.71 36.23
C GLY G 118 50.89 7.69 37.20
N LEU G 119 52.06 7.26 36.72
CA LEU G 119 53.27 7.17 37.52
C LEU G 119 54.40 7.91 36.82
N LEU G 120 54.98 8.89 37.49
CA LEU G 120 56.08 9.67 36.93
C LEU G 120 57.38 8.91 37.10
N VAL G 121 58.16 8.80 36.02
CA VAL G 121 59.45 8.13 36.03
C VAL G 121 60.54 9.15 35.71
N THR G 122 61.53 9.27 36.58
CA THR G 122 62.63 10.21 36.41
C THR G 122 63.86 9.50 35.88
N VAL G 123 64.35 9.94 34.72
CA VAL G 123 65.54 9.36 34.09
C VAL G 123 66.68 10.31 34.43
N SER G 124 67.36 10.04 35.56
CA SER G 124 68.48 10.83 36.05
C SER G 124 69.10 10.09 37.23
N SER G 125 70.41 10.29 37.40
CA SER G 125 71.15 9.67 38.48
C SER G 125 71.07 10.49 39.76
N ASP H 1 51.45 10.93 9.03
CA ASP H 1 50.86 10.82 10.36
C ASP H 1 49.76 11.87 10.43
N ALA H 2 48.59 11.47 10.94
CA ALA H 2 47.44 12.37 11.06
C ALA H 2 47.52 13.08 12.40
N VAL H 3 47.92 14.35 12.37
CA VAL H 3 48.05 15.17 13.58
C VAL H 3 46.79 16.01 13.74
N LEU H 4 46.49 16.37 14.98
CA LEU H 4 45.32 17.17 15.31
C LEU H 4 45.77 18.55 15.77
N THR H 5 45.01 19.57 15.39
CA THR H 5 45.31 20.95 15.75
C THR H 5 44.07 21.59 16.35
N GLN H 6 44.23 22.18 17.54
CA GLN H 6 43.13 22.83 18.24
C GLN H 6 43.27 24.35 18.17
N SER H 7 42.15 25.04 18.36
CA SER H 7 42.12 26.50 18.34
C SER H 7 40.83 26.94 19.02
N PRO H 8 40.85 27.98 19.87
CA PRO H 8 41.98 28.80 20.31
C PRO H 8 42.88 28.09 21.32
N LEU H 9 44.13 28.55 21.48
CA LEU H 9 45.05 27.93 22.43
C LEU H 9 44.54 28.06 23.86
N SER H 10 44.00 29.23 24.22
CA SER H 10 43.46 29.47 25.54
C SER H 10 42.04 29.99 25.39
N LEU H 11 41.20 29.68 26.37
CA LEU H 11 39.80 30.10 26.36
C LEU H 11 39.41 30.72 27.71
N PRO H 12 39.88 31.94 28.00
CA PRO H 12 39.51 32.57 29.28
C PRO H 12 38.09 33.08 29.23
N ILE H 13 37.23 32.56 30.11
CA ILE H 13 35.82 32.93 30.17
C ILE H 13 35.41 33.11 31.62
N THR H 14 34.18 33.55 31.82
CA THR H 14 33.56 33.79 33.11
C THR H 14 32.25 33.02 33.19
N PRO H 15 31.83 32.60 34.40
CA PRO H 15 30.55 31.89 34.52
C PRO H 15 29.37 32.79 34.20
N GLY H 16 28.67 32.50 33.10
CA GLY H 16 27.52 33.28 32.71
C GLY H 16 27.28 33.35 31.21
N GLU H 17 28.27 33.02 30.39
CA GLU H 17 28.12 33.03 28.95
C GLU H 17 28.61 31.70 28.41
N PRO H 18 28.16 31.27 27.19
CA PRO H 18 28.63 29.98 26.66
C PRO H 18 30.11 29.93 26.30
N ALA H 19 30.55 28.79 25.77
CA ALA H 19 31.93 28.59 25.36
C ALA H 19 31.97 27.67 24.15
N SER H 20 33.07 27.74 23.41
CA SER H 20 33.25 26.93 22.22
C SER H 20 34.73 26.64 21.98
N ILE H 21 35.01 25.43 21.50
CA ILE H 21 36.36 24.97 21.20
C ILE H 21 36.29 24.30 19.83
N SER H 22 37.39 24.38 19.07
CA SER H 22 37.47 23.79 17.74
C SER H 22 38.69 22.89 17.62
N CYS H 23 38.54 21.83 16.83
CA CYS H 23 39.61 20.85 16.59
C CYS H 23 39.54 20.42 15.14
N ARG H 24 40.70 20.36 14.49
CA ARG H 24 40.81 19.97 13.09
C ARG H 24 41.86 18.89 12.93
N SER H 25 41.81 18.20 11.79
CA SER H 25 42.73 17.12 11.48
C SER H 25 43.37 17.36 10.12
N SER H 26 44.59 16.86 9.95
CA SER H 26 45.30 17.01 8.69
C SER H 26 44.74 16.07 7.61
N GLN H 27 44.32 14.87 8.01
CA GLN H 27 43.76 13.89 7.10
C GLN H 27 42.28 13.69 7.40
N SER H 28 41.55 13.20 6.39
CA SER H 28 40.13 12.95 6.56
C SER H 28 39.89 11.81 7.54
N LEU H 29 39.07 12.06 8.55
CA LEU H 29 38.76 11.05 9.56
C LEU H 29 37.57 10.19 9.20
N LEU H 30 36.95 10.41 8.04
CA LEU H 30 35.80 9.61 7.62
C LEU H 30 36.35 8.31 7.02
N HIS H 31 36.34 7.25 7.82
CA HIS H 31 36.81 5.93 7.42
C HIS H 31 36.00 5.40 6.24
N THR H 32 36.61 4.46 5.51
CA THR H 32 35.99 3.86 4.32
C THR H 32 34.66 3.16 4.62
N ASN H 33 34.40 2.77 5.86
CA ASN H 33 33.13 2.12 6.21
C ASN H 33 32.01 3.13 6.42
N GLY H 34 32.31 4.42 6.41
CA GLY H 34 31.31 5.45 6.60
C GLY H 34 31.08 5.87 8.03
N GLU H 35 32.09 5.74 8.89
CA GLU H 35 31.99 6.11 10.30
C GLU H 35 33.19 6.93 10.72
N THR H 36 32.94 8.02 11.43
CA THR H 36 33.99 8.89 11.93
C THR H 36 34.51 8.27 13.25
N TYR H 37 35.76 8.58 13.61
CA TYR H 37 36.38 8.03 14.81
C TYR H 37 37.10 9.09 15.64
N LEU H 38 36.41 10.20 15.93
CA LEU H 38 36.97 11.27 16.74
C LEU H 38 36.27 11.27 18.10
N ASN H 39 37.04 11.53 19.15
CA ASN H 39 36.54 11.56 20.51
C ASN H 39 37.11 12.78 21.24
N TRP H 40 36.40 13.22 22.27
CA TRP H 40 36.78 14.36 23.09
C TRP H 40 37.10 13.90 24.50
N TYR H 41 38.14 14.49 25.08
CA TYR H 41 38.57 14.15 26.43
C TYR H 41 38.77 15.39 27.28
N GLN H 42 38.56 15.24 28.58
CA GLN H 42 38.73 16.32 29.56
C GLN H 42 39.66 15.81 30.65
N GLN H 43 40.66 16.62 31.01
CA GLN H 43 41.63 16.26 32.04
C GLN H 43 41.79 17.37 33.05
N LYS H 44 41.68 17.03 34.33
CA LYS H 44 41.83 18.00 35.40
C LYS H 44 43.29 18.08 35.83
N THR H 45 43.59 19.03 36.71
CA THR H 45 44.95 19.23 37.21
C THR H 45 45.37 18.03 38.06
N GLY H 46 46.33 17.26 37.57
CA GLY H 46 46.83 16.09 38.28
C GLY H 46 45.81 14.99 38.46
N GLN H 47 45.07 14.66 37.40
CA GLN H 47 44.06 13.61 37.44
C GLN H 47 43.98 12.93 36.08
N ARG H 48 43.40 11.73 36.08
CA ARG H 48 43.26 10.97 34.86
C ARG H 48 42.24 11.63 33.93
N PRO H 49 42.46 11.55 32.61
CA PRO H 49 41.50 12.16 31.69
C PRO H 49 40.18 11.40 31.68
N ARG H 50 39.12 12.10 31.29
CA ARG H 50 37.79 11.51 31.21
C ARG H 50 37.23 11.68 29.82
N LEU H 51 36.58 10.63 29.32
CA LEU H 51 35.98 10.65 27.99
C LEU H 51 34.63 11.34 28.09
N LEU H 52 34.47 12.49 27.41
CA LEU H 52 33.19 13.17 27.51
C LEU H 52 32.24 12.76 26.38
N ILE H 53 32.66 13.01 25.14
CA ILE H 53 31.80 12.69 23.96
C ILE H 53 32.54 11.69 23.07
N SER H 54 31.80 10.75 22.47
CA SER H 54 32.43 9.72 21.60
C SER H 54 31.77 9.74 20.22
N GLN H 55 32.42 9.15 19.22
CA GLN H 55 31.83 9.08 17.85
C GLN H 55 31.37 10.48 17.44
N VAL H 56 32.18 11.50 17.72
CA VAL H 56 31.84 12.91 17.32
C VAL H 56 30.70 13.44 18.18
N SER H 57 29.51 12.81 18.12
CA SER H 57 28.34 13.34 18.85
C SER H 57 27.64 12.24 19.64
N LYS H 58 28.26 11.75 20.72
CA LYS H 58 27.61 10.73 21.59
C LYS H 58 27.96 11.05 23.05
N ARG H 59 27.03 11.65 23.79
CA ARG H 59 27.32 12.04 25.20
C ARG H 59 27.51 10.78 26.05
N GLU H 60 28.75 10.44 26.37
CA GLU H 60 29.04 9.28 27.20
C GLU H 60 28.12 9.26 28.42
N ILE H 61 27.91 8.06 28.97
CA ILE H 61 27.06 7.89 30.14
C ILE H 61 27.72 8.51 31.36
N GLY H 62 26.92 9.21 32.17
CA GLY H 62 27.41 9.85 33.37
C GLY H 62 28.05 11.20 33.16
N VAL H 63 27.97 11.75 31.96
CA VAL H 63 28.55 13.06 31.65
C VAL H 63 27.39 14.06 31.65
N PRO H 64 27.58 15.29 32.14
CA PRO H 64 26.49 16.26 32.15
C PRO H 64 26.02 16.61 30.73
N ASP H 65 24.73 16.94 30.63
CA ASP H 65 24.13 17.30 29.35
C ASP H 65 24.59 18.66 28.85
N ARG H 66 25.30 19.43 29.69
CA ARG H 66 25.80 20.76 29.31
C ARG H 66 26.82 20.72 28.18
N PHE H 67 27.41 19.57 27.89
CA PHE H 67 28.40 19.42 26.82
C PHE H 67 27.75 18.88 25.56
N SER H 68 28.27 19.32 24.41
CA SER H 68 27.78 18.88 23.12
C SER H 68 28.85 19.12 22.07
N ALA H 69 28.74 18.41 20.95
CA ALA H 69 29.69 18.53 19.86
C ALA H 69 29.04 18.14 18.55
N SER H 70 29.69 18.52 17.45
CA SER H 70 29.21 18.22 16.10
C SER H 70 30.37 18.37 15.14
N GLY H 71 30.21 17.81 13.95
CA GLY H 71 31.24 17.89 12.94
C GLY H 71 31.12 16.76 11.95
N ALA H 72 31.89 16.88 10.86
CA ALA H 72 31.93 15.89 9.79
C ALA H 72 33.09 16.15 8.82
N GLY H 73 33.80 15.08 8.47
CA GLY H 73 34.91 15.13 7.54
C GLY H 73 36.24 15.57 8.12
N SER H 74 36.43 16.88 8.25
CA SER H 74 37.67 17.40 8.81
C SER H 74 37.46 18.58 9.76
N ASP H 75 36.24 19.07 9.93
CA ASP H 75 35.95 20.18 10.82
C ASP H 75 35.05 19.72 11.96
N PHE H 76 35.46 20.03 13.18
CA PHE H 76 34.72 19.63 14.37
C PHE H 76 34.79 20.77 15.38
N THR H 77 33.74 20.89 16.19
CA THR H 77 33.65 21.94 17.21
C THR H 77 33.00 21.40 18.46
N LEU H 78 33.53 21.82 19.61
CA LEU H 78 33.03 21.45 20.93
C LEU H 78 32.41 22.70 21.55
N LYS H 79 31.12 22.64 21.84
CA LYS H 79 30.42 23.78 22.41
C LYS H 79 29.77 23.38 23.73
N ILE H 80 29.84 24.30 24.70
CA ILE H 80 29.26 24.09 26.01
C ILE H 80 28.03 24.98 26.12
N SER H 81 26.85 24.36 26.27
CA SER H 81 25.62 25.13 26.36
C SER H 81 25.51 25.88 27.68
N ARG H 82 26.12 25.39 28.75
CA ARG H 82 26.05 26.04 30.05
C ARG H 82 27.31 25.67 30.82
N VAL H 83 28.22 26.63 30.98
CA VAL H 83 29.49 26.40 31.66
C VAL H 83 29.40 26.85 33.12
N GLU H 84 30.03 26.08 34.01
CA GLU H 84 30.09 26.32 35.44
C GLU H 84 31.54 26.60 35.85
N ALA H 85 31.79 26.70 37.16
CA ALA H 85 33.13 26.96 37.67
C ALA H 85 34.01 25.72 37.79
N GLU H 86 33.45 24.52 37.74
CA GLU H 86 34.24 23.29 37.86
C GLU H 86 34.72 22.78 36.51
N ASP H 87 34.52 23.53 35.42
CA ASP H 87 34.96 23.13 34.09
C ASP H 87 36.35 23.65 33.76
N VAL H 88 37.18 23.88 34.76
CA VAL H 88 38.54 24.37 34.58
C VAL H 88 39.46 23.18 34.34
N GLY H 89 40.22 23.23 33.26
CA GLY H 89 41.14 22.16 32.93
C GLY H 89 41.40 22.11 31.44
N LEU H 90 42.15 21.09 31.04
CA LEU H 90 42.51 20.90 29.64
C LEU H 90 41.48 20.04 28.92
N TYR H 91 41.40 20.25 27.61
CA TYR H 91 40.48 19.52 26.72
C TYR H 91 41.30 18.94 25.58
N PHE H 92 41.16 17.64 25.36
CA PHE H 92 41.91 16.93 24.32
C PHE H 92 40.98 16.26 23.32
N CYS H 93 41.32 16.38 22.05
CA CYS H 93 40.60 15.76 20.95
C CYS H 93 41.53 14.73 20.33
N GLY H 94 41.04 13.50 20.15
CA GLY H 94 41.87 12.45 19.59
C GLY H 94 41.09 11.61 18.60
N GLN H 95 41.86 10.97 17.72
CA GLN H 95 41.32 10.09 16.68
C GLN H 95 41.79 8.66 16.91
N GLY H 96 40.87 7.72 16.76
CA GLY H 96 41.21 6.32 16.92
C GLY H 96 41.15 5.57 15.61
N LEU H 97 41.39 6.28 14.51
CA LEU H 97 41.35 5.69 13.17
C LEU H 97 42.73 5.36 12.63
N HIS H 98 43.60 6.36 12.49
CA HIS H 98 44.92 6.14 11.95
C HIS H 98 45.89 5.67 13.03
N TRP H 99 46.96 5.01 12.57
CA TRP H 99 48.02 4.47 13.42
C TRP H 99 49.31 5.20 13.12
N PRO H 100 50.04 5.72 14.13
CA PRO H 100 49.77 5.72 15.57
C PRO H 100 48.69 6.69 16.01
N ARG H 101 48.06 6.41 17.15
CA ARG H 101 47.00 7.27 17.67
C ARG H 101 47.60 8.62 18.06
N THR H 102 46.86 9.69 17.79
CA THR H 102 47.32 11.05 18.09
C THR H 102 46.26 11.82 18.86
N PHE H 103 46.73 12.81 19.62
CA PHE H 103 45.88 13.67 20.43
C PHE H 103 46.34 15.11 20.23
N GLY H 104 45.41 16.05 20.43
CA GLY H 104 45.73 17.46 20.28
C GLY H 104 46.71 17.95 21.32
N GLN H 105 47.26 19.15 21.06
CA GLN H 105 48.23 19.75 21.97
C GLN H 105 47.61 20.05 23.35
N GLY H 106 46.31 20.32 23.40
CA GLY H 106 45.66 20.58 24.66
C GLY H 106 45.41 22.04 24.99
N THR H 107 44.15 22.47 24.89
CA THR H 107 43.76 23.83 25.20
C THR H 107 43.21 23.88 26.63
N ARG H 108 43.75 24.80 27.43
CA ARG H 108 43.33 24.93 28.82
C ARG H 108 42.29 26.03 28.97
N VAL H 109 41.31 25.78 29.85
CA VAL H 109 40.23 26.72 30.13
C VAL H 109 40.42 27.20 31.56
N ASP H 110 40.32 28.51 31.76
CA ASP H 110 40.49 29.09 33.09
C ASP H 110 39.61 30.32 33.22
N ILE H 111 39.26 30.64 34.47
CA ILE H 111 38.43 31.80 34.75
C ILE H 111 39.19 33.08 34.44
N LYS H 112 38.51 34.01 33.78
CA LYS H 112 39.10 35.30 33.40
C LYS H 112 39.50 36.15 34.60
N GLU I 2 -10.95 -41.98 26.68
CA GLU I 2 -10.24 -41.23 25.66
C GLU I 2 -10.02 -39.78 26.10
N ASN I 3 -8.76 -39.34 26.01
CA ASN I 3 -8.35 -38.00 26.39
C ASN I 3 -8.08 -37.22 25.12
N LEU I 4 -8.64 -36.02 25.01
CA LEU I 4 -8.49 -35.18 23.82
C LEU I 4 -7.98 -33.79 24.16
N TRP I 5 -7.27 -33.21 23.20
CA TRP I 5 -6.72 -31.86 23.30
C TRP I 5 -6.96 -31.17 21.97
N VAL I 6 -7.21 -29.86 22.02
CA VAL I 6 -7.46 -29.11 20.78
C VAL I 6 -6.14 -28.88 20.04
N THR I 7 -6.22 -28.83 18.72
CA THR I 7 -5.06 -28.61 17.86
C THR I 7 -5.45 -27.64 16.75
N VAL I 8 -4.53 -26.73 16.43
CA VAL I 8 -4.74 -25.72 15.40
C VAL I 8 -3.84 -26.03 14.20
N TYR I 9 -4.43 -26.05 13.01
CA TYR I 9 -3.73 -26.33 11.77
C TYR I 9 -3.80 -25.13 10.85
N TYR I 10 -2.68 -24.81 10.21
CA TYR I 10 -2.58 -23.68 9.29
C TYR I 10 -2.49 -24.22 7.86
N GLY I 11 -3.28 -23.63 6.96
CA GLY I 11 -3.29 -24.07 5.58
C GLY I 11 -4.30 -25.12 5.24
N VAL I 12 -5.45 -25.14 5.92
CA VAL I 12 -6.48 -26.14 5.65
C VAL I 12 -7.31 -25.70 4.44
N PRO I 13 -7.88 -26.63 3.67
CA PRO I 13 -8.69 -26.21 2.51
C PRO I 13 -10.12 -25.85 2.88
N VAL I 14 -10.30 -24.61 3.34
CA VAL I 14 -11.60 -24.08 3.74
C VAL I 14 -11.81 -22.76 3.02
N TRP I 15 -13.05 -22.45 2.68
CA TRP I 15 -13.34 -21.20 1.98
C TRP I 15 -14.72 -20.70 2.37
N LYS I 16 -14.98 -19.42 2.08
CA LYS I 16 -16.25 -18.79 2.36
C LYS I 16 -16.50 -17.73 1.29
N ASP I 17 -17.79 -17.46 1.04
CA ASP I 17 -18.16 -16.47 0.05
C ASP I 17 -17.81 -15.07 0.53
N ALA I 18 -17.30 -14.24 -0.38
CA ALA I 18 -16.92 -12.87 -0.05
C ALA I 18 -16.91 -12.05 -1.34
N GLU I 19 -16.73 -10.75 -1.17
CA GLU I 19 -16.69 -9.81 -2.26
C GLU I 19 -15.29 -9.20 -2.36
N THR I 20 -14.81 -9.00 -3.59
CA THR I 20 -13.49 -8.43 -3.80
C THR I 20 -13.46 -7.69 -5.14
N THR I 21 -12.36 -6.99 -5.38
CA THR I 21 -12.14 -6.22 -6.59
C THR I 21 -11.23 -6.99 -7.53
N LEU I 22 -11.77 -7.44 -8.66
CA LEU I 22 -11.02 -8.19 -9.65
C LEU I 22 -10.22 -7.23 -10.53
N PHE I 23 -9.21 -7.78 -11.21
CA PHE I 23 -8.37 -7.00 -12.11
C PHE I 23 -8.29 -7.69 -13.47
N CYS I 24 -8.23 -6.88 -14.51
CA CYS I 24 -8.18 -7.38 -15.88
C CYS I 24 -6.80 -7.94 -16.22
N ALA I 25 -6.77 -8.72 -17.30
CA ALA I 25 -5.55 -9.35 -17.80
C ALA I 25 -5.77 -9.70 -19.26
N SER I 26 -4.80 -9.39 -20.11
CA SER I 26 -4.92 -9.68 -21.53
C SER I 26 -3.54 -9.88 -22.13
N ASP I 27 -3.53 -10.26 -23.42
CA ASP I 27 -2.27 -10.49 -24.11
C ASP I 27 -1.53 -9.21 -24.45
N ALA I 28 -2.21 -8.06 -24.42
CA ALA I 28 -1.66 -6.73 -24.71
C ALA I 28 -1.11 -6.64 -26.12
N LYS I 29 -1.74 -7.35 -27.06
CA LYS I 29 -1.31 -7.34 -28.46
C LYS I 29 -1.87 -6.13 -29.20
N HIS I 36 -4.18 0.54 -31.15
CA HIS I 36 -5.05 1.08 -30.10
C HIS I 36 -6.51 0.89 -30.43
N ASN I 37 -7.32 0.72 -29.38
CA ASN I 37 -8.75 0.52 -29.50
C ASN I 37 -9.43 1.19 -28.32
N VAL I 38 -10.77 1.14 -28.30
CA VAL I 38 -11.58 1.75 -27.23
C VAL I 38 -11.20 1.19 -25.86
N TRP I 39 -10.90 -0.10 -25.78
CA TRP I 39 -10.49 -0.70 -24.52
C TRP I 39 -9.02 -0.38 -24.31
N ALA I 40 -8.70 0.20 -23.14
CA ALA I 40 -7.34 0.61 -22.80
C ALA I 40 -6.32 -0.51 -23.00
N THR I 41 -6.47 -1.60 -22.24
CA THR I 41 -5.64 -2.82 -22.24
C THR I 41 -4.21 -2.51 -21.75
N HIS I 42 -3.95 -1.28 -21.29
CA HIS I 42 -2.63 -0.92 -20.80
C HIS I 42 -2.49 -1.15 -19.31
N ALA I 43 -3.57 -0.95 -18.55
CA ALA I 43 -3.52 -1.17 -17.12
C ALA I 43 -3.54 -2.66 -16.79
N CYS I 44 -4.05 -3.49 -17.69
CA CYS I 44 -4.12 -4.93 -17.48
C CYS I 44 -2.71 -5.51 -17.43
N VAL I 45 -2.45 -6.34 -16.43
CA VAL I 45 -1.14 -6.97 -16.26
C VAL I 45 -1.05 -8.09 -17.28
N PRO I 46 0.15 -8.55 -17.67
CA PRO I 46 0.24 -9.65 -18.65
C PRO I 46 -0.40 -10.93 -18.13
N THR I 47 -1.04 -11.66 -19.03
CA THR I 47 -1.73 -12.90 -18.65
C THR I 47 -0.79 -14.10 -18.75
N ASP I 48 -1.12 -15.12 -17.96
CA ASP I 48 -0.35 -16.36 -17.94
C ASP I 48 -0.48 -17.04 -19.30
N PRO I 49 0.63 -17.54 -19.86
CA PRO I 49 0.55 -18.24 -21.17
C PRO I 49 -0.40 -19.43 -21.17
N ASN I 50 -0.52 -20.13 -20.05
CA ASN I 50 -1.43 -21.28 -19.94
C ASN I 50 -1.97 -21.33 -18.51
N PRO I 51 -3.20 -20.83 -18.30
CA PRO I 51 -3.79 -20.83 -16.96
C PRO I 51 -3.96 -22.24 -16.40
N GLN I 52 -3.68 -22.39 -15.11
CA GLN I 52 -3.81 -23.70 -14.48
C GLN I 52 -5.24 -23.93 -14.05
N GLU I 53 -5.74 -25.14 -14.32
CA GLU I 53 -7.10 -25.52 -13.95
C GLU I 53 -7.02 -26.75 -13.07
N ILE I 54 -7.58 -26.68 -11.87
CA ILE I 54 -7.57 -27.79 -10.93
C ILE I 54 -9.02 -28.20 -10.71
N HIS I 55 -9.31 -29.48 -10.95
CA HIS I 55 -10.66 -29.99 -10.77
C HIS I 55 -10.82 -30.45 -9.32
N LEU I 56 -11.90 -30.03 -8.69
CA LEU I 56 -12.18 -30.36 -7.31
C LEU I 56 -13.25 -31.46 -7.26
N GLU I 57 -12.82 -32.67 -6.94
CA GLU I 57 -13.71 -33.81 -6.87
C GLU I 57 -14.23 -33.95 -5.43
N ASN I 58 -15.33 -34.70 -5.28
CA ASN I 58 -15.97 -35.01 -4.00
C ASN I 58 -16.46 -33.77 -3.25
N VAL I 59 -16.72 -32.66 -3.95
CA VAL I 59 -17.25 -31.47 -3.31
C VAL I 59 -18.27 -30.81 -4.23
N THR I 60 -19.28 -30.18 -3.62
CA THR I 60 -20.34 -29.48 -4.33
C THR I 60 -20.50 -28.08 -3.74
N GLU I 61 -20.73 -27.09 -4.60
CA GLU I 61 -20.87 -25.72 -4.17
C GLU I 61 -22.23 -25.17 -4.60
N GLU I 62 -22.76 -24.24 -3.81
CA GLU I 62 -24.05 -23.63 -4.07
C GLU I 62 -23.87 -22.40 -4.96
N PHE I 63 -23.82 -22.63 -6.27
CA PHE I 63 -23.68 -21.55 -7.22
C PHE I 63 -24.98 -20.77 -7.34
N ASN I 64 -24.87 -19.47 -7.58
CA ASN I 64 -26.05 -18.64 -7.70
C ASN I 64 -25.79 -17.46 -8.61
N MET I 65 -26.77 -17.16 -9.47
CA MET I 65 -26.72 -16.05 -10.40
C MET I 65 -27.58 -14.92 -9.86
N TRP I 66 -27.57 -13.78 -10.57
CA TRP I 66 -28.32 -12.56 -10.26
C TRP I 66 -27.92 -11.90 -8.95
N LYS I 67 -26.86 -12.39 -8.30
CA LYS I 67 -26.39 -11.84 -7.03
C LYS I 67 -24.89 -11.66 -6.96
N ASN I 68 -24.12 -12.36 -7.79
CA ASN I 68 -22.66 -12.23 -7.78
C ASN I 68 -22.23 -10.82 -8.17
N ASN I 69 -21.27 -10.29 -7.42
CA ASN I 69 -20.76 -8.93 -7.63
C ASN I 69 -19.88 -8.85 -8.88
N MET I 70 -19.54 -9.99 -9.50
CA MET I 70 -18.70 -9.99 -10.70
C MET I 70 -19.33 -9.21 -11.85
N VAL I 71 -20.64 -9.40 -12.06
CA VAL I 71 -21.33 -8.71 -13.16
C VAL I 71 -21.33 -7.19 -12.94
N GLU I 72 -21.64 -6.74 -11.70
CA GLU I 72 -21.65 -5.31 -11.41
C GLU I 72 -20.26 -4.72 -11.53
N GLN I 73 -19.25 -5.45 -11.03
CA GLN I 73 -17.86 -5.00 -11.11
C GLN I 73 -17.42 -4.87 -12.56
N MET I 74 -17.78 -5.84 -13.40
CA MET I 74 -17.40 -5.80 -14.81
C MET I 74 -18.10 -4.63 -15.50
N HIS I 75 -19.38 -4.40 -15.17
CA HIS I 75 -20.16 -3.31 -15.75
C HIS I 75 -19.52 -1.96 -15.41
N THR I 76 -19.14 -1.78 -14.14
CA THR I 76 -18.48 -0.56 -13.71
C THR I 76 -17.13 -0.38 -14.38
N ASP I 77 -16.36 -1.47 -14.53
CA ASP I 77 -15.06 -1.38 -15.20
C ASP I 77 -15.21 -1.02 -16.67
N ILE I 78 -16.22 -1.57 -17.34
CA ILE I 78 -16.45 -1.25 -18.75
C ILE I 78 -16.80 0.21 -18.91
N ILE I 79 -17.66 0.74 -18.01
CA ILE I 79 -18.03 2.15 -18.06
C ILE I 79 -16.81 3.03 -17.82
N SER I 80 -15.96 2.65 -16.85
CA SER I 80 -14.76 3.43 -16.55
C SER I 80 -13.80 3.45 -17.74
N LEU I 81 -13.59 2.30 -18.39
CA LEU I 81 -12.71 2.24 -19.54
C LEU I 81 -13.27 3.07 -20.70
N TRP I 82 -14.58 2.97 -20.93
CA TRP I 82 -15.24 3.71 -22.00
C TRP I 82 -15.12 5.21 -21.78
N ASP I 83 -15.29 5.66 -20.53
CA ASP I 83 -15.17 7.09 -20.23
C ASP I 83 -13.72 7.55 -20.34
N GLN I 84 -12.77 6.69 -19.93
CA GLN I 84 -11.36 7.03 -19.99
C GLN I 84 -10.88 7.15 -21.44
N SER I 85 -11.44 6.36 -22.33
CA SER I 85 -11.03 6.40 -23.74
C SER I 85 -11.55 7.62 -24.49
N LEU I 86 -12.45 8.42 -23.90
CA LEU I 86 -13.00 9.58 -24.56
C LEU I 86 -12.38 10.90 -24.10
N LYS I 87 -11.60 10.88 -23.01
CA LYS I 87 -10.98 12.10 -22.50
C LYS I 87 -10.00 12.77 -23.48
N PRO I 88 -9.03 12.08 -24.10
CA PRO I 88 -8.12 12.82 -25.02
C PRO I 88 -8.78 13.33 -26.29
N CYS I 89 -9.96 12.83 -26.65
CA CYS I 89 -10.62 13.28 -27.86
C CYS I 89 -11.16 14.71 -27.70
N VAL I 90 -11.52 15.30 -28.84
CA VAL I 90 -12.01 16.67 -28.90
C VAL I 90 -13.52 16.70 -28.65
N LYS I 91 -13.98 17.81 -28.06
CA LYS I 91 -15.39 18.03 -27.78
C LYS I 91 -16.00 18.84 -28.91
N LEU I 92 -17.26 18.58 -29.23
CA LEU I 92 -17.96 19.28 -30.31
C LEU I 92 -18.87 20.39 -29.81
N THR I 93 -18.46 21.13 -28.78
CA THR I 93 -19.31 22.22 -28.28
C THR I 93 -19.59 23.39 -29.24
N PRO I 94 -18.70 23.88 -30.12
CA PRO I 94 -19.11 25.01 -30.96
C PRO I 94 -19.90 24.62 -32.19
N LEU I 95 -20.26 23.35 -32.35
CA LEU I 95 -21.01 22.89 -33.51
C LEU I 95 -22.51 23.17 -33.42
N CYS I 96 -23.04 23.47 -32.24
CA CYS I 96 -24.47 23.73 -32.11
C CYS I 96 -24.79 25.11 -32.70
N VAL I 97 -25.23 25.11 -33.96
CA VAL I 97 -25.60 26.29 -34.73
C VAL I 97 -26.82 25.92 -35.56
N THR I 98 -27.40 26.92 -36.22
CA THR I 98 -28.58 26.70 -37.06
C THR I 98 -28.14 26.04 -38.36
N LEU I 99 -28.71 24.87 -38.66
CA LEU I 99 -28.38 24.11 -39.86
C LEU I 99 -29.51 24.20 -40.87
N GLN I 100 -29.17 24.65 -42.08
CA GLN I 100 -30.12 24.76 -43.19
C GLN I 100 -29.97 23.48 -44.01
N CYS I 101 -31.00 22.65 -44.04
CA CYS I 101 -30.93 21.38 -44.74
C CYS I 101 -31.95 21.28 -45.86
N THR I 102 -31.66 20.36 -46.79
CA THR I 102 -32.47 20.05 -47.95
C THR I 102 -32.45 18.54 -48.14
N ASN I 103 -33.58 17.97 -48.57
CA ASN I 103 -33.67 16.53 -48.78
C ASN I 103 -32.75 16.07 -49.90
N VAL I 104 -32.12 14.91 -49.71
CA VAL I 104 -31.24 14.33 -50.72
C VAL I 104 -32.09 13.63 -51.77
N THR I 105 -31.81 13.89 -53.05
CA THR I 105 -32.59 13.27 -54.12
C THR I 105 -31.73 12.79 -55.28
N ASN I 106 -30.42 12.63 -55.09
CA ASN I 106 -29.53 12.17 -56.15
C ASN I 106 -29.55 10.64 -56.16
N ASN I 107 -30.32 10.08 -57.11
CA ASN I 107 -30.49 8.64 -57.31
C ASN I 107 -31.05 7.97 -56.05
N ILE I 108 -31.95 8.68 -55.37
CA ILE I 108 -32.56 8.18 -54.15
C ILE I 108 -33.58 7.08 -54.47
N THR I 109 -33.83 6.22 -53.49
CA THR I 109 -34.77 5.12 -53.62
C THR I 109 -35.92 5.31 -52.63
N ASP I 110 -37.00 4.57 -52.86
CA ASP I 110 -38.19 4.66 -52.00
C ASP I 110 -37.89 4.23 -50.57
N ASP I 111 -37.07 3.21 -50.37
CA ASP I 111 -36.74 2.75 -49.03
C ASP I 111 -35.71 3.61 -48.32
N MET I 112 -35.14 4.61 -48.99
CA MET I 112 -34.15 5.49 -48.39
C MET I 112 -34.55 6.96 -48.51
N ARG I 113 -35.68 7.24 -49.17
CA ARG I 113 -36.15 8.61 -49.35
C ARG I 113 -36.50 9.27 -48.02
N GLY I 114 -36.06 10.51 -47.86
CA GLY I 114 -36.33 11.29 -46.67
C GLY I 114 -35.53 10.91 -45.45
N GLU I 115 -34.53 10.05 -45.57
CA GLU I 115 -33.73 9.65 -44.42
C GLU I 115 -32.45 10.46 -44.28
N LEU I 116 -31.81 10.82 -45.38
CA LEU I 116 -30.58 11.60 -45.36
C LEU I 116 -30.85 13.03 -45.83
N LYS I 117 -30.24 13.99 -45.13
CA LYS I 117 -30.40 15.40 -45.44
C LYS I 117 -29.05 16.06 -45.65
N ASN I 118 -28.99 16.93 -46.66
CA ASN I 118 -27.79 17.66 -47.01
C ASN I 118 -27.90 19.02 -46.32
N CYS I 119 -27.09 19.22 -45.28
CA CYS I 119 -27.13 20.44 -44.50
C CYS I 119 -25.88 21.30 -44.71
N SER I 120 -26.08 22.61 -44.59
CA SER I 120 -25.04 23.61 -44.71
C SER I 120 -25.16 24.54 -43.52
N PHE I 121 -24.02 25.04 -43.03
CA PHE I 121 -24.04 25.92 -41.86
C PHE I 121 -22.69 26.60 -41.71
N ASN I 122 -22.70 27.70 -40.97
CA ASN I 122 -21.49 28.44 -40.68
C ASN I 122 -20.72 27.71 -39.59
N MET I 123 -19.39 27.76 -39.67
CA MET I 123 -18.59 27.07 -38.68
C MET I 123 -17.29 27.84 -38.48
N THR I 124 -16.75 27.77 -37.27
CA THR I 124 -15.52 28.46 -36.96
C THR I 124 -14.31 27.76 -37.61
N THR I 125 -13.27 28.53 -37.83
CA THR I 125 -12.03 28.09 -38.44
C THR I 125 -10.91 28.14 -37.40
N GLU I 126 -9.68 27.90 -37.86
CA GLU I 126 -8.50 27.92 -36.98
C GLU I 126 -8.36 29.28 -36.28
N LEU I 127 -8.44 30.37 -37.05
CA LEU I 127 -8.36 31.70 -36.47
C LEU I 127 -9.68 32.03 -35.79
N ARG I 128 -9.61 32.49 -34.54
CA ARG I 128 -10.82 32.82 -33.78
C ARG I 128 -11.55 34.05 -34.33
N ASP I 129 -10.90 34.87 -35.15
CA ASP I 129 -11.54 36.06 -35.70
C ASP I 129 -12.11 35.86 -37.11
N LYS I 130 -12.45 34.63 -37.48
CA LYS I 130 -13.00 34.35 -38.81
C LYS I 130 -13.93 33.15 -38.73
N LYS I 131 -14.79 33.04 -39.75
CA LYS I 131 -15.75 31.95 -39.88
C LYS I 131 -15.72 31.41 -41.30
N GLN I 132 -16.07 30.14 -41.44
CA GLN I 132 -16.08 29.48 -42.75
C GLN I 132 -17.41 28.77 -42.96
N LYS I 133 -17.84 28.74 -44.21
CA LYS I 133 -19.09 28.09 -44.59
C LYS I 133 -18.77 26.70 -45.14
N VAL I 134 -19.39 25.67 -44.55
CA VAL I 134 -19.18 24.28 -44.94
C VAL I 134 -20.52 23.58 -45.01
N TYR I 135 -20.51 22.38 -45.58
CA TYR I 135 -21.70 21.55 -45.73
C TYR I 135 -21.40 20.13 -45.30
N SER I 136 -22.43 19.43 -44.85
CA SER I 136 -22.30 18.05 -44.38
C SER I 136 -23.62 17.32 -44.55
N LEU I 137 -23.55 15.99 -44.51
CA LEU I 137 -24.71 15.13 -44.63
C LEU I 137 -25.06 14.56 -43.26
N PHE I 138 -26.33 14.66 -42.88
CA PHE I 138 -26.80 14.17 -41.59
C PHE I 138 -28.06 13.34 -41.76
N TYR I 139 -28.19 12.31 -40.94
CA TYR I 139 -29.35 11.44 -40.98
C TYR I 139 -30.55 12.10 -40.30
N ARG I 140 -31.74 11.56 -40.59
CA ARG I 140 -32.99 12.08 -40.04
C ARG I 140 -33.05 11.95 -38.51
N LEU I 141 -32.35 10.97 -37.95
CA LEU I 141 -32.36 10.76 -36.51
C LEU I 141 -31.44 11.69 -35.74
N ASP I 142 -30.54 12.40 -36.41
CA ASP I 142 -29.61 13.28 -35.73
C ASP I 142 -29.99 14.76 -35.82
N VAL I 143 -31.15 15.09 -36.38
CA VAL I 143 -31.59 16.48 -36.52
C VAL I 143 -33.08 16.60 -36.24
N VAL I 144 -33.49 17.80 -35.83
CA VAL I 144 -34.88 18.14 -35.55
C VAL I 144 -35.15 19.51 -36.17
N GLN I 145 -36.42 19.79 -36.42
CA GLN I 145 -36.81 21.05 -37.04
C GLN I 145 -36.90 22.17 -36.00
N ILE I 146 -36.86 23.40 -36.49
CA ILE I 146 -36.93 24.62 -35.67
C ILE I 146 -38.20 25.36 -36.05
N ASN I 147 -38.93 25.83 -35.02
CA ASN I 147 -40.17 26.56 -35.21
C ASN I 147 -40.41 27.50 -34.03
N ASN I 158 -35.30 24.78 -48.13
CA ASN I 158 -34.39 25.41 -47.18
C ASN I 158 -35.10 25.71 -45.85
N LYS I 159 -34.87 24.84 -44.87
CA LYS I 159 -35.47 24.98 -43.55
C LYS I 159 -34.39 24.82 -42.50
N GLU I 160 -34.53 25.55 -41.39
CA GLU I 160 -33.55 25.50 -40.31
C GLU I 160 -33.71 24.22 -39.49
N TYR I 161 -32.58 23.69 -39.02
CA TYR I 161 -32.56 22.49 -38.21
C TYR I 161 -31.41 22.59 -37.21
N ARG I 162 -31.47 21.74 -36.19
CA ARG I 162 -30.43 21.68 -35.17
C ARG I 162 -30.26 20.23 -34.76
N LEU I 163 -29.12 19.93 -34.15
CA LEU I 163 -28.85 18.58 -33.71
C LEU I 163 -29.72 18.23 -32.51
N ILE I 164 -30.01 16.93 -32.38
CA ILE I 164 -30.85 16.39 -31.30
C ILE I 164 -30.23 16.63 -29.93
N ASN I 165 -28.91 16.79 -29.86
CA ASN I 165 -28.22 16.98 -28.59
C ASN I 165 -27.93 18.44 -28.24
N CYS I 166 -28.38 19.40 -29.04
CA CYS I 166 -28.09 20.80 -28.71
C CYS I 166 -28.84 21.29 -27.48
N ASN I 167 -29.83 20.56 -26.99
CA ASN I 167 -30.59 20.95 -25.80
C ASN I 167 -30.37 19.96 -24.66
N THR I 168 -29.43 19.01 -24.81
CA THR I 168 -29.14 18.03 -23.78
C THR I 168 -27.72 18.12 -23.27
N SER I 169 -26.72 18.06 -24.15
CA SER I 169 -25.28 18.14 -23.85
C SER I 169 -24.49 18.10 -25.14
N ALA I 170 -23.26 18.56 -25.08
CA ALA I 170 -22.39 18.57 -26.25
C ALA I 170 -21.68 17.22 -26.33
N CYS I 171 -21.83 16.56 -27.46
CA CYS I 171 -21.22 15.25 -27.66
C CYS I 171 -19.73 15.40 -27.98
N THR I 172 -18.96 14.37 -27.66
CA THR I 172 -17.54 14.34 -27.94
C THR I 172 -17.30 13.24 -28.95
N GLN I 173 -16.74 13.60 -30.11
CA GLN I 173 -16.49 12.62 -31.15
C GLN I 173 -15.37 11.66 -30.76
N ALA I 174 -15.57 10.38 -31.09
CA ALA I 174 -14.57 9.37 -30.79
C ALA I 174 -13.36 9.54 -31.69
N CYS I 175 -12.18 9.35 -31.11
CA CYS I 175 -10.94 9.49 -31.86
C CYS I 175 -10.86 8.40 -32.93
N PRO I 176 -10.45 8.76 -34.17
CA PRO I 176 -10.39 7.74 -35.23
C PRO I 176 -9.27 6.72 -35.03
N LYS I 177 -8.24 7.04 -34.24
CA LYS I 177 -7.14 6.10 -34.02
C LYS I 177 -7.60 4.87 -33.25
N VAL I 178 -8.51 5.05 -32.30
CA VAL I 178 -9.01 3.94 -31.48
C VAL I 178 -10.25 3.33 -32.14
N SER I 179 -10.25 2.02 -32.26
CA SER I 179 -11.36 1.28 -32.85
C SER I 179 -12.21 0.64 -31.75
N PHE I 180 -13.34 0.08 -32.16
CA PHE I 180 -14.27 -0.56 -31.23
C PHE I 180 -14.15 -2.08 -31.27
N GLU I 181 -12.94 -2.59 -31.44
CA GLU I 181 -12.73 -4.04 -31.48
C GLU I 181 -12.90 -4.65 -30.10
N PRO I 182 -13.80 -5.62 -29.92
CA PRO I 182 -13.98 -6.25 -28.60
C PRO I 182 -13.02 -7.41 -28.35
N ILE I 183 -11.77 -7.07 -28.01
CA ILE I 183 -10.74 -8.06 -27.74
C ILE I 183 -11.06 -8.78 -26.43
N PRO I 184 -10.67 -10.05 -26.25
CA PRO I 184 -10.98 -10.74 -24.99
C PRO I 184 -10.21 -10.18 -23.81
N ILE I 185 -10.82 -10.30 -22.63
CA ILE I 185 -10.23 -9.84 -21.38
C ILE I 185 -10.38 -10.94 -20.33
N HIS I 186 -9.31 -11.21 -19.60
CA HIS I 186 -9.28 -12.24 -18.57
C HIS I 186 -9.31 -11.59 -17.20
N TYR I 187 -10.17 -12.12 -16.32
CA TYR I 187 -10.30 -11.64 -14.95
C TYR I 187 -9.64 -12.67 -14.04
N CYS I 188 -8.66 -12.23 -13.26
CA CYS I 188 -7.94 -13.11 -12.36
C CYS I 188 -8.12 -12.67 -10.93
N ALA I 189 -8.25 -13.63 -10.03
CA ALA I 189 -8.43 -13.34 -8.61
C ALA I 189 -7.09 -12.95 -7.98
N PRO I 190 -7.08 -12.03 -7.03
CA PRO I 190 -5.83 -11.63 -6.39
C PRO I 190 -5.41 -12.67 -5.35
N ALA I 191 -4.27 -12.40 -4.71
CA ALA I 191 -3.75 -13.30 -3.68
C ALA I 191 -4.72 -13.40 -2.52
N GLY I 192 -4.94 -14.62 -2.04
CA GLY I 192 -5.86 -14.86 -0.95
C GLY I 192 -7.28 -15.16 -1.37
N PHE I 193 -7.58 -15.06 -2.66
CA PHE I 193 -8.91 -15.33 -3.19
C PHE I 193 -8.80 -16.25 -4.39
N ALA I 194 -9.93 -16.86 -4.76
CA ALA I 194 -9.98 -17.77 -5.88
C ALA I 194 -11.38 -17.78 -6.46
N ILE I 195 -11.47 -18.20 -7.72
CA ILE I 195 -12.75 -18.27 -8.43
C ILE I 195 -13.02 -19.72 -8.80
N LEU I 196 -14.24 -20.18 -8.54
CA LEU I 196 -14.66 -21.55 -8.80
C LEU I 196 -15.58 -21.59 -10.01
N LYS I 197 -15.30 -22.52 -10.93
CA LYS I 197 -16.09 -22.69 -12.13
C LYS I 197 -16.83 -24.02 -12.07
N CYS I 198 -18.06 -24.03 -12.56
CA CYS I 198 -18.88 -25.24 -12.56
C CYS I 198 -18.71 -25.97 -13.88
N LYS I 199 -18.21 -27.21 -13.81
CA LYS I 199 -17.99 -28.04 -14.99
C LYS I 199 -19.21 -28.83 -15.43
N ASP I 200 -20.32 -28.76 -14.69
CA ASP I 200 -21.53 -29.49 -15.04
C ASP I 200 -22.03 -29.06 -16.41
N LYS I 201 -22.28 -30.03 -17.29
CA LYS I 201 -22.76 -29.72 -18.63
C LYS I 201 -24.23 -29.34 -18.62
N LYS I 202 -25.04 -30.02 -17.81
CA LYS I 202 -26.46 -29.76 -17.66
C LYS I 202 -26.78 -28.78 -16.56
N PHE I 203 -25.86 -27.86 -16.26
CA PHE I 203 -26.04 -26.89 -15.18
C PHE I 203 -27.25 -25.99 -15.42
N ASN I 204 -27.93 -25.66 -14.33
CA ASN I 204 -29.10 -24.80 -14.28
C ASN I 204 -28.62 -23.44 -13.79
N GLY I 205 -29.45 -22.41 -13.98
CA GLY I 205 -29.11 -21.06 -13.56
C GLY I 205 -28.74 -20.93 -12.09
N THR I 206 -29.36 -21.73 -11.23
CA THR I 206 -29.09 -21.72 -9.79
C THR I 206 -29.07 -23.17 -9.31
N GLY I 207 -28.86 -23.34 -8.00
CA GLY I 207 -28.80 -24.65 -7.40
C GLY I 207 -27.39 -25.15 -7.19
N PRO I 208 -27.25 -26.34 -6.60
CA PRO I 208 -25.91 -26.88 -6.36
C PRO I 208 -25.27 -27.42 -7.64
N CYS I 209 -23.95 -27.27 -7.71
CA CYS I 209 -23.18 -27.75 -8.85
C CYS I 209 -22.38 -28.98 -8.44
N PRO I 210 -22.66 -30.17 -8.98
CA PRO I 210 -21.93 -31.38 -8.60
C PRO I 210 -20.54 -31.52 -9.21
N SER I 211 -19.99 -30.50 -9.87
CA SER I 211 -18.65 -30.61 -10.45
C SER I 211 -18.01 -29.22 -10.42
N VAL I 212 -17.23 -28.96 -9.39
CA VAL I 212 -16.57 -27.67 -9.22
C VAL I 212 -15.10 -27.81 -9.57
N SER I 213 -14.50 -26.72 -10.03
CA SER I 213 -13.09 -26.69 -10.41
C SER I 213 -12.53 -25.30 -10.15
N THR I 214 -11.27 -25.24 -9.72
CA THR I 214 -10.60 -23.98 -9.43
C THR I 214 -9.75 -23.58 -10.64
N VAL I 215 -9.77 -22.28 -10.96
CA VAL I 215 -9.02 -21.74 -12.08
C VAL I 215 -8.50 -20.36 -11.64
N GLN I 216 -7.29 -20.02 -12.09
CA GLN I 216 -6.72 -18.73 -11.72
C GLN I 216 -7.33 -17.57 -12.49
N CYS I 217 -7.60 -17.77 -13.78
CA CYS I 217 -8.17 -16.73 -14.62
C CYS I 217 -9.27 -17.30 -15.51
N THR I 218 -10.33 -16.53 -15.70
CA THR I 218 -11.44 -16.95 -16.53
C THR I 218 -11.07 -16.92 -18.01
N HIS I 219 -11.91 -17.57 -18.83
CA HIS I 219 -11.71 -17.64 -20.26
C HIS I 219 -11.88 -16.26 -20.91
N GLY I 220 -11.54 -16.19 -22.20
CA GLY I 220 -11.65 -14.94 -22.94
C GLY I 220 -13.09 -14.50 -23.10
N ILE I 221 -13.46 -13.41 -22.44
CA ILE I 221 -14.80 -12.87 -22.50
C ILE I 221 -14.82 -11.71 -23.47
N LYS I 222 -15.70 -11.77 -24.46
CA LYS I 222 -15.81 -10.71 -25.46
C LYS I 222 -16.75 -9.63 -24.94
N PRO I 223 -16.27 -8.40 -24.71
CA PRO I 223 -17.18 -7.34 -24.21
C PRO I 223 -18.01 -6.74 -25.34
N VAL I 224 -18.87 -7.58 -25.92
CA VAL I 224 -19.74 -7.16 -27.01
C VAL I 224 -20.92 -6.38 -26.45
N VAL I 225 -21.30 -5.32 -27.16
CA VAL I 225 -22.41 -4.48 -26.75
C VAL I 225 -23.60 -4.80 -27.64
N SER I 226 -24.66 -5.36 -27.05
CA SER I 226 -25.86 -5.70 -27.78
C SER I 226 -27.05 -5.40 -26.87
N THR I 227 -28.24 -5.39 -27.45
CA THR I 227 -29.43 -5.09 -26.65
C THR I 227 -30.54 -6.12 -26.79
N GLN I 228 -30.68 -6.74 -27.97
CA GLN I 228 -31.73 -7.73 -28.21
C GLN I 228 -31.17 -9.12 -28.47
N LEU I 229 -30.29 -9.27 -29.45
CA LEU I 229 -29.72 -10.56 -29.80
C LEU I 229 -28.27 -10.61 -29.36
N LEU I 230 -27.93 -11.64 -28.58
CA LEU I 230 -26.56 -11.81 -28.12
C LEU I 230 -25.75 -12.39 -29.26
N LEU I 231 -24.56 -11.84 -29.47
CA LEU I 231 -23.72 -12.30 -30.57
C LEU I 231 -22.26 -12.31 -30.14
N ASN I 232 -21.48 -13.13 -30.85
CA ASN I 232 -20.04 -13.33 -30.63
C ASN I 232 -19.74 -13.84 -29.22
N GLY I 233 -20.69 -14.54 -28.60
CA GLY I 233 -20.51 -15.06 -27.26
C GLY I 233 -20.17 -16.54 -27.23
N SER I 234 -20.22 -17.10 -26.01
CA SER I 234 -19.92 -18.50 -25.77
C SER I 234 -21.18 -19.34 -25.94
N LEU I 235 -21.13 -20.30 -26.86
CA LEU I 235 -22.25 -21.18 -27.16
C LEU I 235 -22.31 -22.36 -26.20
N ALA I 236 -23.51 -22.97 -26.12
CA ALA I 236 -23.71 -24.14 -25.28
C ALA I 236 -22.96 -25.33 -25.87
N GLU I 237 -22.81 -26.38 -25.06
CA GLU I 237 -22.07 -27.55 -25.48
C GLU I 237 -22.92 -28.75 -25.86
N GLU I 238 -24.12 -28.93 -25.30
CA GLU I 238 -24.89 -30.10 -25.71
C GLU I 238 -26.35 -29.84 -26.05
N GLU I 239 -26.96 -28.80 -25.45
CA GLU I 239 -28.36 -28.49 -25.73
C GLU I 239 -28.68 -27.09 -25.23
N VAL I 240 -29.82 -26.59 -25.70
CA VAL I 240 -30.31 -25.25 -25.34
C VAL I 240 -30.70 -25.23 -23.86
N MET I 241 -30.49 -24.08 -23.21
CA MET I 241 -30.81 -23.92 -21.80
C MET I 241 -31.61 -22.63 -21.58
N ILE I 242 -32.46 -22.65 -20.57
CA ILE I 242 -33.32 -21.53 -20.19
C ILE I 242 -32.84 -21.01 -18.84
N ARG I 243 -32.74 -19.69 -18.71
CA ARG I 243 -32.29 -19.05 -17.48
C ARG I 243 -33.28 -17.96 -17.09
N SER I 244 -33.65 -17.93 -15.80
CA SER I 244 -34.57 -16.95 -15.25
C SER I 244 -34.59 -17.07 -13.74
N GLU I 245 -34.64 -15.91 -13.06
CA GLU I 245 -34.68 -15.88 -11.60
C GLU I 245 -35.98 -16.49 -11.08
N ASN I 246 -37.09 -16.17 -11.73
CA ASN I 246 -38.41 -16.69 -11.37
C ASN I 246 -39.18 -16.79 -12.67
N ILE I 247 -39.38 -18.02 -13.15
CA ILE I 247 -40.09 -18.25 -14.42
C ILE I 247 -41.53 -17.75 -14.34
N THR I 248 -42.21 -17.96 -13.21
CA THR I 248 -43.60 -17.51 -13.07
C THR I 248 -43.71 -15.99 -13.12
N ASN I 249 -42.79 -15.29 -12.47
CA ASN I 249 -42.78 -13.83 -12.43
C ASN I 249 -42.32 -13.34 -13.81
N ASN I 250 -43.27 -12.89 -14.63
CA ASN I 250 -42.96 -12.41 -15.97
C ASN I 250 -42.16 -11.11 -16.00
N ALA I 251 -42.06 -10.39 -14.88
CA ALA I 251 -41.30 -9.15 -14.83
C ALA I 251 -39.80 -9.36 -15.04
N LYS I 252 -39.31 -10.57 -14.80
CA LYS I 252 -37.90 -10.89 -14.97
C LYS I 252 -37.62 -11.40 -16.39
N ASN I 253 -36.49 -10.95 -16.94
CA ASN I 253 -36.08 -11.33 -18.29
C ASN I 253 -35.76 -12.82 -18.36
N ILE I 254 -35.93 -13.37 -19.56
CA ILE I 254 -35.67 -14.78 -19.85
C ILE I 254 -34.41 -14.83 -20.71
N LEU I 255 -33.45 -15.66 -20.31
CA LEU I 255 -32.20 -15.80 -21.04
C LEU I 255 -32.13 -17.19 -21.64
N VAL I 256 -31.80 -17.25 -22.93
CA VAL I 256 -31.68 -18.52 -23.66
C VAL I 256 -30.33 -18.54 -24.39
N GLN I 257 -29.66 -19.68 -24.35
CA GLN I 257 -28.37 -19.86 -25.00
C GLN I 257 -28.47 -20.97 -26.02
N PHE I 258 -27.98 -20.72 -27.23
CA PHE I 258 -28.03 -21.72 -28.30
C PHE I 258 -26.84 -22.66 -28.25
N ASN I 259 -26.98 -23.78 -28.95
CA ASN I 259 -25.94 -24.79 -29.05
C ASN I 259 -25.24 -24.79 -30.40
N THR I 260 -25.82 -24.14 -31.41
CA THR I 260 -25.28 -24.01 -32.76
C THR I 260 -25.48 -22.56 -33.17
N PRO I 261 -24.57 -22.00 -33.97
CA PRO I 261 -24.71 -20.60 -34.37
C PRO I 261 -25.43 -20.41 -35.70
N VAL I 262 -25.91 -19.18 -35.89
CA VAL I 262 -26.58 -18.76 -37.12
C VAL I 262 -25.88 -17.47 -37.59
N GLN I 263 -25.37 -17.50 -38.81
CA GLN I 263 -24.65 -16.35 -39.35
C GLN I 263 -25.56 -15.25 -39.83
N ILE I 264 -25.16 -14.01 -39.59
CA ILE I 264 -25.88 -12.82 -40.02
C ILE I 264 -24.93 -11.99 -40.87
N ASN I 265 -25.35 -11.66 -42.09
CA ASN I 265 -24.54 -10.90 -43.02
C ASN I 265 -25.11 -9.48 -43.10
N CYS I 266 -24.48 -8.56 -42.37
CA CYS I 266 -24.88 -7.16 -42.33
C CYS I 266 -23.89 -6.34 -43.14
N THR I 267 -24.35 -5.21 -43.67
CA THR I 267 -23.48 -4.36 -44.48
C THR I 267 -24.12 -2.98 -44.65
N ARG I 268 -23.28 -2.05 -45.11
CA ARG I 268 -23.62 -0.65 -45.38
C ARG I 268 -23.26 -0.42 -46.84
N PRO I 269 -24.19 -0.65 -47.76
CA PRO I 269 -23.87 -0.50 -49.20
C PRO I 269 -23.46 0.89 -49.65
N ASN I 270 -23.78 1.94 -48.90
CA ASN I 270 -23.42 3.31 -49.30
C ASN I 270 -21.90 3.49 -49.29
N ASN I 271 -21.37 3.98 -50.40
CA ASN I 271 -19.93 4.22 -50.54
C ASN I 271 -19.63 5.67 -50.21
N ASN I 272 -19.82 6.01 -48.94
CA ASN I 272 -19.58 7.37 -48.48
C ASN I 272 -18.08 7.68 -48.40
N THR I 273 -17.78 8.95 -48.14
CA THR I 273 -16.42 9.45 -48.03
C THR I 273 -16.31 10.35 -46.80
N ARG I 274 -15.09 10.44 -46.28
CA ARG I 274 -14.81 11.24 -45.09
C ARG I 274 -14.20 12.57 -45.51
N LYS I 275 -14.53 13.62 -44.77
CA LYS I 275 -14.02 14.96 -45.00
C LYS I 275 -13.59 15.55 -43.66
N SER I 276 -12.45 16.22 -43.67
CA SER I 276 -11.90 16.81 -42.45
C SER I 276 -12.14 18.32 -42.45
N ILE I 277 -12.78 18.82 -41.40
CA ILE I 277 -13.06 20.24 -41.23
C ILE I 277 -12.30 20.71 -40.01
N ARG I 278 -11.35 21.63 -40.22
CA ARG I 278 -10.52 22.16 -39.13
C ARG I 278 -11.33 23.25 -38.43
N ILE I 279 -11.99 22.89 -37.34
CA ILE I 279 -12.80 23.86 -36.61
C ILE I 279 -11.98 24.71 -35.65
N GLY I 280 -10.76 24.32 -35.31
CA GLY I 280 -9.96 25.09 -34.40
C GLY I 280 -8.49 24.72 -34.42
N PRO I 281 -7.69 25.37 -33.56
CA PRO I 281 -6.26 25.08 -33.52
C PRO I 281 -5.99 23.69 -32.94
N GLY I 282 -5.52 22.78 -33.79
CA GLY I 282 -5.25 21.44 -33.33
C GLY I 282 -6.47 20.57 -33.16
N GLN I 283 -7.64 21.04 -33.57
CA GLN I 283 -8.88 20.30 -33.45
C GLN I 283 -9.51 20.21 -34.83
N ALA I 284 -10.18 19.09 -35.10
CA ALA I 284 -10.80 18.91 -36.40
C ALA I 284 -12.07 18.09 -36.25
N PHE I 285 -12.96 18.25 -37.24
CA PHE I 285 -14.24 17.54 -37.28
C PHE I 285 -14.29 16.69 -38.54
N TYR I 286 -14.53 15.40 -38.36
CA TYR I 286 -14.61 14.47 -39.48
C TYR I 286 -16.06 14.45 -39.94
N ALA I 287 -16.37 15.29 -40.92
CA ALA I 287 -17.73 15.37 -41.42
C ALA I 287 -17.98 14.31 -42.48
N THR I 288 -19.27 14.08 -42.76
CA THR I 288 -19.68 13.11 -43.77
C THR I 288 -19.59 13.75 -45.14
N GLY I 289 -18.66 13.28 -45.96
CA GLY I 289 -18.48 13.82 -47.29
C GLY I 289 -19.56 13.37 -48.26
N ASP I 290 -19.42 13.82 -49.50
CA ASP I 290 -20.36 13.48 -50.56
C ASP I 290 -20.34 11.98 -50.85
N ILE I 291 -21.53 11.40 -51.00
CA ILE I 291 -21.67 9.98 -51.27
C ILE I 291 -21.63 9.77 -52.77
N ILE I 292 -20.75 8.88 -53.23
CA ILE I 292 -20.61 8.58 -54.64
C ILE I 292 -21.32 7.26 -54.93
N GLY I 293 -21.63 7.05 -56.21
CA GLY I 293 -22.30 5.83 -56.60
C GLY I 293 -23.77 5.83 -56.18
N ASP I 294 -24.35 4.63 -56.21
CA ASP I 294 -25.75 4.45 -55.84
C ASP I 294 -25.90 4.49 -54.32
N ILE I 295 -27.15 4.55 -53.88
CA ILE I 295 -27.49 4.60 -52.46
C ILE I 295 -28.53 3.53 -52.16
N ARG I 296 -28.31 2.76 -51.09
CA ARG I 296 -29.22 1.70 -50.68
C ARG I 296 -29.30 1.67 -49.16
N GLN I 297 -30.36 1.03 -48.65
CA GLN I 297 -30.56 0.95 -47.22
C GLN I 297 -29.79 -0.23 -46.64
N ALA I 298 -29.25 -0.03 -45.43
CA ALA I 298 -28.51 -1.09 -44.74
C ALA I 298 -29.45 -2.23 -44.38
N HIS I 299 -28.94 -3.45 -44.43
CA HIS I 299 -29.75 -4.61 -44.11
C HIS I 299 -28.87 -5.76 -43.65
N CYS I 300 -29.52 -6.76 -43.05
CA CYS I 300 -28.87 -7.95 -42.55
C CYS I 300 -29.61 -9.16 -43.11
N ASN I 301 -28.87 -10.24 -43.35
CA ASN I 301 -29.44 -11.46 -43.90
C ASN I 301 -29.15 -12.65 -43.00
N VAL I 302 -30.17 -13.47 -42.79
CA VAL I 302 -30.08 -14.68 -41.96
C VAL I 302 -30.86 -15.78 -42.66
N SER I 303 -30.31 -16.99 -42.64
CA SER I 303 -30.95 -18.13 -43.29
C SER I 303 -32.29 -18.45 -42.65
N LYS I 304 -33.27 -18.76 -43.51
CA LYS I 304 -34.62 -19.07 -43.04
C LYS I 304 -34.68 -20.45 -42.37
N ALA I 305 -34.07 -21.47 -42.99
CA ALA I 305 -34.10 -22.82 -42.44
C ALA I 305 -33.39 -22.91 -41.09
N THR I 306 -32.23 -22.26 -40.95
CA THR I 306 -31.49 -22.31 -39.69
C THR I 306 -32.28 -21.63 -38.58
N TRP I 307 -32.88 -20.47 -38.86
CA TRP I 307 -33.67 -19.77 -37.87
C TRP I 307 -34.91 -20.57 -37.49
N ASN I 308 -35.55 -21.21 -38.48
CA ASN I 308 -36.72 -22.05 -38.24
C ASN I 308 -36.37 -23.20 -37.30
N GLU I 309 -35.26 -23.88 -37.58
CA GLU I 309 -34.83 -25.00 -36.75
C GLU I 309 -34.46 -24.54 -35.35
N THR I 310 -33.78 -23.38 -35.25
CA THR I 310 -33.40 -22.85 -33.95
C THR I 310 -34.62 -22.50 -33.11
N LEU I 311 -35.62 -21.87 -33.74
CA LEU I 311 -36.85 -21.53 -33.03
C LEU I 311 -37.59 -22.80 -32.61
N GLY I 312 -37.56 -23.84 -33.45
CA GLY I 312 -38.19 -25.09 -33.10
C GLY I 312 -37.53 -25.73 -31.88
N LYS I 313 -36.20 -25.70 -31.84
CA LYS I 313 -35.46 -26.23 -30.69
C LYS I 313 -35.78 -25.44 -29.43
N VAL I 314 -35.87 -24.11 -29.55
CA VAL I 314 -36.19 -23.27 -28.39
C VAL I 314 -37.59 -23.57 -27.87
N VAL I 315 -38.56 -23.76 -28.78
CA VAL I 315 -39.93 -24.08 -28.39
C VAL I 315 -39.97 -25.44 -27.69
N LYS I 316 -39.24 -26.42 -28.22
CA LYS I 316 -39.20 -27.75 -27.62
C LYS I 316 -38.58 -27.71 -26.22
N GLN I 317 -37.50 -26.95 -26.06
CA GLN I 317 -36.82 -26.85 -24.78
C GLN I 317 -37.61 -25.99 -23.79
N LEU I 318 -38.50 -25.12 -24.28
CA LEU I 318 -39.29 -24.24 -23.43
C LEU I 318 -40.65 -24.82 -23.07
N ARG I 319 -41.13 -25.82 -23.82
CA ARG I 319 -42.44 -26.40 -23.52
C ARG I 319 -42.46 -27.20 -22.22
N LYS I 320 -41.30 -27.57 -21.67
CA LYS I 320 -41.26 -28.35 -20.44
C LYS I 320 -41.43 -27.49 -19.19
N HIS I 321 -41.68 -26.18 -19.34
CA HIS I 321 -41.87 -25.29 -18.21
C HIS I 321 -43.32 -24.85 -18.02
N PHE I 322 -44.17 -25.03 -19.03
CA PHE I 322 -45.58 -24.65 -18.95
C PHE I 322 -46.54 -25.75 -19.37
N GLY I 323 -46.05 -26.86 -19.92
CA GLY I 323 -46.91 -27.95 -20.34
C GLY I 323 -46.79 -28.27 -21.81
N ASN I 324 -47.24 -29.46 -22.20
CA ASN I 324 -47.19 -29.89 -23.59
C ASN I 324 -48.39 -29.42 -24.40
N ASN I 325 -49.57 -29.38 -23.78
CA ASN I 325 -50.78 -28.96 -24.49
C ASN I 325 -50.79 -27.48 -24.86
N THR I 326 -50.13 -26.63 -24.06
CA THR I 326 -50.12 -25.21 -24.33
C THR I 326 -49.32 -24.88 -25.60
N ILE I 327 -49.66 -23.74 -26.20
CA ILE I 327 -49.05 -23.23 -27.41
C ILE I 327 -48.44 -21.88 -27.10
N ILE I 328 -47.36 -21.53 -27.79
CA ILE I 328 -46.69 -20.26 -27.57
C ILE I 328 -46.53 -19.52 -28.89
N ARG I 329 -46.47 -18.19 -28.80
CA ARG I 329 -46.35 -17.32 -29.97
C ARG I 329 -45.25 -16.29 -29.72
N PHE I 330 -44.67 -15.79 -30.81
CA PHE I 330 -43.63 -14.78 -30.78
C PHE I 330 -44.15 -13.51 -31.43
N ALA I 331 -43.93 -12.37 -30.77
CA ALA I 331 -44.39 -11.09 -31.29
C ALA I 331 -43.29 -10.05 -31.13
N ASN I 332 -43.36 -9.00 -31.94
CA ASN I 332 -42.37 -7.94 -31.89
C ASN I 332 -42.57 -7.08 -30.63
N SER I 333 -41.57 -6.22 -30.36
CA SER I 333 -41.57 -5.35 -29.18
C SER I 333 -42.80 -4.46 -29.11
N SER I 334 -43.27 -4.21 -27.88
CA SER I 334 -44.45 -3.38 -27.67
C SER I 334 -44.15 -1.91 -27.94
N GLY I 335 -43.04 -1.40 -27.44
CA GLY I 335 -42.69 -0.02 -27.64
C GLY I 335 -41.65 0.44 -26.66
N GLY I 336 -41.23 1.70 -26.83
CA GLY I 336 -40.23 2.33 -26.00
C GLY I 336 -39.22 3.06 -26.85
N ASP I 337 -38.04 3.28 -26.26
CA ASP I 337 -36.95 3.96 -26.95
C ASP I 337 -36.37 3.08 -28.06
N LEU I 338 -35.69 3.74 -29.01
CA LEU I 338 -35.07 3.04 -30.13
C LEU I 338 -33.96 2.09 -29.70
N GLU I 339 -33.37 2.31 -28.52
CA GLU I 339 -32.30 1.45 -28.05
C GLU I 339 -32.82 0.10 -27.57
N VAL I 340 -34.10 -0.01 -27.23
CA VAL I 340 -34.67 -1.25 -26.75
C VAL I 340 -35.58 -1.91 -27.78
N THR I 341 -36.24 -1.14 -28.64
CA THR I 341 -37.13 -1.69 -29.65
C THR I 341 -36.42 -2.20 -30.89
N THR I 342 -35.12 -2.01 -31.01
CA THR I 342 -34.36 -2.45 -32.18
C THR I 342 -33.03 -3.04 -31.73
N HIS I 343 -32.55 -4.01 -32.50
CA HIS I 343 -31.28 -4.68 -32.24
C HIS I 343 -30.13 -3.77 -32.65
N SER I 344 -29.32 -3.35 -31.68
CA SER I 344 -28.20 -2.45 -31.95
C SER I 344 -26.88 -3.18 -31.74
N PHE I 345 -25.89 -2.80 -32.54
CA PHE I 345 -24.54 -3.37 -32.51
C PHE I 345 -23.63 -2.46 -33.33
N ASN I 346 -22.33 -2.68 -33.18
CA ASN I 346 -21.32 -1.90 -33.88
C ASN I 346 -20.37 -2.80 -34.65
N CYS I 347 -20.39 -2.70 -35.98
CA CYS I 347 -19.53 -3.49 -36.85
C CYS I 347 -18.47 -2.56 -37.43
N GLY I 348 -17.28 -2.57 -36.82
CA GLY I 348 -16.17 -1.74 -37.24
C GLY I 348 -16.24 -0.34 -36.67
N GLY I 349 -17.07 0.52 -37.27
CA GLY I 349 -17.20 1.87 -36.77
C GLY I 349 -18.58 2.47 -36.95
N GLU I 350 -19.54 1.66 -37.38
CA GLU I 350 -20.89 2.13 -37.61
C GLU I 350 -21.85 1.37 -36.69
N PHE I 351 -22.75 2.11 -36.05
CA PHE I 351 -23.74 1.56 -35.14
C PHE I 351 -25.06 1.37 -35.89
N PHE I 352 -25.52 0.12 -35.96
CA PHE I 352 -26.75 -0.23 -36.65
C PHE I 352 -27.92 -0.31 -35.66
N TYR I 353 -29.14 -0.33 -36.22
CA TYR I 353 -30.38 -0.44 -35.47
C TYR I 353 -31.34 -1.18 -36.41
N CYS I 354 -31.36 -2.51 -36.30
CA CYS I 354 -32.18 -3.35 -37.17
C CYS I 354 -33.57 -3.62 -36.60
N ASN I 355 -34.53 -3.74 -37.52
CA ASN I 355 -35.94 -4.00 -37.20
C ASN I 355 -36.15 -5.51 -37.16
N THR I 356 -36.08 -6.08 -35.95
CA THR I 356 -36.25 -7.52 -35.73
C THR I 356 -37.69 -8.01 -35.82
N SER I 357 -38.64 -7.20 -36.31
CA SER I 357 -40.02 -7.65 -36.41
C SER I 357 -40.21 -8.80 -37.40
N GLY I 358 -39.28 -8.97 -38.33
CA GLY I 358 -39.35 -10.04 -39.32
C GLY I 358 -38.93 -11.40 -38.81
N LEU I 359 -38.41 -11.48 -37.58
CA LEU I 359 -37.97 -12.73 -36.98
C LEU I 359 -38.93 -13.25 -35.92
N PHE I 360 -39.42 -12.39 -35.04
CA PHE I 360 -40.34 -12.81 -33.97
C PHE I 360 -41.79 -12.63 -34.43
N ASN I 361 -42.16 -13.41 -35.44
CA ASN I 361 -43.52 -13.36 -35.97
C ASN I 361 -43.83 -14.74 -36.54
N SER I 362 -44.47 -15.59 -35.74
CA SER I 362 -44.87 -16.95 -36.07
C SER I 362 -45.65 -17.53 -34.90
N THR I 363 -46.36 -18.62 -35.18
CA THR I 363 -47.16 -19.34 -34.19
C THR I 363 -46.75 -20.81 -34.19
N TRP I 364 -46.65 -21.39 -33.00
CA TRP I 364 -46.26 -22.78 -32.86
C TRP I 364 -47.34 -23.56 -32.13
N ILE I 365 -47.65 -24.75 -32.66
CA ILE I 365 -48.67 -25.64 -32.10
C ILE I 365 -47.96 -26.95 -31.75
N SER I 366 -48.56 -27.71 -30.84
CA SER I 366 -48.00 -28.99 -30.41
C SER I 366 -47.86 -29.97 -31.57
N ASN I 367 -46.77 -30.72 -31.55
CA ASN I 367 -46.36 -31.74 -32.55
C ASN I 367 -46.60 -31.38 -34.03
N ASN I 379 -34.58 -16.01 -51.42
CA ASN I 379 -35.35 -17.24 -51.39
C ASN I 379 -35.11 -18.06 -50.12
N ASP I 380 -33.86 -18.07 -49.66
CA ASP I 380 -33.46 -18.81 -48.46
C ASP I 380 -32.82 -17.89 -47.42
N SER I 381 -33.20 -16.62 -47.41
CA SER I 381 -32.64 -15.68 -46.45
C SER I 381 -33.67 -14.63 -46.08
N ILE I 382 -33.72 -14.30 -44.79
CA ILE I 382 -34.64 -13.30 -44.27
C ILE I 382 -33.92 -11.95 -44.30
N THR I 383 -34.60 -10.92 -44.79
CA THR I 383 -34.03 -9.59 -44.87
C THR I 383 -34.76 -8.65 -43.92
N LEU I 384 -34.00 -7.90 -43.13
CA LEU I 384 -34.53 -6.95 -42.17
C LEU I 384 -33.76 -5.63 -42.31
N PRO I 385 -34.44 -4.51 -42.48
CA PRO I 385 -33.74 -3.23 -42.65
C PRO I 385 -33.15 -2.74 -41.34
N CYS I 386 -32.12 -1.90 -41.48
CA CYS I 386 -31.44 -1.31 -40.34
C CYS I 386 -31.16 0.17 -40.62
N ARG I 387 -31.29 0.99 -39.57
CA ARG I 387 -31.06 2.43 -39.65
C ARG I 387 -29.76 2.80 -38.96
N ILE I 388 -29.07 3.78 -39.51
CA ILE I 388 -27.79 4.27 -38.98
C ILE I 388 -28.06 5.51 -38.14
N LYS I 389 -27.30 5.67 -37.06
CA LYS I 389 -27.45 6.82 -36.18
C LYS I 389 -26.08 7.24 -35.66
N GLN I 390 -25.83 8.55 -35.63
CA GLN I 390 -24.56 9.09 -35.17
C GLN I 390 -24.59 9.54 -33.71
N ILE I 391 -25.54 10.40 -33.34
CA ILE I 391 -25.64 10.90 -31.97
C ILE I 391 -26.12 9.75 -31.09
N ILE I 392 -25.18 9.04 -30.48
CA ILE I 392 -25.48 7.87 -29.66
C ILE I 392 -24.99 8.09 -28.23
N ASN I 393 -25.89 7.91 -27.27
CA ASN I 393 -25.53 8.01 -25.86
C ASN I 393 -25.57 6.58 -25.33
N MET I 394 -24.39 6.02 -25.09
CA MET I 394 -24.30 4.63 -24.63
C MET I 394 -24.86 4.48 -23.22
N TRP I 395 -25.23 3.25 -22.88
CA TRP I 395 -25.76 2.84 -21.56
C TRP I 395 -27.07 3.61 -21.35
N GLN I 396 -27.38 3.91 -20.09
CA GLN I 396 -28.58 4.66 -19.73
C GLN I 396 -28.20 6.05 -19.26
N ARG I 397 -27.00 6.49 -19.66
CA ARG I 397 -26.42 7.78 -19.27
C ARG I 397 -26.87 8.82 -20.28
N ILE I 398 -27.81 9.68 -19.87
CA ILE I 398 -28.32 10.72 -20.75
C ILE I 398 -27.57 12.04 -20.59
N GLY I 399 -26.83 12.22 -19.48
CA GLY I 399 -26.10 13.46 -19.26
C GLY I 399 -25.01 13.77 -20.27
N GLN I 400 -24.33 12.75 -20.79
CA GLN I 400 -23.26 12.93 -21.77
C GLN I 400 -23.52 12.04 -22.98
N CYS I 401 -22.81 12.30 -24.07
CA CYS I 401 -22.98 11.51 -25.29
C CYS I 401 -21.68 11.47 -26.10
N MET I 402 -21.69 10.66 -27.16
CA MET I 402 -20.56 10.49 -28.06
C MET I 402 -21.05 10.58 -29.51
N TYR I 403 -20.18 11.08 -30.38
CA TYR I 403 -20.45 11.24 -31.81
C TYR I 403 -19.59 10.26 -32.59
N ALA I 404 -20.23 9.36 -33.34
CA ALA I 404 -19.50 8.37 -34.12
C ALA I 404 -19.14 8.97 -35.48
N PRO I 405 -17.87 9.10 -35.82
CA PRO I 405 -17.49 9.67 -37.11
C PRO I 405 -17.80 8.72 -38.25
N PRO I 406 -18.00 9.23 -39.47
CA PRO I 406 -18.29 8.33 -40.60
C PRO I 406 -17.06 7.56 -41.06
N ILE I 407 -17.24 6.27 -41.30
CA ILE I 407 -16.15 5.40 -41.75
C ILE I 407 -16.10 5.43 -43.27
N GLN I 408 -14.91 5.63 -43.83
CA GLN I 408 -14.74 5.67 -45.27
C GLN I 408 -14.75 4.26 -45.85
N GLY I 409 -15.46 4.09 -46.96
CA GLY I 409 -15.54 2.80 -47.62
C GLY I 409 -16.84 2.07 -47.31
N VAL I 410 -16.92 0.85 -47.85
CA VAL I 410 -18.08 -0.01 -47.66
C VAL I 410 -17.85 -0.88 -46.44
N ILE I 411 -18.85 -0.94 -45.56
CA ILE I 411 -18.77 -1.71 -44.32
C ILE I 411 -19.40 -3.08 -44.55
N ARG I 412 -18.68 -4.13 -44.16
CA ARG I 412 -19.15 -5.50 -44.28
C ARG I 412 -18.96 -6.16 -42.91
N CYS I 413 -19.94 -6.96 -42.49
CA CYS I 413 -19.85 -7.59 -41.17
C CYS I 413 -20.53 -8.95 -41.16
N VAL I 414 -19.96 -9.87 -40.40
CA VAL I 414 -20.48 -11.22 -40.23
C VAL I 414 -20.27 -11.63 -38.78
N SER I 415 -21.27 -12.29 -38.18
CA SER I 415 -21.17 -12.69 -36.79
C SER I 415 -22.06 -13.88 -36.51
N ASN I 416 -21.84 -14.49 -35.34
CA ASN I 416 -22.58 -15.64 -34.86
C ASN I 416 -23.52 -15.20 -33.75
N ILE I 417 -24.78 -15.61 -33.83
CA ILE I 417 -25.75 -15.28 -32.78
C ILE I 417 -25.62 -16.32 -31.68
N THR I 418 -25.65 -15.88 -30.43
CA THR I 418 -25.49 -16.77 -29.29
C THR I 418 -26.70 -16.81 -28.35
N GLY I 419 -27.43 -15.70 -28.21
CA GLY I 419 -28.55 -15.74 -27.30
C GLY I 419 -29.58 -14.66 -27.57
N LEU I 420 -30.73 -14.83 -26.91
CA LEU I 420 -31.87 -13.93 -27.02
C LEU I 420 -32.40 -13.58 -25.64
N ILE I 421 -32.63 -12.29 -25.40
CA ILE I 421 -33.17 -11.79 -24.13
C ILE I 421 -34.69 -11.71 -24.26
N LEU I 422 -35.38 -12.80 -23.95
CA LEU I 422 -36.84 -12.85 -24.07
C LEU I 422 -37.51 -12.35 -22.80
N THR I 423 -38.75 -11.88 -22.96
CA THR I 423 -39.54 -11.36 -21.86
C THR I 423 -40.98 -11.83 -22.09
N ARG I 424 -41.70 -12.14 -21.02
CA ARG I 424 -43.06 -12.72 -21.19
C ARG I 424 -44.12 -11.61 -21.12
N ASP I 425 -45.34 -11.91 -21.60
CA ASP I 425 -46.45 -10.93 -21.56
C ASP I 425 -47.52 -11.45 -20.60
N GLY I 426 -48.13 -10.55 -19.80
CA GLY I 426 -49.13 -10.98 -18.82
C GLY I 426 -50.20 -11.87 -19.45
N GLY I 427 -50.52 -13.00 -18.81
CA GLY I 427 -51.51 -13.94 -19.35
C GLY I 427 -52.64 -14.19 -18.37
N SER I 428 -53.85 -14.44 -18.89
CA SER I 428 -55.03 -14.69 -18.01
C SER I 428 -55.23 -16.20 -17.81
N THR I 429 -56.45 -16.62 -17.48
CA THR I 429 -56.74 -18.06 -17.26
C THR I 429 -56.63 -18.81 -18.59
N ASN I 430 -56.50 -18.09 -19.70
CA ASN I 430 -56.41 -18.73 -21.04
C ASN I 430 -55.38 -19.86 -20.97
N SER I 431 -54.29 -19.67 -20.23
CA SER I 431 -53.28 -20.73 -20.05
C SER I 431 -52.87 -21.31 -21.40
N THR I 432 -52.75 -20.46 -22.42
CA THR I 432 -52.33 -20.92 -23.77
C THR I 432 -51.82 -19.71 -24.57
N THR I 433 -51.23 -19.96 -25.74
CA THR I 433 -50.70 -18.86 -26.59
C THR I 433 -49.78 -17.98 -25.74
N GLU I 434 -49.02 -18.58 -24.82
CA GLU I 434 -48.05 -17.80 -24.00
C GLU I 434 -47.24 -16.91 -24.95
N THR I 435 -47.47 -15.60 -24.92
CA THR I 435 -46.79 -14.71 -25.85
C THR I 435 -45.43 -14.31 -25.29
N PHE I 436 -44.39 -14.48 -26.11
CA PHE I 436 -43.03 -14.13 -25.73
C PHE I 436 -42.58 -12.94 -26.57
N ARG I 437 -41.79 -12.07 -25.95
CA ARG I 437 -41.32 -10.86 -26.60
C ARG I 437 -39.88 -10.58 -26.22
N PRO I 438 -39.08 -10.02 -27.13
CA PRO I 438 -37.69 -9.72 -26.79
C PRO I 438 -37.60 -8.40 -26.03
N GLY I 439 -36.42 -8.13 -25.50
CA GLY I 439 -36.20 -6.91 -24.75
C GLY I 439 -34.82 -6.84 -24.13
N GLY I 440 -34.75 -6.45 -22.85
CA GLY I 440 -33.47 -6.37 -22.18
C GLY I 440 -32.64 -5.14 -22.47
N GLY I 441 -33.15 -3.97 -22.09
CA GLY I 441 -32.42 -2.73 -22.33
C GLY I 441 -31.11 -2.65 -21.56
N ASP I 442 -31.06 -3.23 -20.36
CA ASP I 442 -29.87 -3.21 -19.53
C ASP I 442 -28.73 -4.01 -20.19
N MET I 443 -27.51 -3.78 -19.69
CA MET I 443 -26.34 -4.46 -20.22
C MET I 443 -25.85 -5.61 -19.35
N ARG I 444 -26.33 -5.72 -18.11
CA ARG I 444 -25.89 -6.79 -17.22
C ARG I 444 -26.31 -8.16 -17.73
N ASP I 445 -27.42 -8.23 -18.48
CA ASP I 445 -27.91 -9.49 -19.02
C ASP I 445 -26.91 -10.10 -19.99
N ASN I 446 -26.25 -9.25 -20.79
CA ASN I 446 -25.28 -9.73 -21.77
C ASN I 446 -24.10 -10.42 -21.09
N TRP I 447 -23.57 -9.82 -20.03
CA TRP I 447 -22.44 -10.38 -19.30
C TRP I 447 -22.85 -11.54 -18.40
N ARG I 448 -24.11 -11.59 -17.98
CA ARG I 448 -24.57 -12.70 -17.13
C ARG I 448 -24.53 -14.02 -17.87
N SER I 449 -24.68 -14.00 -19.19
CA SER I 449 -24.61 -15.22 -19.98
C SER I 449 -23.19 -15.75 -20.10
N GLU I 450 -22.19 -14.94 -19.76
CA GLU I 450 -20.79 -15.32 -19.81
C GLU I 450 -20.20 -15.60 -18.43
N LEU I 451 -20.72 -14.94 -17.40
CA LEU I 451 -20.23 -15.10 -16.03
C LEU I 451 -21.12 -16.01 -15.18
N TYR I 452 -21.96 -16.84 -15.79
CA TYR I 452 -22.83 -17.71 -15.02
C TYR I 452 -22.09 -18.88 -14.40
N LYS I 453 -20.90 -19.22 -14.90
CA LYS I 453 -20.15 -20.35 -14.38
C LYS I 453 -19.22 -20.03 -13.23
N TYR I 454 -18.82 -18.77 -13.07
CA TYR I 454 -17.85 -18.40 -12.05
C TYR I 454 -18.46 -17.66 -10.86
N LYS I 455 -17.76 -17.77 -9.74
CA LYS I 455 -18.10 -17.14 -8.47
C LYS I 455 -16.80 -16.97 -7.69
N VAL I 456 -16.65 -15.83 -7.02
CA VAL I 456 -15.45 -15.55 -6.25
C VAL I 456 -15.66 -15.96 -4.80
N VAL I 457 -14.62 -16.56 -4.20
CA VAL I 457 -14.65 -17.00 -2.81
C VAL I 457 -13.37 -16.59 -2.11
N LYS I 458 -13.44 -16.55 -0.79
CA LYS I 458 -12.31 -16.18 0.08
C LYS I 458 -11.91 -17.42 0.86
N ILE I 459 -10.62 -17.76 0.82
CA ILE I 459 -10.11 -18.93 1.50
C ILE I 459 -9.68 -18.59 2.92
N GLU I 460 -9.98 -19.50 3.85
CA GLU I 460 -9.64 -19.38 5.26
C GLU I 460 -8.71 -20.54 5.59
N PRO I 461 -7.40 -20.32 5.65
CA PRO I 461 -6.45 -21.40 5.93
C PRO I 461 -6.23 -21.72 7.40
N LEU I 462 -7.04 -21.20 8.32
CA LEU I 462 -6.86 -21.48 9.74
C LEU I 462 -7.97 -22.42 10.19
N GLY I 463 -7.58 -23.61 10.67
CA GLY I 463 -8.52 -24.60 11.12
C GLY I 463 -8.24 -25.07 12.54
N VAL I 464 -9.25 -25.73 13.11
CA VAL I 464 -9.20 -26.26 14.47
C VAL I 464 -9.78 -27.67 14.45
N ALA I 465 -9.13 -28.60 15.16
CA ALA I 465 -9.57 -29.99 15.24
C ALA I 465 -8.91 -30.64 16.44
N PRO I 466 -9.47 -31.74 16.98
CA PRO I 466 -8.84 -32.39 18.12
C PRO I 466 -7.80 -33.42 17.71
N THR I 467 -6.89 -33.71 18.65
CA THR I 467 -5.80 -34.67 18.43
C THR I 467 -5.42 -35.19 19.82
N ARG I 468 -4.68 -36.29 19.87
CA ARG I 468 -4.24 -36.95 21.09
C ARG I 468 -2.94 -36.39 21.66
N CYS I 469 -2.33 -35.38 21.04
CA CYS I 469 -1.08 -34.83 21.55
C CYS I 469 -1.36 -33.76 22.60
N LYS I 470 -0.52 -33.72 23.64
CA LYS I 470 -0.66 -32.79 24.75
C LYS I 470 0.38 -31.66 24.80
N ARG I 471 1.42 -31.71 23.93
CA ARG I 471 2.53 -30.75 23.81
C ARG I 471 3.52 -30.96 24.95
N ARG I 472 4.82 -30.84 24.68
CA ARG I 472 5.83 -31.03 25.70
C ARG I 472 5.79 -29.90 26.74
N VAL I 473 6.56 -30.09 27.81
CA VAL I 473 6.65 -29.12 28.89
C VAL I 473 8.10 -28.70 29.08
N VAL I 474 8.33 -27.39 29.15
CA VAL I 474 9.67 -26.85 29.32
C VAL I 474 9.68 -25.88 30.50
N ALA J 1 5.14 -38.88 -11.49
CA ALA J 1 4.15 -39.63 -12.26
C ALA J 1 3.09 -40.21 -11.34
N VAL J 2 1.84 -40.22 -11.81
CA VAL J 2 0.75 -40.76 -11.02
C VAL J 2 0.89 -42.28 -10.87
N GLY J 3 0.37 -42.80 -9.78
CA GLY J 3 0.44 -44.23 -9.55
C GLY J 3 -0.42 -44.64 -8.37
N ILE J 4 -0.20 -45.87 -7.91
CA ILE J 4 -0.97 -46.40 -6.79
C ILE J 4 -0.48 -45.86 -5.45
N GLY J 5 0.64 -45.15 -5.44
CA GLY J 5 1.18 -44.58 -4.21
C GLY J 5 0.50 -43.27 -3.84
N ALA J 6 1.30 -42.25 -3.55
CA ALA J 6 0.76 -40.96 -3.17
C ALA J 6 0.40 -40.13 -4.38
N VAL J 7 -0.56 -39.23 -4.20
CA VAL J 7 -1.01 -38.32 -5.25
C VAL J 7 -0.66 -36.90 -4.84
N PHE J 8 -0.59 -36.01 -5.84
CA PHE J 8 -0.19 -34.63 -5.57
C PHE J 8 -1.37 -33.66 -5.47
N LEU J 9 -2.40 -33.85 -6.28
CA LEU J 9 -3.58 -32.97 -6.37
C LEU J 9 -3.18 -31.55 -6.75
N GLY J 10 -4.05 -30.58 -6.54
CA GLY J 10 -3.67 -29.21 -6.86
C GLY J 10 -3.90 -28.24 -5.73
N PHE J 11 -4.04 -26.96 -6.06
CA PHE J 11 -4.34 -25.94 -5.06
C PHE J 11 -5.80 -26.14 -4.66
N LEU J 12 -6.01 -26.52 -3.39
CA LEU J 12 -7.31 -26.80 -2.77
C LEU J 12 -7.95 -28.06 -3.36
N GLY J 13 -7.15 -28.91 -3.99
CA GLY J 13 -7.61 -30.19 -4.50
C GLY J 13 -7.99 -31.20 -3.43
N ALA J 14 -7.49 -31.03 -2.21
CA ALA J 14 -7.80 -31.94 -1.13
C ALA J 14 -9.06 -31.56 -0.36
N ALA J 15 -9.86 -30.62 -0.89
CA ALA J 15 -11.09 -30.21 -0.23
C ALA J 15 -12.08 -31.36 -0.11
N GLY J 16 -12.15 -32.21 -1.14
CA GLY J 16 -13.05 -33.34 -1.10
C GLY J 16 -12.55 -34.53 -0.32
N SER J 17 -11.25 -34.56 -0.03
CA SER J 17 -10.64 -35.65 0.72
C SER J 17 -10.94 -35.49 2.20
N THR J 18 -10.69 -36.57 2.95
CA THR J 18 -10.92 -36.55 4.38
C THR J 18 -9.92 -35.63 5.07
N MET J 19 -10.21 -35.33 6.35
CA MET J 19 -9.34 -34.45 7.12
C MET J 19 -7.95 -35.05 7.31
N GLY J 20 -7.88 -36.36 7.54
CA GLY J 20 -6.61 -37.03 7.72
C GLY J 20 -5.71 -36.93 6.51
N ALA J 21 -6.27 -37.16 5.32
CA ALA J 21 -5.48 -37.05 4.10
C ALA J 21 -5.23 -35.60 3.71
N ALA J 22 -6.17 -34.70 3.99
CA ALA J 22 -5.98 -33.29 3.65
C ALA J 22 -4.93 -32.64 4.54
N SER J 23 -4.70 -33.17 5.74
CA SER J 23 -3.71 -32.59 6.64
C SER J 23 -2.28 -32.75 6.15
N MET J 24 -2.04 -33.61 5.16
CA MET J 24 -0.69 -33.80 4.64
C MET J 24 -0.31 -32.76 3.59
N THR J 25 -1.28 -32.01 3.08
CA THR J 25 -1.07 -30.99 2.06
C THR J 25 -1.28 -29.58 2.61
N LEU J 26 -0.82 -29.31 3.83
CA LEU J 26 -1.01 -27.99 4.41
C LEU J 26 -0.02 -26.96 3.88
N THR J 27 1.08 -27.41 3.27
CA THR J 27 2.09 -26.47 2.77
C THR J 27 1.66 -25.78 1.48
N VAL J 28 0.94 -26.49 0.59
CA VAL J 28 0.52 -25.90 -0.68
C VAL J 28 -0.46 -24.75 -0.48
N GLN J 29 -1.38 -24.85 0.49
CA GLN J 29 -2.31 -23.76 0.73
C GLN J 29 -1.62 -22.56 1.37
N ALA J 30 -0.72 -22.83 2.33
CA ALA J 30 -0.03 -21.75 3.03
C ALA J 30 1.00 -21.03 2.16
N ARG J 31 1.58 -21.70 1.17
CA ARG J 31 2.58 -21.09 0.33
C ARG J 31 2.02 -20.30 -0.85
N ASN J 32 0.69 -20.27 -1.01
CA ASN J 32 0.08 -19.54 -2.12
C ASN J 32 -0.73 -18.35 -1.63
N LEU J 33 -0.50 -17.91 -0.39
CA LEU J 33 -1.22 -16.78 0.17
C LEU J 33 -0.61 -15.44 -0.20
N LEU J 34 0.56 -15.43 -0.84
CA LEU J 34 1.21 -14.18 -1.22
C LEU J 34 1.42 -14.11 -2.73
N LEU J 57 -5.27 6.05 -15.64
CA LEU J 57 -5.49 4.70 -15.08
C LEU J 57 -5.06 4.67 -13.61
N THR J 58 -4.84 5.84 -13.02
CA THR J 58 -4.40 5.93 -11.60
C THR J 58 -5.42 5.19 -10.72
N VAL J 59 -6.71 5.32 -11.05
CA VAL J 59 -7.77 4.62 -10.27
C VAL J 59 -7.46 3.12 -10.26
N TRP J 60 -7.04 2.57 -11.42
CA TRP J 60 -6.67 1.14 -11.49
C TRP J 60 -5.51 0.87 -10.53
N GLY J 61 -4.49 1.72 -10.52
CA GLY J 61 -3.40 1.54 -9.59
C GLY J 61 -3.90 1.44 -8.16
N ILE J 62 -4.90 2.27 -7.83
CA ILE J 62 -5.50 2.24 -6.50
C ILE J 62 -6.18 0.90 -6.28
N LYS J 63 -6.89 0.41 -7.30
CA LYS J 63 -7.58 -0.88 -7.21
C LYS J 63 -6.61 -2.04 -6.95
N GLN J 64 -5.48 -2.03 -7.67
CA GLN J 64 -4.49 -3.09 -7.50
C GLN J 64 -3.81 -2.99 -6.14
N LEU J 65 -3.44 -1.78 -5.73
CA LEU J 65 -2.79 -1.61 -4.43
C LEU J 65 -3.74 -2.01 -3.30
N GLN J 66 -5.04 -1.71 -3.46
CA GLN J 66 -6.02 -2.09 -2.44
C GLN J 66 -6.08 -3.60 -2.30
N ALA J 67 -6.08 -4.32 -3.44
CA ALA J 67 -6.12 -5.78 -3.39
C ALA J 67 -4.85 -6.34 -2.74
N ARG J 68 -3.69 -5.79 -3.10
CA ARG J 68 -2.41 -6.25 -2.54
C ARG J 68 -2.35 -6.01 -1.04
N VAL J 69 -2.74 -4.81 -0.59
CA VAL J 69 -2.73 -4.49 0.83
C VAL J 69 -3.73 -5.35 1.59
N LEU J 70 -4.87 -5.67 0.96
CA LEU J 70 -5.86 -6.53 1.61
C LEU J 70 -5.29 -7.93 1.84
N ALA J 71 -4.61 -8.47 0.82
CA ALA J 71 -4.00 -9.79 0.95
C ALA J 71 -2.92 -9.79 2.03
N VAL J 72 -2.08 -8.74 2.04
CA VAL J 72 -1.01 -8.63 3.04
C VAL J 72 -1.60 -8.54 4.45
N GLU J 73 -2.65 -7.74 4.62
CA GLU J 73 -3.29 -7.59 5.93
C GLU J 73 -3.90 -8.90 6.40
N ARG J 74 -4.56 -9.65 5.49
CA ARG J 74 -5.15 -10.93 5.87
C ARG J 74 -4.07 -11.92 6.31
N TYR J 75 -2.96 -11.98 5.57
CA TYR J 75 -1.87 -12.88 5.92
C TYR J 75 -1.26 -12.49 7.26
N LEU J 76 -1.04 -11.18 7.48
CA LEU J 76 -0.47 -10.72 8.73
C LEU J 76 -1.42 -10.97 9.89
N ARG J 77 -2.74 -10.95 9.62
CA ARG J 77 -3.72 -11.21 10.65
C ARG J 77 -3.61 -12.65 11.13
N ASP J 78 -3.53 -13.59 10.17
CA ASP J 78 -3.38 -15.00 10.51
C ASP J 78 -2.05 -15.25 11.23
N GLN J 79 -0.98 -14.59 10.75
CA GLN J 79 0.33 -14.74 11.38
C GLN J 79 0.32 -14.19 12.80
N GLN J 80 -0.38 -13.07 13.03
CA GLN J 80 -0.48 -12.49 14.36
C GLN J 80 -1.22 -13.43 15.30
N LEU J 81 -2.33 -14.03 14.81
CA LEU J 81 -3.10 -14.97 15.61
C LEU J 81 -2.23 -16.16 16.01
N LEU J 82 -1.42 -16.66 15.08
CA LEU J 82 -0.52 -17.76 15.40
C LEU J 82 0.59 -17.30 16.34
N GLY J 83 1.00 -16.04 16.22
CA GLY J 83 2.06 -15.50 17.06
C GLY J 83 1.64 -15.37 18.52
N ILE J 84 0.38 -14.99 18.77
CA ILE J 84 -0.12 -14.86 20.14
C ILE J 84 -0.04 -16.21 20.84
N TRP J 85 -0.32 -17.29 20.12
CA TRP J 85 -0.24 -18.63 20.67
C TRP J 85 1.21 -19.11 20.59
N GLY J 86 1.44 -20.35 20.98
CA GLY J 86 2.78 -20.91 20.95
C GLY J 86 3.11 -21.61 19.65
N CYS J 87 2.62 -21.09 18.53
CA CYS J 87 2.82 -21.65 17.20
C CYS J 87 3.20 -20.57 16.21
N SER J 88 4.17 -19.74 16.60
CA SER J 88 4.62 -18.64 15.75
C SER J 88 5.30 -19.08 14.46
N GLY J 89 5.82 -20.31 14.41
CA GLY J 89 6.50 -20.74 13.20
C GLY J 89 6.31 -22.17 12.72
N LYS J 90 5.15 -22.77 12.96
CA LYS J 90 4.92 -24.14 12.51
C LYS J 90 3.46 -24.32 12.12
N LEU J 91 3.23 -25.20 11.15
CA LEU J 91 1.89 -25.48 10.65
C LEU J 91 1.09 -26.37 11.59
N ILE J 92 1.73 -27.34 12.23
CA ILE J 92 1.07 -28.26 13.14
C ILE J 92 1.70 -28.09 14.52
N CYS J 93 0.88 -27.76 15.50
CA CYS J 93 1.34 -27.56 16.88
C CYS J 93 0.27 -28.01 17.86
N CYS J 94 0.71 -28.55 18.99
CA CYS J 94 -0.21 -29.01 20.02
C CYS J 94 -0.40 -27.92 21.06
N THR J 95 -1.43 -28.08 21.90
CA THR J 95 -1.76 -27.12 22.96
C THR J 95 -2.06 -27.88 24.24
N ASN J 96 -2.27 -27.14 25.33
CA ASN J 96 -2.54 -27.78 26.62
C ASN J 96 -4.00 -27.82 27.06
N VAL J 97 -4.86 -26.95 26.54
CA VAL J 97 -6.28 -26.99 26.93
C VAL J 97 -6.95 -28.25 26.40
N PRO J 98 -7.70 -28.99 27.21
CA PRO J 98 -8.40 -30.17 26.71
C PRO J 98 -9.66 -29.78 25.94
N TRP J 99 -10.18 -30.75 25.19
CA TRP J 99 -11.37 -30.55 24.39
C TRP J 99 -12.60 -31.01 25.16
N ASN J 100 -13.50 -30.08 25.43
CA ASN J 100 -14.75 -30.38 26.12
C ASN J 100 -15.66 -31.13 25.16
N SER J 101 -16.23 -32.25 25.63
CA SER J 101 -17.09 -33.10 24.81
C SER J 101 -18.31 -32.36 24.24
N SER J 102 -18.89 -31.40 24.98
CA SER J 102 -20.08 -30.66 24.52
C SER J 102 -19.88 -30.00 23.17
N TRP J 103 -18.64 -29.59 22.83
CA TRP J 103 -18.36 -28.93 21.57
C TRP J 103 -18.62 -29.84 20.36
N SER J 104 -18.49 -31.15 20.52
CA SER J 104 -18.65 -32.01 19.35
C SER J 104 -19.20 -33.40 19.63
N ASN J 105 -18.84 -34.02 20.77
CA ASN J 105 -19.22 -35.36 21.27
C ASN J 105 -19.20 -36.41 20.15
N ARG J 106 -18.14 -36.37 19.35
CA ARG J 106 -17.95 -37.22 18.19
C ARG J 106 -16.62 -37.97 18.29
N ASN J 107 -16.58 -39.17 17.71
CA ASN J 107 -15.39 -40.02 17.75
C ASN J 107 -14.22 -39.39 17.01
N LEU J 108 -13.00 -39.72 17.45
CA LEU J 108 -11.80 -39.20 16.81
C LEU J 108 -11.63 -39.82 15.43
N SER J 109 -11.79 -41.14 15.34
CA SER J 109 -11.64 -41.86 14.07
C SER J 109 -12.68 -41.45 13.04
N GLU J 110 -13.89 -41.12 13.48
CA GLU J 110 -14.92 -40.73 12.51
C GLU J 110 -14.69 -39.32 11.99
N ILE J 111 -14.03 -38.45 12.75
CA ILE J 111 -13.80 -37.09 12.27
C ILE J 111 -12.71 -37.07 11.21
N TRP J 112 -11.59 -37.75 11.49
CA TRP J 112 -10.48 -37.73 10.55
C TRP J 112 -10.69 -38.64 9.35
N ASP J 113 -11.31 -39.80 9.52
CA ASP J 113 -11.50 -40.73 8.41
C ASP J 113 -12.88 -40.76 7.78
N ASN J 114 -13.85 -39.96 8.26
CA ASN J 114 -15.20 -39.98 7.68
C ASN J 114 -15.79 -38.58 7.59
N MET J 115 -14.96 -37.55 7.40
CA MET J 115 -15.45 -36.19 7.30
C MET J 115 -14.40 -35.34 6.60
N THR J 116 -14.84 -34.20 6.09
CA THR J 116 -13.99 -33.25 5.39
C THR J 116 -13.91 -31.95 6.17
N TRP J 117 -12.93 -31.13 5.80
CA TRP J 117 -12.71 -29.85 6.47
C TRP J 117 -13.89 -28.90 6.33
N LEU J 118 -14.57 -28.89 5.18
CA LEU J 118 -15.71 -28.00 4.98
C LEU J 118 -16.85 -28.29 5.95
N GLN J 119 -17.18 -29.58 6.15
CA GLN J 119 -18.25 -29.92 7.07
C GLN J 119 -17.83 -29.69 8.51
N TRP J 120 -16.57 -30.00 8.85
CA TRP J 120 -16.12 -29.80 10.21
C TRP J 120 -16.11 -28.32 10.54
N ASP J 121 -15.66 -27.49 9.59
CA ASP J 121 -15.63 -26.04 9.79
C ASP J 121 -17.05 -25.52 9.95
N LYS J 122 -18.00 -26.12 9.24
CA LYS J 122 -19.40 -25.68 9.34
C LYS J 122 -19.95 -25.99 10.72
N GLU J 123 -19.58 -27.14 11.28
CA GLU J 123 -20.07 -27.55 12.59
C GLU J 123 -19.40 -26.81 13.75
N ILE J 124 -18.09 -26.56 13.67
CA ILE J 124 -17.37 -25.91 14.76
C ILE J 124 -17.39 -24.37 14.65
N SER J 125 -18.02 -23.82 13.60
CA SER J 125 -18.07 -22.37 13.41
C SER J 125 -18.78 -21.64 14.56
N ASN J 126 -19.70 -22.30 15.26
CA ASN J 126 -20.41 -21.65 16.34
C ASN J 126 -19.60 -21.57 17.64
N TYR J 127 -18.42 -22.20 17.70
CA TYR J 127 -17.59 -22.20 18.90
C TYR J 127 -16.13 -21.83 18.63
N THR J 128 -15.84 -21.10 17.54
CA THR J 128 -14.45 -20.76 17.24
C THR J 128 -13.90 -19.68 18.17
N GLN J 129 -14.72 -18.67 18.50
CA GLN J 129 -14.28 -17.59 19.38
C GLN J 129 -13.91 -18.09 20.77
N ILE J 130 -14.70 -19.00 21.33
CA ILE J 130 -14.42 -19.54 22.66
C ILE J 130 -13.09 -20.29 22.66
N ILE J 131 -12.85 -21.11 21.63
CA ILE J 131 -11.60 -21.86 21.54
C ILE J 131 -10.41 -20.92 21.40
N TYR J 132 -10.56 -19.87 20.57
CA TYR J 132 -9.48 -18.89 20.39
C TYR J 132 -9.15 -18.18 21.70
N GLY J 133 -10.18 -17.76 22.44
CA GLY J 133 -9.95 -17.10 23.71
C GLY J 133 -9.27 -18.01 24.72
N LEU J 134 -9.72 -19.26 24.78
CA LEU J 134 -9.12 -20.23 25.71
C LEU J 134 -7.65 -20.49 25.36
N LEU J 135 -7.34 -20.61 24.07
CA LEU J 135 -5.97 -20.85 23.62
C LEU J 135 -5.07 -19.68 23.99
N GLU J 136 -5.57 -18.45 23.74
CA GLU J 136 -4.80 -17.24 24.03
C GLU J 136 -4.52 -17.12 25.52
N GLU J 137 -5.55 -17.32 26.36
CA GLU J 137 -5.38 -17.23 27.81
C GLU J 137 -4.43 -18.30 28.33
N SER J 138 -4.55 -19.53 27.80
CA SER J 138 -3.69 -20.63 28.23
C SER J 138 -2.24 -20.35 27.87
N GLN J 139 -1.99 -19.82 26.68
CA GLN J 139 -0.62 -19.52 26.28
C GLN J 139 -0.04 -18.41 27.15
N ASN J 140 -0.85 -17.40 27.48
CA ASN J 140 -0.37 -16.30 28.33
C ASN J 140 0.00 -16.81 29.72
N GLN J 141 -0.83 -17.71 30.27
CA GLN J 141 -0.55 -18.28 31.58
C GLN J 141 0.69 -19.16 31.53
N GLN J 142 0.83 -19.93 30.43
CA GLN J 142 2.00 -20.79 30.28
C GLN J 142 3.28 -19.95 30.20
N GLU J 143 3.20 -18.79 29.53
CA GLU J 143 4.37 -17.91 29.43
C GLU J 143 4.76 -17.39 30.81
N LYS J 144 3.77 -17.00 31.61
CA LYS J 144 4.07 -16.53 32.96
C LYS J 144 4.69 -17.64 33.80
N ASN J 145 4.14 -18.86 33.71
CA ASN J 145 4.69 -19.98 34.47
C ASN J 145 6.12 -20.34 34.05
N GLU J 146 6.39 -20.37 32.74
CA GLU J 146 7.74 -20.69 32.27
C GLU J 146 8.73 -19.63 32.71
N GLN J 147 8.35 -18.34 32.62
CA GLN J 147 9.25 -17.27 33.03
C GLN J 147 9.53 -17.35 34.53
N ASP J 148 8.50 -17.63 35.34
CA ASP J 148 8.69 -17.75 36.79
C ASP J 148 9.62 -18.91 37.12
N LEU J 149 9.43 -20.05 36.45
CA LEU J 149 10.29 -21.21 36.68
C LEU J 149 11.74 -20.94 36.24
N LEU J 150 11.90 -20.30 35.07
CA LEU J 150 13.21 -19.97 34.54
C LEU J 150 13.96 -18.97 35.42
N ALA J 151 13.22 -18.12 36.15
CA ALA J 151 13.83 -17.12 37.03
C ALA J 151 14.68 -17.75 38.13
N LEU J 152 14.36 -19.00 38.52
CA LEU J 152 15.13 -19.69 39.56
C LEU J 152 16.56 -19.94 39.11
N ASP J 153 16.75 -20.38 37.87
CA ASP J 153 18.08 -20.66 37.32
C ASP J 153 18.88 -19.37 37.12
N GLN K 1 26.72 -42.94 -6.62
CA GLN K 1 25.40 -42.67 -7.19
C GLN K 1 24.62 -44.01 -7.28
N VAL K 2 23.42 -44.02 -7.86
CA VAL K 2 22.63 -45.25 -7.92
C VAL K 2 23.03 -46.12 -9.10
N GLN K 3 23.27 -47.40 -8.85
CA GLN K 3 23.64 -48.34 -9.92
C GLN K 3 22.64 -49.48 -9.95
N LEU K 4 22.14 -49.80 -11.14
CA LEU K 4 21.20 -50.89 -11.32
C LEU K 4 21.82 -51.92 -12.27
N GLN K 5 21.70 -53.19 -11.91
CA GLN K 5 22.28 -54.25 -12.75
C GLN K 5 21.27 -55.40 -12.85
N GLU K 6 21.27 -56.07 -14.00
CA GLU K 6 20.38 -57.19 -14.26
C GLU K 6 21.13 -58.51 -14.03
N SER K 7 20.36 -59.61 -14.04
CA SER K 7 20.89 -60.95 -13.86
C SER K 7 19.81 -61.94 -14.26
N GLY K 8 20.22 -62.97 -14.99
CA GLY K 8 19.32 -64.00 -15.46
C GLY K 8 19.90 -64.81 -16.58
N PRO K 9 19.17 -65.82 -17.06
CA PRO K 9 19.69 -66.65 -18.15
C PRO K 9 19.66 -65.91 -19.47
N GLY K 10 20.69 -66.14 -20.28
CA GLY K 10 20.79 -65.49 -21.58
C GLY K 10 19.91 -66.09 -22.66
N LEU K 11 19.46 -67.34 -22.47
CA LEU K 11 18.62 -68.01 -23.44
C LEU K 11 17.58 -68.83 -22.68
N VAL K 12 16.34 -68.78 -23.14
CA VAL K 12 15.24 -69.51 -22.52
C VAL K 12 14.46 -70.26 -23.59
N LYS K 13 14.11 -71.52 -23.29
CA LYS K 13 13.36 -72.35 -24.21
C LYS K 13 11.89 -71.89 -24.22
N PRO K 14 11.11 -72.25 -25.24
CA PRO K 14 9.70 -71.83 -25.25
C PRO K 14 8.82 -72.62 -24.28
N SER K 15 7.88 -71.90 -23.66
CA SER K 15 6.82 -72.26 -22.70
C SER K 15 7.19 -72.41 -21.21
N GLU K 16 8.46 -72.33 -20.80
CA GLU K 16 8.73 -72.45 -19.38
C GLU K 16 8.76 -71.03 -18.78
N THR K 17 8.97 -70.96 -17.47
CA THR K 17 8.99 -69.67 -16.80
C THR K 17 10.37 -69.05 -16.92
N LEU K 18 10.37 -67.75 -17.22
CA LEU K 18 11.56 -66.92 -17.40
C LEU K 18 11.69 -66.00 -16.19
N SER K 19 12.84 -66.05 -15.52
CA SER K 19 13.11 -65.26 -14.32
C SER K 19 14.25 -64.29 -14.52
N LEU K 20 13.99 -63.01 -14.18
CA LEU K 20 14.96 -61.93 -14.27
C LEU K 20 15.03 -61.27 -12.90
N THR K 21 16.26 -61.07 -12.40
CA THR K 21 16.51 -60.47 -11.10
C THR K 21 17.38 -59.23 -11.29
N CYS K 22 16.89 -58.09 -10.81
CA CYS K 22 17.60 -56.82 -10.91
C CYS K 22 18.06 -56.38 -9.53
N GLY K 23 19.36 -56.15 -9.38
CA GLY K 23 19.93 -55.70 -8.13
C GLY K 23 20.12 -54.20 -8.16
N VAL K 24 19.73 -53.54 -7.08
CA VAL K 24 19.85 -52.09 -6.94
C VAL K 24 20.84 -51.76 -5.84
N SER K 25 21.78 -50.86 -6.14
CA SER K 25 22.79 -50.44 -5.21
C SER K 25 22.89 -48.92 -5.22
N GLY K 26 23.38 -48.36 -4.12
CA GLY K 26 23.53 -46.93 -3.98
C GLY K 26 22.32 -46.21 -3.40
N ASP K 27 21.18 -46.89 -3.25
CA ASP K 27 19.99 -46.27 -2.70
C ASP K 27 19.06 -47.38 -2.20
N SER K 28 18.22 -47.03 -1.23
CA SER K 28 17.29 -48.00 -0.66
C SER K 28 16.13 -48.27 -1.61
N ILE K 29 15.81 -49.56 -1.79
CA ILE K 29 14.71 -49.99 -2.66
C ILE K 29 13.37 -49.49 -2.13
N THR K 30 13.27 -49.24 -0.82
CA THR K 30 12.06 -48.78 -0.15
C THR K 30 12.01 -47.25 0.01
N ARG K 31 12.50 -46.49 -0.98
CA ARG K 31 12.48 -45.03 -0.90
C ARG K 31 11.04 -44.54 -0.75
N ASN K 32 10.89 -43.44 0.00
CA ASN K 32 9.56 -42.90 0.32
C ASN K 32 8.63 -42.61 -0.86
N TYR K 33 9.12 -41.98 -1.93
CA TYR K 33 8.22 -41.64 -3.04
C TYR K 33 8.81 -41.98 -4.40
N TYR K 34 9.26 -43.22 -4.63
CA TYR K 34 9.83 -43.56 -5.94
C TYR K 34 9.32 -44.92 -6.38
N TYR K 35 9.25 -45.12 -7.70
CA TYR K 35 8.79 -46.35 -8.35
C TYR K 35 9.90 -47.03 -9.14
N TRP K 36 9.71 -48.33 -9.37
CA TRP K 36 10.65 -49.17 -10.12
C TRP K 36 9.90 -49.93 -11.21
N HIS K 37 10.29 -49.72 -12.47
CA HIS K 37 9.65 -50.38 -13.60
C HIS K 37 10.58 -51.37 -14.28
N TRP K 38 9.97 -52.20 -15.12
CA TRP K 38 10.61 -53.22 -15.95
C TRP K 38 10.14 -52.96 -17.37
N ILE K 39 11.02 -52.40 -18.20
CA ILE K 39 10.68 -52.06 -19.58
C ILE K 39 11.60 -52.85 -20.51
N ARG K 40 11.03 -53.34 -21.61
CA ARG K 40 11.74 -54.10 -22.62
C ARG K 40 11.68 -53.35 -23.95
N GLN K 41 12.57 -53.75 -24.87
CA GLN K 41 12.63 -53.12 -26.18
C GLN K 41 13.18 -54.09 -27.20
N SER K 42 12.47 -54.26 -28.30
CA SER K 42 12.83 -55.12 -29.40
C SER K 42 13.25 -54.24 -30.59
N PRO K 43 13.93 -54.82 -31.61
CA PRO K 43 14.35 -53.99 -32.76
C PRO K 43 13.21 -53.39 -33.56
N GLY K 44 13.17 -52.05 -33.59
CA GLY K 44 12.20 -51.28 -34.35
C GLY K 44 10.83 -51.09 -33.73
N LYS K 45 10.39 -51.98 -32.83
CA LYS K 45 9.06 -51.82 -32.25
C LYS K 45 9.03 -50.78 -31.14
N GLY K 46 10.18 -50.40 -30.58
CA GLY K 46 10.19 -49.40 -29.53
C GLY K 46 10.06 -50.01 -28.14
N LEU K 47 10.01 -49.13 -27.16
CA LEU K 47 9.91 -49.56 -25.76
C LEU K 47 8.45 -49.83 -25.40
N GLU K 48 8.28 -50.66 -24.37
CA GLU K 48 6.96 -51.03 -23.87
C GLU K 48 7.09 -51.46 -22.42
N GLY K 49 6.20 -50.95 -21.57
CA GLY K 49 6.22 -51.27 -20.15
C GLY K 49 5.48 -52.56 -19.85
N LEU K 50 6.02 -53.33 -18.91
CA LEU K 50 5.44 -54.60 -18.48
C LEU K 50 4.65 -54.48 -17.19
N GLY K 51 5.26 -53.90 -16.15
CA GLY K 51 4.61 -53.73 -14.87
C GLY K 51 5.53 -52.99 -13.94
N TYR K 52 5.03 -52.69 -12.75
CA TYR K 52 5.85 -51.98 -11.78
C TYR K 52 5.43 -52.33 -10.37
N ILE K 53 6.34 -52.08 -9.44
CA ILE K 53 6.12 -52.33 -8.02
C ILE K 53 6.37 -51.03 -7.27
N ALA K 54 5.39 -50.63 -6.46
CA ALA K 54 5.47 -49.41 -5.69
C ALA K 54 6.20 -49.64 -4.37
N TYR K 55 6.57 -48.53 -3.72
CA TYR K 55 7.26 -48.59 -2.44
C TYR K 55 6.41 -49.24 -1.35
N THR K 56 5.07 -49.13 -1.46
CA THR K 56 4.18 -49.73 -0.48
C THR K 56 4.10 -51.25 -0.60
N GLY K 57 4.66 -51.83 -1.66
CA GLY K 57 4.63 -53.25 -1.90
C GLY K 57 3.62 -53.67 -2.94
N GLY K 58 2.69 -52.78 -3.31
CA GLY K 58 1.71 -53.10 -4.32
C GLY K 58 2.31 -53.19 -5.70
N THR K 59 1.59 -53.86 -6.60
CA THR K 59 2.05 -54.05 -7.96
C THR K 59 0.90 -53.79 -8.93
N ASP K 60 1.27 -53.38 -10.14
CA ASP K 60 0.31 -53.10 -11.20
C ASP K 60 0.99 -53.50 -12.50
N TYR K 61 0.24 -54.19 -13.36
CA TYR K 61 0.76 -54.66 -14.64
C TYR K 61 -0.09 -54.18 -15.80
N SER K 62 0.53 -54.17 -16.98
CA SER K 62 -0.15 -53.75 -18.20
C SER K 62 -1.26 -54.74 -18.53
N PRO K 63 -2.35 -54.28 -19.17
CA PRO K 63 -3.46 -55.20 -19.49
C PRO K 63 -3.10 -56.37 -20.39
N SER K 64 -2.11 -56.24 -21.25
CA SER K 64 -1.71 -57.31 -22.16
C SER K 64 -0.80 -58.35 -21.51
N PHE K 65 -0.41 -58.18 -20.24
CA PHE K 65 0.47 -59.14 -19.57
C PHE K 65 0.01 -59.55 -18.17
N LYS K 66 -1.23 -59.23 -17.75
CA LYS K 66 -1.70 -59.56 -16.41
C LYS K 66 -1.62 -61.05 -16.10
N SER K 67 -1.97 -61.90 -17.06
CA SER K 67 -1.94 -63.34 -16.82
C SER K 67 -0.57 -63.96 -17.07
N ARG K 68 0.45 -63.16 -17.39
CA ARG K 68 1.78 -63.71 -17.67
C ARG K 68 2.91 -63.14 -16.82
N VAL K 69 2.84 -61.88 -16.39
CA VAL K 69 3.94 -61.28 -15.62
C VAL K 69 3.60 -61.34 -14.13
N THR K 70 4.65 -61.33 -13.30
CA THR K 70 4.54 -61.36 -11.84
C THR K 70 5.83 -60.75 -11.30
N ILE K 71 5.71 -59.81 -10.37
CA ILE K 71 6.86 -59.12 -9.80
C ILE K 71 6.86 -59.33 -8.28
N SER K 72 8.06 -59.56 -7.73
CA SER K 72 8.25 -59.77 -6.30
C SER K 72 9.39 -58.88 -5.82
N ARG K 73 9.47 -58.69 -4.51
CA ARG K 73 10.51 -57.85 -3.92
C ARG K 73 11.12 -58.54 -2.71
N ASP K 74 12.32 -58.08 -2.36
CA ASP K 74 13.05 -58.63 -1.22
C ASP K 74 13.91 -57.49 -0.66
N THR K 75 13.43 -56.84 0.40
CA THR K 75 14.16 -55.73 1.00
C THR K 75 15.41 -56.18 1.76
N SER K 76 15.45 -57.45 2.20
CA SER K 76 16.60 -57.97 2.95
C SER K 76 17.87 -57.95 2.12
N LYS K 77 17.78 -58.23 0.82
CA LYS K 77 18.93 -58.24 -0.07
C LYS K 77 19.00 -57.04 -1.00
N ASN K 78 18.02 -56.12 -0.93
CA ASN K 78 17.95 -54.90 -1.75
C ASN K 78 17.89 -55.25 -3.24
N GLN K 79 16.81 -55.92 -3.63
CA GLN K 79 16.62 -56.33 -5.02
C GLN K 79 15.15 -56.67 -5.25
N PHE K 80 14.80 -56.79 -6.51
CA PHE K 80 13.46 -57.13 -6.96
C PHE K 80 13.58 -58.00 -8.20
N SER K 81 12.63 -58.93 -8.35
CA SER K 81 12.64 -59.87 -9.47
C SER K 81 11.30 -59.91 -10.19
N LEU K 82 11.35 -60.42 -11.41
CA LEU K 82 10.21 -60.57 -12.29
C LEU K 82 10.13 -62.01 -12.79
N LYS K 83 8.91 -62.55 -12.79
CA LYS K 83 8.65 -63.91 -13.25
C LYS K 83 7.70 -63.83 -14.43
N LEU K 84 8.09 -64.42 -15.55
CA LEU K 84 7.28 -64.42 -16.77
C LEU K 84 7.01 -65.86 -17.16
N THR K 85 5.74 -66.24 -17.23
CA THR K 85 5.35 -67.59 -17.60
C THR K 85 4.85 -67.64 -19.04
N SER K 86 5.05 -68.81 -19.67
CA SER K 86 4.64 -69.09 -21.06
C SER K 86 5.26 -68.10 -22.04
N VAL K 87 6.59 -68.10 -22.10
CA VAL K 87 7.32 -67.21 -22.99
C VAL K 87 7.26 -67.78 -24.41
N THR K 88 7.24 -66.91 -25.41
CA THR K 88 7.18 -67.27 -26.82
C THR K 88 8.32 -66.59 -27.55
N VAL K 89 8.44 -66.90 -28.86
CA VAL K 89 9.49 -66.31 -29.69
C VAL K 89 9.29 -64.81 -29.84
N ALA K 90 8.04 -64.34 -29.86
CA ALA K 90 7.74 -62.92 -30.00
C ALA K 90 8.24 -62.08 -28.83
N ASP K 91 8.55 -62.70 -27.69
CA ASP K 91 9.03 -61.97 -26.52
C ASP K 91 10.53 -61.68 -26.58
N THR K 92 11.21 -62.04 -27.67
CA THR K 92 12.64 -61.80 -27.83
C THR K 92 12.93 -60.30 -27.85
N ALA K 93 13.59 -59.80 -26.80
CA ALA K 93 13.91 -58.39 -26.65
C ALA K 93 14.85 -58.21 -25.46
N VAL K 94 15.50 -57.06 -25.42
CA VAL K 94 16.41 -56.71 -24.34
C VAL K 94 15.60 -56.05 -23.22
N TYR K 95 15.69 -56.63 -22.02
CA TYR K 95 14.96 -56.17 -20.85
C TYR K 95 15.78 -55.23 -19.98
N PHE K 96 15.14 -54.15 -19.54
CA PHE K 96 15.76 -53.13 -18.70
C PHE K 96 14.96 -52.94 -17.42
N CYS K 97 15.66 -52.71 -16.32
CA CYS K 97 15.05 -52.44 -15.02
C CYS K 97 15.45 -50.99 -14.70
N ALA K 98 14.48 -50.09 -14.81
CA ALA K 98 14.76 -48.67 -14.61
C ALA K 98 14.09 -48.12 -13.35
N ARG K 99 14.44 -46.87 -12.98
CA ARG K 99 13.78 -46.23 -11.82
C ARG K 99 13.11 -44.92 -12.28
N GLU K 100 11.92 -44.61 -11.73
CA GLU K 100 11.18 -43.38 -12.16
C GLU K 100 10.82 -42.54 -10.93
N ARG K 101 10.34 -41.30 -11.14
CA ARG K 101 10.04 -40.38 -10.01
C ARG K 101 8.52 -40.28 -9.81
N GLY K 102 8.05 -40.66 -8.62
CA GLY K 102 6.61 -40.62 -8.32
C GLY K 102 6.19 -39.29 -7.71
N ASP K 103 5.00 -38.80 -8.05
CA ASP K 103 4.53 -37.48 -7.52
C ASP K 103 4.39 -37.57 -6.00
N SER K 104 4.94 -36.60 -5.28
CA SER K 104 4.78 -36.56 -3.80
C SER K 104 3.53 -35.74 -3.47
N TYR K 105 3.18 -35.63 -2.18
CA TYR K 105 2.04 -34.79 -1.81
C TYR K 105 2.34 -33.31 -2.08
N ILE K 106 3.53 -32.86 -1.69
CA ILE K 106 3.96 -31.46 -1.80
C ILE K 106 4.22 -31.03 -3.25
N TYR K 107 4.90 -31.86 -4.03
CA TYR K 107 5.28 -31.53 -5.41
C TYR K 107 5.04 -32.70 -6.35
N SER K 108 5.27 -32.42 -7.64
CA SER K 108 5.12 -33.42 -8.69
C SER K 108 6.40 -33.53 -9.50
N TYR K 109 6.97 -34.74 -9.53
CA TYR K 109 8.20 -35.02 -10.25
C TYR K 109 7.93 -36.13 -11.26
N ASP K 110 8.32 -35.93 -12.52
CA ASP K 110 8.06 -36.94 -13.52
C ASP K 110 9.36 -37.30 -14.24
N GLY K 111 9.40 -38.51 -14.80
CA GLY K 111 10.57 -38.96 -15.55
C GLY K 111 11.28 -40.20 -15.06
N VAL K 112 11.94 -40.91 -15.97
CA VAL K 112 12.77 -42.06 -15.61
C VAL K 112 14.19 -41.51 -15.44
N ASP K 113 14.73 -41.59 -14.23
CA ASP K 113 16.06 -41.05 -13.98
C ASP K 113 17.18 -41.90 -14.55
N PHE K 114 17.25 -43.17 -14.17
CA PHE K 114 18.31 -44.08 -14.58
C PHE K 114 17.74 -45.36 -15.16
N TRP K 115 18.60 -46.05 -15.91
CA TRP K 115 18.29 -47.31 -16.57
C TRP K 115 19.42 -48.30 -16.31
N GLY K 116 19.19 -49.55 -16.70
CA GLY K 116 20.15 -50.60 -16.53
C GLY K 116 20.90 -50.94 -17.81
N GLN K 117 21.85 -51.87 -17.68
CA GLN K 117 22.65 -52.29 -18.83
C GLN K 117 21.79 -52.96 -19.90
N GLY K 118 20.89 -53.85 -19.50
CA GLY K 118 20.03 -54.51 -20.46
C GLY K 118 20.41 -55.95 -20.75
N LEU K 119 19.67 -56.92 -20.23
CA LEU K 119 19.95 -58.33 -20.47
C LEU K 119 19.18 -58.74 -21.72
N LEU K 120 19.89 -59.16 -22.76
CA LEU K 120 19.29 -59.57 -24.03
C LEU K 120 18.80 -61.01 -23.90
N VAL K 121 17.49 -61.18 -23.72
CA VAL K 121 16.87 -62.49 -23.58
C VAL K 121 16.54 -63.03 -24.97
N THR K 122 17.14 -64.18 -25.31
CA THR K 122 16.92 -64.83 -26.60
C THR K 122 16.03 -66.05 -26.41
N VAL K 123 14.97 -66.13 -27.21
CA VAL K 123 14.02 -67.24 -27.17
C VAL K 123 14.19 -68.05 -28.44
N SER K 124 14.54 -69.32 -28.29
CA SER K 124 14.74 -70.20 -29.44
C SER K 124 14.39 -71.63 -29.06
N SER K 125 14.06 -72.41 -30.08
CA SER K 125 13.70 -73.82 -29.88
C SER K 125 14.75 -74.74 -30.51
N ASP L 1 -5.10 -46.71 -24.70
CA ASP L 1 -3.67 -46.47 -24.69
C ASP L 1 -3.32 -45.17 -25.40
N ALA L 2 -2.42 -44.38 -24.79
CA ALA L 2 -1.99 -43.11 -25.35
C ALA L 2 -0.82 -43.38 -26.30
N VAL L 3 -1.14 -43.57 -27.58
CA VAL L 3 -0.12 -43.85 -28.59
C VAL L 3 0.60 -42.56 -29.00
N LEU L 4 1.86 -42.44 -28.61
CA LEU L 4 2.65 -41.26 -28.97
C LEU L 4 3.24 -41.46 -30.36
N THR L 5 3.07 -40.45 -31.22
CA THR L 5 3.56 -40.52 -32.59
C THR L 5 4.47 -39.32 -32.85
N GLN L 6 5.71 -39.60 -33.25
CA GLN L 6 6.69 -38.57 -33.56
C GLN L 6 6.69 -38.27 -35.05
N SER L 7 7.31 -37.15 -35.41
CA SER L 7 7.43 -36.70 -36.79
C SER L 7 8.51 -35.62 -36.87
N PRO L 8 9.45 -35.68 -37.82
CA PRO L 8 9.66 -36.68 -38.89
C PRO L 8 10.29 -37.98 -38.37
N LEU L 9 10.16 -39.07 -39.13
CA LEU L 9 10.73 -40.35 -38.71
C LEU L 9 12.26 -40.30 -38.71
N SER L 10 12.86 -39.56 -39.63
CA SER L 10 14.30 -39.43 -39.72
C SER L 10 14.64 -37.95 -39.75
N LEU L 11 15.90 -37.64 -39.46
CA LEU L 11 16.31 -36.24 -39.45
C LEU L 11 17.82 -36.11 -39.66
N PRO L 12 18.30 -36.19 -40.90
CA PRO L 12 19.75 -36.06 -41.13
C PRO L 12 20.20 -34.61 -40.97
N ILE L 13 21.07 -34.37 -39.99
CA ILE L 13 21.56 -33.03 -39.69
C ILE L 13 23.06 -33.10 -39.47
N THR L 14 23.78 -32.06 -39.93
CA THR L 14 25.22 -31.90 -39.81
C THR L 14 25.49 -30.82 -38.76
N PRO L 15 26.68 -30.80 -38.15
CA PRO L 15 26.97 -29.76 -37.14
C PRO L 15 27.05 -28.36 -37.75
N GLY L 16 26.29 -27.43 -37.16
CA GLY L 16 26.24 -26.05 -37.61
C GLY L 16 24.86 -25.54 -37.99
N GLU L 17 23.83 -26.37 -38.00
CA GLU L 17 22.48 -25.95 -38.33
C GLU L 17 21.54 -26.48 -37.24
N PRO L 18 20.41 -25.82 -37.00
CA PRO L 18 19.51 -26.31 -35.94
C PRO L 18 18.70 -27.52 -36.38
N ALA L 19 17.95 -28.06 -35.41
CA ALA L 19 17.11 -29.22 -35.63
C ALA L 19 15.91 -29.14 -34.71
N SER L 20 14.85 -29.88 -35.08
CA SER L 20 13.62 -29.90 -34.29
C SER L 20 12.89 -31.20 -34.54
N ILE L 21 12.14 -31.64 -33.53
CA ILE L 21 11.36 -32.87 -33.54
C ILE L 21 10.00 -32.54 -32.92
N SER L 22 8.94 -33.14 -33.47
CA SER L 22 7.59 -32.94 -32.98
C SER L 22 7.02 -34.27 -32.50
N CYS L 23 6.24 -34.21 -31.42
CA CYS L 23 5.62 -35.40 -30.84
C CYS L 23 4.17 -35.12 -30.51
N ARG L 24 3.26 -35.85 -31.15
CA ARG L 24 1.83 -35.72 -30.96
C ARG L 24 1.33 -36.86 -30.06
N SER L 25 0.27 -36.59 -29.30
CA SER L 25 -0.32 -37.57 -28.40
C SER L 25 -1.80 -37.72 -28.72
N SER L 26 -2.26 -38.97 -28.75
CA SER L 26 -3.66 -39.25 -29.05
C SER L 26 -4.58 -38.70 -27.96
N GLN L 27 -4.22 -38.90 -26.70
CA GLN L 27 -4.99 -38.44 -25.56
C GLN L 27 -4.30 -37.25 -24.93
N SER L 28 -5.09 -36.35 -24.33
CA SER L 28 -4.53 -35.18 -23.67
C SER L 28 -3.73 -35.59 -22.44
N LEU L 29 -2.56 -35.00 -22.28
CA LEU L 29 -1.67 -35.30 -21.16
C LEU L 29 -1.84 -34.33 -20.00
N LEU L 30 -2.86 -33.48 -20.04
CA LEU L 30 -3.09 -32.54 -18.94
C LEU L 30 -3.86 -33.26 -17.85
N HIS L 31 -3.18 -33.61 -16.76
CA HIS L 31 -3.78 -34.31 -15.65
C HIS L 31 -4.81 -33.43 -14.94
N THR L 32 -5.72 -34.09 -14.22
CA THR L 32 -6.80 -33.46 -13.46
C THR L 32 -6.27 -32.42 -12.47
N ASN L 33 -5.05 -32.61 -11.95
CA ASN L 33 -4.49 -31.65 -11.00
C ASN L 33 -3.84 -30.44 -11.66
N GLY L 34 -3.81 -30.37 -12.99
CA GLY L 34 -3.21 -29.25 -13.68
C GLY L 34 -1.73 -29.35 -13.95
N GLU L 35 -1.20 -30.56 -14.10
CA GLU L 35 0.23 -30.76 -14.35
C GLU L 35 0.43 -31.70 -15.53
N THR L 36 1.38 -31.36 -16.38
CA THR L 36 1.73 -32.16 -17.54
C THR L 36 2.73 -33.23 -17.14
N TYR L 37 2.72 -34.35 -17.85
CA TYR L 37 3.62 -35.47 -17.52
C TYR L 37 4.30 -36.03 -18.76
N LEU L 38 4.90 -35.16 -19.58
CA LEU L 38 5.63 -35.60 -20.77
C LEU L 38 7.12 -35.45 -20.52
N ASN L 39 7.89 -36.42 -21.02
CA ASN L 39 9.34 -36.43 -20.85
C ASN L 39 10.01 -36.78 -22.19
N TRP L 40 11.25 -36.33 -22.34
CA TRP L 40 12.03 -36.58 -23.54
C TRP L 40 13.23 -37.43 -23.16
N TYR L 41 13.63 -38.35 -24.05
CA TYR L 41 14.75 -39.23 -23.78
C TYR L 41 15.66 -39.31 -25.00
N GLN L 42 16.89 -39.74 -24.75
CA GLN L 42 17.92 -39.91 -25.75
C GLN L 42 18.53 -41.30 -25.56
N GLN L 43 18.77 -42.01 -26.66
CA GLN L 43 19.35 -43.35 -26.59
C GLN L 43 20.37 -43.50 -27.70
N LYS L 44 21.65 -43.61 -27.31
CA LYS L 44 22.74 -43.77 -28.27
C LYS L 44 22.77 -45.20 -28.78
N THR L 45 23.57 -45.42 -29.83
CA THR L 45 23.73 -46.73 -30.44
C THR L 45 24.29 -47.76 -29.48
N GLY L 46 23.47 -48.73 -29.08
CA GLY L 46 23.91 -49.76 -28.16
C GLY L 46 24.11 -49.32 -26.73
N GLN L 47 23.52 -48.20 -26.33
CA GLN L 47 23.65 -47.67 -24.98
C GLN L 47 22.28 -47.53 -24.33
N ARG L 48 22.29 -47.46 -23.00
CA ARG L 48 21.06 -47.28 -22.23
C ARG L 48 20.45 -45.93 -22.53
N PRO L 49 19.13 -45.79 -22.48
CA PRO L 49 18.54 -44.47 -22.74
C PRO L 49 18.76 -43.52 -21.58
N ARG L 50 18.76 -42.23 -21.89
CA ARG L 50 18.99 -41.19 -20.89
C ARG L 50 17.96 -40.07 -21.05
N LEU L 51 17.54 -39.52 -19.91
CA LEU L 51 16.56 -38.44 -19.90
C LEU L 51 17.25 -37.11 -20.16
N LEU L 52 16.61 -36.27 -21.00
CA LEU L 52 17.14 -34.96 -21.32
C LEU L 52 16.29 -33.85 -20.71
N ILE L 53 14.99 -33.83 -21.01
CA ILE L 53 14.06 -32.82 -20.50
C ILE L 53 12.92 -33.55 -19.81
N SER L 54 12.49 -33.01 -18.67
CA SER L 54 11.40 -33.58 -17.88
C SER L 54 10.34 -32.52 -17.61
N GLN L 55 9.08 -32.96 -17.50
CA GLN L 55 7.93 -32.10 -17.23
C GLN L 55 7.78 -30.99 -18.26
N VAL L 56 7.93 -31.37 -19.54
CA VAL L 56 7.81 -30.57 -20.75
C VAL L 56 8.97 -29.60 -20.95
N SER L 57 9.34 -28.82 -19.91
CA SER L 57 10.43 -27.88 -20.12
C SER L 57 11.44 -27.75 -18.98
N LYS L 58 11.44 -28.65 -18.00
CA LYS L 58 12.40 -28.57 -16.90
C LYS L 58 13.62 -29.40 -17.29
N ARG L 59 14.75 -28.73 -17.49
CA ARG L 59 15.97 -29.42 -17.88
C ARG L 59 16.51 -30.30 -16.74
N GLU L 60 17.06 -31.45 -17.12
CA GLU L 60 17.61 -32.40 -16.16
C GLU L 60 19.07 -32.04 -15.88
N ILE L 61 19.54 -32.43 -14.69
CA ILE L 61 20.92 -32.16 -14.28
C ILE L 61 21.89 -32.87 -15.22
N GLY L 62 22.96 -32.16 -15.60
CA GLY L 62 23.98 -32.67 -16.48
C GLY L 62 23.66 -32.55 -17.96
N VAL L 63 22.46 -32.08 -18.31
CA VAL L 63 22.06 -31.90 -19.71
C VAL L 63 22.46 -30.50 -20.14
N PRO L 64 23.22 -30.35 -21.24
CA PRO L 64 23.62 -29.02 -21.69
C PRO L 64 22.43 -28.15 -22.09
N ASP L 65 22.67 -26.84 -22.14
CA ASP L 65 21.65 -25.87 -22.50
C ASP L 65 21.24 -25.94 -23.97
N ARG L 66 21.98 -26.70 -24.79
CA ARG L 66 21.69 -26.83 -26.21
C ARG L 66 20.30 -27.41 -26.49
N PHE L 67 19.75 -28.19 -25.56
CA PHE L 67 18.43 -28.77 -25.73
C PHE L 67 17.34 -27.85 -25.18
N SER L 68 16.16 -27.92 -25.77
CA SER L 68 15.04 -27.09 -25.35
C SER L 68 13.73 -27.74 -25.80
N ALA L 69 12.65 -27.38 -25.13
CA ALA L 69 11.33 -27.90 -25.45
C ALA L 69 10.28 -26.94 -24.93
N SER L 70 9.06 -27.12 -25.44
CA SER L 70 7.89 -26.30 -25.09
C SER L 70 6.66 -26.96 -25.70
N GLY L 71 5.52 -26.69 -25.09
CA GLY L 71 4.27 -27.24 -25.56
C GLY L 71 3.28 -27.36 -24.41
N ALA L 72 2.08 -27.82 -24.76
CA ALA L 72 0.98 -28.02 -23.83
C ALA L 72 -0.13 -28.77 -24.57
N GLY L 73 -1.08 -29.28 -23.79
CA GLY L 73 -2.19 -30.03 -24.34
C GLY L 73 -1.78 -31.33 -24.97
N SER L 74 -1.87 -31.40 -26.30
CA SER L 74 -1.51 -32.60 -27.04
C SER L 74 -0.37 -32.38 -28.03
N ASP L 75 0.06 -31.15 -28.24
CA ASP L 75 1.14 -30.82 -29.18
C ASP L 75 2.38 -30.39 -28.39
N PHE L 76 3.48 -31.09 -28.59
CA PHE L 76 4.75 -30.82 -27.95
C PHE L 76 5.86 -30.94 -28.98
N THR L 77 6.95 -30.21 -28.76
CA THR L 77 8.08 -30.20 -29.68
C THR L 77 9.39 -30.11 -28.93
N LEU L 78 10.42 -30.72 -29.53
CA LEU L 78 11.79 -30.72 -29.00
C LEU L 78 12.65 -29.96 -29.99
N LYS L 79 13.25 -28.86 -29.54
CA LYS L 79 14.10 -28.04 -30.40
C LYS L 79 15.51 -28.01 -29.82
N ILE L 80 16.50 -28.26 -30.67
CA ILE L 80 17.89 -28.26 -30.26
C ILE L 80 18.53 -27.01 -30.84
N SER L 81 18.92 -26.09 -29.95
CA SER L 81 19.55 -24.82 -30.37
C SER L 81 20.90 -25.04 -31.03
N ARG L 82 21.64 -26.08 -30.63
CA ARG L 82 22.95 -26.35 -31.21
C ARG L 82 23.20 -27.85 -31.14
N VAL L 83 23.54 -28.45 -32.28
CA VAL L 83 23.80 -29.88 -32.36
C VAL L 83 25.26 -30.13 -32.76
N GLU L 84 25.85 -31.16 -32.16
CA GLU L 84 27.23 -31.54 -32.40
C GLU L 84 27.27 -32.97 -32.97
N ALA L 85 28.48 -33.41 -33.34
CA ALA L 85 28.70 -34.73 -33.92
C ALA L 85 28.40 -35.89 -32.96
N GLU L 86 28.38 -35.66 -31.65
CA GLU L 86 28.12 -36.74 -30.70
C GLU L 86 26.65 -36.87 -30.31
N ASP L 87 25.75 -36.17 -31.00
CA ASP L 87 24.32 -36.22 -30.70
C ASP L 87 23.59 -37.28 -31.51
N VAL L 88 24.28 -38.32 -31.96
CA VAL L 88 23.65 -39.39 -32.73
C VAL L 88 22.83 -40.26 -31.79
N GLY L 89 21.90 -41.02 -32.35
CA GLY L 89 21.05 -41.90 -31.58
C GLY L 89 19.58 -41.56 -31.72
N LEU L 90 18.76 -42.35 -31.04
CA LEU L 90 17.32 -42.19 -31.07
C LEU L 90 16.85 -41.19 -30.03
N TYR L 91 15.61 -40.72 -30.22
CA TYR L 91 14.97 -39.76 -29.32
C TYR L 91 13.54 -40.22 -29.10
N PHE L 92 13.12 -40.32 -27.85
CA PHE L 92 11.79 -40.79 -27.50
C PHE L 92 11.03 -39.77 -26.66
N CYS L 93 9.72 -39.75 -26.83
CA CYS L 93 8.82 -38.89 -26.07
C CYS L 93 7.87 -39.83 -25.34
N GLY L 94 7.86 -39.75 -24.02
CA GLY L 94 7.03 -40.62 -23.20
C GLY L 94 6.20 -39.87 -22.19
N GLN L 95 5.01 -40.42 -21.94
CA GLN L 95 4.06 -39.88 -20.99
C GLN L 95 4.07 -40.71 -19.72
N GLY L 96 3.82 -40.05 -18.60
CA GLY L 96 3.80 -40.72 -17.31
C GLY L 96 2.49 -40.47 -16.60
N LEU L 97 1.41 -40.45 -17.37
CA LEU L 97 0.07 -40.20 -16.84
C LEU L 97 -0.87 -41.38 -17.04
N HIS L 98 -0.97 -41.90 -18.26
CA HIS L 98 -1.88 -42.99 -18.55
C HIS L 98 -1.14 -44.32 -18.51
N TRP L 99 -1.68 -45.27 -17.76
CA TRP L 99 -1.13 -46.61 -17.63
C TRP L 99 -1.82 -47.54 -18.61
N PRO L 100 -1.09 -48.35 -19.39
CA PRO L 100 0.36 -48.58 -19.50
C PRO L 100 1.14 -47.41 -20.13
N ARG L 101 2.39 -47.25 -19.72
CA ARG L 101 3.24 -46.19 -20.26
C ARG L 101 3.61 -46.52 -21.70
N THR L 102 3.76 -45.48 -22.52
CA THR L 102 4.10 -45.67 -23.92
C THR L 102 5.15 -44.64 -24.34
N PHE L 103 5.87 -44.99 -25.40
CA PHE L 103 6.91 -44.14 -25.98
C PHE L 103 6.76 -44.14 -27.49
N GLY L 104 7.29 -43.09 -28.12
CA GLY L 104 7.22 -42.98 -29.56
C GLY L 104 8.04 -44.04 -30.26
N GLN L 105 7.79 -44.16 -31.58
CA GLN L 105 8.51 -45.16 -32.37
C GLN L 105 10.00 -44.85 -32.50
N GLY L 106 10.42 -43.61 -32.26
CA GLY L 106 11.83 -43.26 -32.35
C GLY L 106 12.30 -42.56 -33.61
N THR L 107 12.77 -41.32 -33.45
CA THR L 107 13.28 -40.51 -34.54
C THR L 107 14.79 -40.68 -34.62
N ARG L 108 15.28 -41.13 -35.77
CA ARG L 108 16.70 -41.35 -35.95
C ARG L 108 17.39 -40.08 -36.40
N VAL L 109 18.60 -39.84 -35.86
CA VAL L 109 19.40 -38.68 -36.19
C VAL L 109 20.77 -39.18 -36.64
N ASP L 110 21.23 -38.67 -37.79
CA ASP L 110 22.52 -39.06 -38.35
C ASP L 110 23.07 -37.92 -39.17
N ILE L 111 24.32 -38.07 -39.62
CA ILE L 111 24.95 -37.04 -40.43
C ILE L 111 24.38 -37.12 -41.84
N LYS L 112 24.20 -35.96 -42.47
CA LYS L 112 23.65 -35.92 -43.82
C LYS L 112 24.72 -36.26 -44.86
#